data_3VAZ
#
_entry.id   3VAZ
#
_cell.length_a   155.389
_cell.length_b   155.389
_cell.length_c   317.849
_cell.angle_alpha   90.00
_cell.angle_beta   90.00
_cell.angle_gamma   120.00
#
_symmetry.space_group_name_H-M   'P 62 2 2'
#
loop_
_entity.id
_entity.type
_entity.pdbx_description
1 polymer 'Glyceraldehyde-3-phosphate dehydrogenase 1'
2 non-polymer NICOTINAMIDE-ADENINE-DINUCLEOTIDE
3 non-polymer 'PHOSPHATE ION'
4 non-polymer '(2R)-2,3-DIHYDROXYPROPANOIC ACID'
5 water water
#
_entity_poly.entity_id   1
_entity_poly.type   'polypeptide(L)'
_entity_poly.pdbx_seq_one_letter_code
;HHHHHHGSMAVKVAINGFGRIGRLAFRRIQEVEGLEVVAVNDLTDDDMLAHLLKYDTMQGRFTGEVEVVDGGFRVNGKEV
KSFSEPDASKLPWKDLNIDVVLECTGFYTDKDKAQAHIEAGAKKVLISAPATGDLKTIVFNTNHQELDGSETVVSGASCT
TNSLAPVAKVLNDDFGLVEGLMTTIHAYTGDQNTQDAPHRKGDKRRARAAAENIIPNSTGAAKAIGKVIPEIDGKLDGGA
QRVPVATGSLTELTVVLEKQDVTVEQVNEAMKNASNESFGYTEDEIVSSDVVGMTYGSLFDATQTRVMSVGDRQLVKVAA
WYDNEMSYTAQLVRTLAYLAELSK
;
_entity_poly.pdbx_strand_id   P,R,O,Q,B,A
#
loop_
_chem_comp.id
_chem_comp.type
_chem_comp.name
_chem_comp.formula
DGY non-polymer '(2R)-2,3-DIHYDROXYPROPANOIC ACID' 'C3 H6 O4'
NAD non-polymer NICOTINAMIDE-ADENINE-DINUCLEOTIDE 'C21 H27 N7 O14 P2'
PO4 non-polymer 'PHOSPHATE ION' 'O4 P -3'
#
# COMPACT_ATOMS: atom_id res chain seq x y z
N MET A 9 -9.24 -13.38 -27.92
CA MET A 9 -8.80 -14.71 -27.38
C MET A 9 -8.81 -14.76 -25.85
N ALA A 10 -7.73 -14.28 -25.22
CA ALA A 10 -7.64 -14.24 -23.76
C ALA A 10 -8.59 -13.21 -23.17
N VAL A 11 -9.16 -13.52 -22.00
CA VAL A 11 -10.09 -12.63 -21.32
C VAL A 11 -9.32 -11.49 -20.64
N LYS A 12 -9.72 -10.26 -20.95
CA LYS A 12 -9.02 -9.07 -20.47
C LYS A 12 -9.51 -8.60 -19.10
N VAL A 13 -8.62 -8.73 -18.13
CA VAL A 13 -8.91 -8.42 -16.73
C VAL A 13 -8.13 -7.19 -16.28
N ALA A 14 -8.83 -6.26 -15.63
CA ALA A 14 -8.20 -5.13 -14.97
C ALA A 14 -8.39 -5.27 -13.47
N ILE A 15 -7.31 -5.13 -12.71
CA ILE A 15 -7.39 -5.18 -11.26
C ILE A 15 -7.40 -3.76 -10.70
N ASN A 16 -8.55 -3.35 -10.18
CA ASN A 16 -8.67 -2.05 -9.51
C ASN A 16 -8.31 -2.21 -8.04
N GLY A 17 -7.27 -1.49 -7.61
CA GLY A 17 -6.75 -1.63 -6.25
C GLY A 17 -5.75 -2.76 -6.19
N PHE A 18 -4.47 -2.41 -6.34
CA PHE A 18 -3.38 -3.38 -6.43
C PHE A 18 -2.75 -3.65 -5.06
N GLY A 19 -3.60 -3.85 -4.05
CA GLY A 19 -3.16 -4.14 -2.69
C GLY A 19 -2.96 -5.62 -2.45
N ARG A 20 -3.33 -6.07 -1.25
CA ARG A 20 -3.12 -7.47 -0.85
C ARG A 20 -3.85 -8.48 -1.74
N ILE A 21 -5.14 -8.24 -1.99
CA ILE A 21 -5.93 -9.13 -2.85
C ILE A 21 -5.62 -8.89 -4.33
N GLY A 22 -5.45 -7.63 -4.72
CA GLY A 22 -5.09 -7.27 -6.09
C GLY A 22 -3.78 -7.88 -6.54
N ARG A 23 -2.75 -7.75 -5.71
CA ARG A 23 -1.43 -8.32 -5.98
C ARG A 23 -1.44 -9.85 -5.99
N LEU A 24 -2.24 -10.44 -5.12
CA LEU A 24 -2.36 -11.90 -5.06
C LEU A 24 -3.26 -12.43 -6.16
N ALA A 25 -4.28 -11.65 -6.52
CA ALA A 25 -5.11 -11.96 -7.68
C ALA A 25 -4.24 -11.95 -8.93
N PHE A 26 -3.25 -11.06 -8.95
CA PHE A 26 -2.29 -11.00 -10.04
C PHE A 26 -1.41 -12.25 -10.12
N ARG A 27 -0.80 -12.62 -8.99
CA ARG A 27 0.07 -13.80 -8.92
C ARG A 27 -0.64 -15.09 -9.31
N ARG A 28 -1.93 -15.16 -9.01
CA ARG A 28 -2.76 -16.33 -9.27
C ARG A 28 -3.11 -16.48 -10.76
N ILE A 29 -3.32 -15.35 -11.44
CA ILE A 29 -3.77 -15.34 -12.83
C ILE A 29 -2.66 -15.66 -13.84
N GLN A 30 -1.40 -15.56 -13.40
CA GLN A 30 -0.25 -15.95 -14.21
C GLN A 30 -0.38 -17.41 -14.66
N GLU A 31 -0.79 -18.26 -13.72
CA GLU A 31 -0.98 -19.69 -13.98
C GLU A 31 -2.43 -20.07 -14.27
N VAL A 32 -3.12 -19.22 -15.02
CA VAL A 32 -4.47 -19.52 -15.52
C VAL A 32 -4.54 -19.21 -17.02
N GLU A 33 -4.88 -20.24 -17.81
CA GLU A 33 -4.96 -20.12 -19.26
C GLU A 33 -6.21 -19.36 -19.71
N GLY A 34 -6.03 -18.46 -20.67
CA GLY A 34 -7.15 -17.66 -21.22
C GLY A 34 -7.68 -16.62 -20.25
N LEU A 35 -6.78 -16.06 -19.43
CA LEU A 35 -7.12 -15.03 -18.48
C LEU A 35 -5.89 -14.14 -18.30
N GLU A 36 -6.00 -12.88 -18.71
CA GLU A 36 -4.84 -12.01 -18.80
C GLU A 36 -5.08 -10.64 -18.16
N VAL A 37 -4.21 -10.29 -17.23
CA VAL A 37 -4.26 -8.97 -16.58
C VAL A 37 -3.53 -7.95 -17.46
N VAL A 38 -4.30 -7.08 -18.11
CA VAL A 38 -3.75 -6.09 -19.03
C VAL A 38 -3.60 -4.72 -18.37
N ALA A 39 -4.41 -4.47 -17.34
CA ALA A 39 -4.43 -3.18 -16.66
C ALA A 39 -4.47 -3.34 -15.14
N VAL A 40 -3.87 -2.37 -14.45
CA VAL A 40 -3.82 -2.32 -12.99
C VAL A 40 -3.95 -0.87 -12.55
N ASN A 41 -4.86 -0.60 -11.62
CA ASN A 41 -5.07 0.76 -11.12
C ASN A 41 -4.91 0.85 -9.59
N ASP A 42 -4.30 1.94 -9.13
CA ASP A 42 -4.11 2.17 -7.70
C ASP A 42 -4.00 3.66 -7.38
N LEU A 43 -3.40 4.01 -6.24
CA LEU A 43 -3.22 5.40 -5.82
C LEU A 43 -1.74 5.75 -5.69
N THR A 44 -0.89 4.93 -6.29
CA THR A 44 0.56 5.10 -6.26
C THR A 44 1.17 4.87 -7.64
N ASP A 45 2.46 5.12 -7.78
CA ASP A 45 3.14 4.94 -9.07
C ASP A 45 3.59 3.51 -9.33
N ASP A 46 4.06 3.24 -10.55
CA ASP A 46 4.48 1.91 -10.98
C ASP A 46 5.59 1.34 -10.11
N ASP A 47 6.48 2.23 -9.66
CA ASP A 47 7.67 1.86 -8.89
C ASP A 47 7.32 1.15 -7.59
N MET A 48 6.31 1.64 -6.88
CA MET A 48 5.83 1.04 -5.65
C MET A 48 5.10 -0.28 -5.92
N LEU A 49 4.31 -0.29 -6.99
CA LEU A 49 3.54 -1.47 -7.40
C LEU A 49 4.44 -2.64 -7.78
N ALA A 50 5.39 -2.38 -8.68
CA ALA A 50 6.35 -3.38 -9.12
C ALA A 50 7.09 -4.02 -7.95
N HIS A 51 7.44 -3.18 -6.97
CA HIS A 51 8.17 -3.60 -5.77
C HIS A 51 7.32 -4.43 -4.82
N LEU A 52 6.11 -3.95 -4.52
CA LEU A 52 5.19 -4.66 -3.62
C LEU A 52 4.70 -5.97 -4.22
N LEU A 53 4.79 -6.10 -5.54
CA LEU A 53 4.51 -7.35 -6.23
C LEU A 53 5.71 -8.30 -6.09
N LYS A 54 6.92 -7.77 -6.26
CA LYS A 54 8.16 -8.53 -6.13
C LYS A 54 8.31 -9.12 -4.72
N TYR A 55 8.04 -8.30 -3.72
CA TYR A 55 8.27 -8.67 -2.33
C TYR A 55 7.00 -8.68 -1.49
N ASP A 56 6.82 -9.76 -0.75
CA ASP A 56 5.64 -9.96 0.09
C ASP A 56 6.07 -10.51 1.43
N THR A 57 5.75 -9.79 2.51
CA THR A 57 6.13 -10.17 3.86
C THR A 57 5.67 -11.58 4.23
N MET A 58 4.38 -11.84 4.04
CA MET A 58 3.80 -13.13 4.41
C MET A 58 3.85 -14.19 3.31
N GLN A 59 3.71 -13.76 2.05
CA GLN A 59 3.53 -14.70 0.95
C GLN A 59 4.82 -15.10 0.21
N GLY A 60 5.83 -14.23 0.23
CA GLY A 60 7.16 -14.54 -0.32
C GLY A 60 7.45 -13.99 -1.71
N ARG A 61 8.74 -13.91 -2.05
CA ARG A 61 9.21 -13.40 -3.34
C ARG A 61 8.39 -13.94 -4.52
N PHE A 62 7.96 -13.03 -5.39
CA PHE A 62 7.24 -13.40 -6.62
C PHE A 62 8.14 -14.29 -7.48
N THR A 63 7.60 -15.45 -7.85
CA THR A 63 8.37 -16.48 -8.55
C THR A 63 9.00 -15.99 -9.86
N GLY A 64 8.22 -15.28 -10.66
CA GLY A 64 8.70 -14.77 -11.94
C GLY A 64 9.59 -13.54 -11.80
N GLU A 65 9.66 -12.74 -12.85
CA GLU A 65 10.50 -11.55 -12.85
C GLU A 65 9.71 -10.28 -13.16
N VAL A 66 9.49 -9.48 -12.12
CA VAL A 66 8.84 -8.17 -12.27
C VAL A 66 9.90 -7.13 -12.64
N GLU A 67 9.66 -6.45 -13.76
CA GLU A 67 10.55 -5.40 -14.24
C GLU A 67 9.72 -4.21 -14.67
N VAL A 68 10.14 -3.00 -14.29
CA VAL A 68 9.37 -1.79 -14.54
C VAL A 68 9.75 -1.11 -15.86
N VAL A 69 8.73 -0.78 -16.66
CA VAL A 69 8.90 -0.10 -17.94
C VAL A 69 8.03 1.17 -18.00
N ASP A 70 7.94 1.77 -19.19
CA ASP A 70 7.14 2.98 -19.40
C ASP A 70 5.64 2.70 -19.29
N GLY A 71 4.93 3.57 -18.59
CA GLY A 71 3.48 3.44 -18.41
C GLY A 71 3.12 2.48 -17.29
N GLY A 72 3.39 1.19 -17.52
CA GLY A 72 3.16 0.16 -16.52
C GLY A 72 4.42 -0.57 -16.15
N PHE A 73 4.37 -1.90 -16.23
CA PHE A 73 5.52 -2.76 -15.91
C PHE A 73 5.38 -4.12 -16.57
N ARG A 74 6.52 -4.74 -16.86
CA ARG A 74 6.55 -6.04 -17.52
C ARG A 74 6.73 -7.18 -16.52
N VAL A 75 5.86 -8.18 -16.60
CA VAL A 75 5.96 -9.39 -15.80
C VAL A 75 6.17 -10.59 -16.71
N ASN A 76 7.31 -11.26 -16.55
CA ASN A 76 7.69 -12.43 -17.36
C ASN A 76 7.66 -12.20 -18.87
N GLY A 77 7.95 -10.98 -19.29
CA GLY A 77 8.00 -10.63 -20.72
C GLY A 77 6.87 -9.74 -21.20
N LYS A 78 5.72 -9.83 -20.55
CA LYS A 78 4.51 -9.10 -20.97
C LYS A 78 4.25 -7.83 -20.16
N GLU A 79 3.71 -6.81 -20.82
CA GLU A 79 3.47 -5.51 -20.20
C GLU A 79 2.07 -5.37 -19.58
N VAL A 80 2.01 -4.63 -18.48
CA VAL A 80 0.75 -4.34 -17.79
C VAL A 80 0.63 -2.83 -17.58
N LYS A 81 -0.35 -2.23 -18.26
CA LYS A 81 -0.59 -0.78 -18.16
C LYS A 81 -1.06 -0.42 -16.75
N SER A 82 -0.30 0.45 -16.08
CA SER A 82 -0.64 0.84 -14.71
C SER A 82 -1.17 2.28 -14.63
N PHE A 83 -2.08 2.51 -13.69
CA PHE A 83 -2.78 3.78 -13.57
C PHE A 83 -2.93 4.20 -12.12
N SER A 84 -3.32 5.46 -11.91
CA SER A 84 -3.61 5.95 -10.57
C SER A 84 -4.83 6.89 -10.52
N GLU A 85 -5.89 6.49 -11.21
CA GLU A 85 -7.15 7.23 -11.16
C GLU A 85 -7.97 6.76 -9.95
N PRO A 86 -8.25 7.66 -9.02
CA PRO A 86 -9.09 7.31 -7.87
C PRO A 86 -10.57 7.20 -8.25
N ASP A 87 -10.95 7.93 -9.29
CA ASP A 87 -12.31 7.91 -9.82
C ASP A 87 -12.41 6.86 -10.90
N ALA A 88 -12.98 5.70 -10.56
CA ALA A 88 -13.08 4.55 -11.47
C ALA A 88 -13.76 4.89 -12.80
N SER A 89 -14.65 5.87 -12.78
CA SER A 89 -15.35 6.34 -13.98
C SER A 89 -14.39 6.91 -15.03
N LYS A 90 -13.24 7.39 -14.57
CA LYS A 90 -12.28 8.10 -15.43
C LYS A 90 -11.21 7.17 -16.03
N LEU A 91 -11.21 5.91 -15.61
CA LEU A 91 -10.27 4.91 -16.13
C LEU A 91 -10.61 4.53 -17.58
N PRO A 92 -9.58 4.24 -18.40
CA PRO A 92 -9.84 4.00 -19.82
C PRO A 92 -10.23 2.55 -20.14
N TRP A 93 -11.36 2.11 -19.59
CA TRP A 93 -11.80 0.71 -19.73
C TRP A 93 -12.25 0.32 -21.13
N LYS A 94 -13.06 1.17 -21.77
CA LYS A 94 -13.59 0.88 -23.11
C LYS A 94 -12.49 0.88 -24.16
N ASP A 95 -11.55 1.80 -24.01
CA ASP A 95 -10.38 1.92 -24.88
C ASP A 95 -9.51 0.67 -24.79
N LEU A 96 -9.44 0.08 -23.60
CA LEU A 96 -8.62 -1.11 -23.36
C LEU A 96 -9.36 -2.41 -23.62
N ASN A 97 -10.67 -2.33 -23.88
CA ASN A 97 -11.54 -3.49 -24.08
C ASN A 97 -11.52 -4.48 -22.92
N ILE A 98 -11.70 -3.96 -21.72
CA ILE A 98 -11.72 -4.76 -20.49
C ILE A 98 -12.97 -5.62 -20.43
N ASP A 99 -12.78 -6.92 -20.29
CA ASP A 99 -13.89 -7.86 -20.16
C ASP A 99 -14.39 -7.94 -18.71
N VAL A 100 -13.45 -8.01 -17.76
CA VAL A 100 -13.79 -8.08 -16.33
C VAL A 100 -12.86 -7.22 -15.48
N VAL A 101 -13.43 -6.52 -14.49
CA VAL A 101 -12.66 -5.75 -13.53
C VAL A 101 -12.70 -6.43 -12.16
N LEU A 102 -11.52 -6.70 -11.59
CA LEU A 102 -11.43 -7.15 -10.22
C LEU A 102 -11.39 -5.96 -9.26
N GLU A 103 -12.55 -5.65 -8.70
CA GLU A 103 -12.70 -4.53 -7.79
C GLU A 103 -12.16 -4.89 -6.40
N CYS A 104 -10.95 -4.43 -6.12
CA CYS A 104 -10.23 -4.80 -4.90
C CYS A 104 -9.79 -3.59 -4.07
N THR A 105 -10.40 -2.43 -4.31
CA THR A 105 -10.06 -1.21 -3.56
C THR A 105 -10.74 -1.20 -2.18
N GLY A 106 -11.97 -1.70 -2.14
CA GLY A 106 -12.78 -1.69 -0.93
C GLY A 106 -13.64 -0.44 -0.82
N PHE A 107 -13.73 0.31 -1.92
CA PHE A 107 -14.48 1.56 -1.95
C PHE A 107 -15.68 1.48 -2.91
N TYR A 108 -15.80 0.34 -3.60
CA TYR A 108 -16.88 0.09 -4.55
C TYR A 108 -17.68 -1.15 -4.18
N THR A 109 -17.88 -1.37 -2.88
CA THR A 109 -18.59 -2.54 -2.38
C THR A 109 -20.12 -2.36 -2.43
N ASP A 110 -20.60 -1.84 -3.55
CA ASP A 110 -22.03 -1.61 -3.78
C ASP A 110 -22.30 -1.70 -5.27
N LYS A 111 -23.44 -2.28 -5.65
CA LYS A 111 -23.77 -2.47 -7.07
C LYS A 111 -23.78 -1.15 -7.84
N ASP A 112 -24.48 -0.16 -7.30
CA ASP A 112 -24.58 1.17 -7.92
C ASP A 112 -23.22 1.89 -7.98
N LYS A 113 -22.43 1.74 -6.92
CA LYS A 113 -21.09 2.35 -6.84
C LYS A 113 -20.14 1.77 -7.88
N ALA A 114 -20.07 0.44 -7.94
CA ALA A 114 -19.17 -0.27 -8.84
C ALA A 114 -19.52 -0.07 -10.32
N GLN A 115 -20.67 0.56 -10.57
CA GLN A 115 -21.16 0.84 -11.91
C GLN A 115 -20.25 1.81 -12.67
N ALA A 116 -19.36 2.49 -11.93
CA ALA A 116 -18.39 3.41 -12.51
C ALA A 116 -17.43 2.72 -13.47
N HIS A 117 -17.10 1.46 -13.19
CA HIS A 117 -16.28 0.64 -14.09
C HIS A 117 -17.03 0.36 -15.39
N ILE A 118 -18.34 0.11 -15.27
CA ILE A 118 -19.20 -0.15 -16.43
C ILE A 118 -19.45 1.14 -17.20
N GLU A 119 -19.57 2.25 -16.47
CA GLU A 119 -19.62 3.59 -17.06
C GLU A 119 -18.31 3.89 -17.78
N ALA A 120 -17.20 3.41 -17.22
CA ALA A 120 -15.87 3.57 -17.81
C ALA A 120 -15.67 2.75 -19.08
N GLY A 121 -16.31 1.59 -19.14
CA GLY A 121 -16.29 0.79 -20.36
C GLY A 121 -16.10 -0.72 -20.19
N ALA A 122 -15.90 -1.15 -18.96
CA ALA A 122 -15.76 -2.58 -18.66
C ALA A 122 -17.09 -3.30 -18.87
N LYS A 123 -17.02 -4.57 -19.24
CA LYS A 123 -18.22 -5.37 -19.47
C LYS A 123 -18.78 -5.93 -18.17
N LYS A 124 -17.90 -6.39 -17.29
CA LYS A 124 -18.28 -6.98 -16.01
C LYS A 124 -17.37 -6.54 -14.87
N VAL A 125 -17.89 -6.60 -13.65
CA VAL A 125 -17.11 -6.30 -12.44
C VAL A 125 -17.30 -7.40 -11.41
N LEU A 126 -16.20 -7.83 -10.79
CA LEU A 126 -16.26 -8.72 -9.64
C LEU A 126 -15.57 -8.08 -8.44
N ILE A 127 -16.36 -7.82 -7.39
CA ILE A 127 -15.87 -7.14 -6.20
C ILE A 127 -15.30 -8.17 -5.20
N SER A 128 -14.12 -7.89 -4.69
CA SER A 128 -13.41 -8.80 -3.78
C SER A 128 -13.87 -8.65 -2.33
N ALA A 129 -15.18 -8.56 -2.13
CA ALA A 129 -15.78 -8.31 -0.82
C ALA A 129 -17.30 -8.40 -0.92
N PRO A 130 -18.00 -8.63 0.21
CA PRO A 130 -19.46 -8.56 0.22
C PRO A 130 -19.95 -7.19 -0.24
N ALA A 131 -21.03 -7.17 -1.02
CA ALA A 131 -21.51 -5.92 -1.63
C ALA A 131 -23.01 -5.72 -1.47
N THR A 132 -23.37 -4.51 -1.07
CA THR A 132 -24.77 -4.10 -0.96
C THR A 132 -25.39 -3.93 -2.35
N GLY A 133 -26.69 -4.21 -2.46
CA GLY A 133 -27.40 -4.06 -3.73
C GLY A 133 -27.80 -5.38 -4.36
N ASP A 134 -28.65 -5.29 -5.37
CA ASP A 134 -29.21 -6.47 -6.04
C ASP A 134 -28.20 -7.16 -6.98
N LEU A 135 -27.51 -8.16 -6.43
CA LEU A 135 -26.52 -8.94 -7.17
C LEU A 135 -26.29 -10.30 -6.52
N LYS A 136 -25.76 -11.24 -7.29
CA LYS A 136 -25.41 -12.56 -6.77
C LYS A 136 -24.10 -12.51 -5.98
N THR A 137 -24.05 -13.25 -4.87
CA THR A 137 -22.86 -13.34 -4.04
C THR A 137 -22.31 -14.77 -4.15
N ILE A 138 -21.11 -14.90 -4.72
CA ILE A 138 -20.64 -16.21 -5.18
C ILE A 138 -19.40 -16.76 -4.46
N VAL A 139 -19.65 -17.79 -3.65
CA VAL A 139 -18.60 -18.65 -3.13
C VAL A 139 -18.46 -19.81 -4.10
N PHE A 140 -17.28 -19.91 -4.73
CA PHE A 140 -17.03 -20.94 -5.74
C PHE A 140 -17.11 -22.34 -5.15
N ASN A 141 -17.64 -23.28 -5.94
CA ASN A 141 -17.91 -24.66 -5.51
C ASN A 141 -18.94 -24.76 -4.38
N THR A 142 -19.75 -23.72 -4.23
CA THR A 142 -20.85 -23.69 -3.25
C THR A 142 -22.11 -23.15 -3.92
N ASN A 143 -21.94 -22.16 -4.80
CA ASN A 143 -23.07 -21.59 -5.56
C ASN A 143 -22.70 -20.85 -6.86
N HIS A 144 -21.55 -21.17 -7.44
CA HIS A 144 -21.14 -20.51 -8.70
C HIS A 144 -22.04 -20.91 -9.88
N GLN A 145 -22.97 -21.83 -9.62
CA GLN A 145 -23.94 -22.30 -10.62
C GLN A 145 -25.10 -21.32 -10.80
N GLU A 146 -25.33 -20.49 -9.79
CA GLU A 146 -26.36 -19.44 -9.85
C GLU A 146 -25.97 -18.33 -10.82
N LEU A 147 -24.69 -18.31 -11.21
CA LEU A 147 -24.21 -17.47 -12.30
C LEU A 147 -24.63 -18.06 -13.63
N ASP A 148 -25.32 -17.26 -14.44
CA ASP A 148 -25.86 -17.73 -15.72
C ASP A 148 -25.26 -17.02 -16.93
N GLY A 149 -24.93 -15.74 -16.77
CA GLY A 149 -24.32 -14.97 -17.85
C GLY A 149 -24.73 -13.51 -17.90
N SER A 150 -26.00 -13.24 -17.60
CA SER A 150 -26.60 -11.91 -17.67
C SER A 150 -25.93 -10.86 -16.78
N GLU A 151 -25.18 -11.33 -15.79
CA GLU A 151 -24.62 -10.48 -14.74
C GLU A 151 -23.62 -9.43 -15.22
N THR A 152 -23.76 -8.21 -14.69
CA THR A 152 -22.81 -7.14 -14.92
C THR A 152 -21.92 -6.95 -13.69
N VAL A 153 -22.50 -7.15 -12.49
CA VAL A 153 -21.79 -6.99 -11.23
C VAL A 153 -22.01 -8.21 -10.31
N VAL A 154 -20.91 -8.71 -9.76
CA VAL A 154 -20.93 -9.89 -8.88
C VAL A 154 -20.04 -9.65 -7.64
N SER A 155 -20.45 -10.20 -6.51
CA SER A 155 -19.67 -10.11 -5.27
C SER A 155 -18.97 -11.44 -4.97
N GLY A 156 -17.66 -11.35 -4.68
CA GLY A 156 -16.87 -12.54 -4.36
C GLY A 156 -16.97 -12.97 -2.91
N ALA A 157 -17.84 -12.30 -2.16
CA ALA A 157 -18.05 -12.54 -0.71
C ALA A 157 -16.83 -12.20 0.13
N SER A 158 -16.92 -12.42 1.44
CA SER A 158 -15.80 -12.20 2.34
C SER A 158 -14.95 -13.46 2.44
N CYS A 159 -13.75 -13.33 2.99
CA CYS A 159 -12.87 -14.45 3.25
C CYS A 159 -13.54 -15.46 4.18
N THR A 160 -14.19 -14.94 5.22
CA THR A 160 -14.87 -15.76 6.22
C THR A 160 -16.06 -16.52 5.62
N THR A 161 -16.81 -15.86 4.74
CA THR A 161 -17.93 -16.51 4.02
C THR A 161 -17.44 -17.73 3.24
N ASN A 162 -16.28 -17.59 2.60
CA ASN A 162 -15.66 -18.68 1.85
C ASN A 162 -15.16 -19.82 2.73
N SER A 163 -14.80 -19.51 3.97
CA SER A 163 -14.40 -20.52 4.94
C SER A 163 -15.61 -21.19 5.59
N LEU A 164 -16.67 -20.40 5.78
CA LEU A 164 -17.88 -20.85 6.47
C LEU A 164 -18.82 -21.66 5.57
N ALA A 165 -19.10 -21.14 4.38
CA ALA A 165 -20.13 -21.69 3.48
C ALA A 165 -20.10 -23.21 3.26
N PRO A 166 -18.93 -23.80 2.91
CA PRO A 166 -18.96 -25.23 2.60
C PRO A 166 -19.16 -26.12 3.83
N VAL A 167 -18.72 -25.67 5.00
CA VAL A 167 -19.00 -26.39 6.25
C VAL A 167 -20.45 -26.16 6.67
N ALA A 168 -20.94 -24.95 6.39
CA ALA A 168 -22.31 -24.57 6.70
C ALA A 168 -23.31 -25.39 5.90
N LYS A 169 -22.94 -25.73 4.66
CA LYS A 169 -23.79 -26.52 3.78
C LYS A 169 -23.86 -27.99 4.20
N VAL A 170 -22.69 -28.63 4.35
CA VAL A 170 -22.61 -30.03 4.81
C VAL A 170 -23.43 -30.23 6.09
N LEU A 171 -23.32 -29.28 7.01
CA LEU A 171 -24.04 -29.31 8.28
C LEU A 171 -25.57 -29.35 8.10
N ASN A 172 -26.10 -28.49 7.24
CA ASN A 172 -27.54 -28.42 7.01
C ASN A 172 -28.06 -29.51 6.07
N ASP A 173 -27.29 -29.80 5.02
CA ASP A 173 -27.67 -30.82 4.04
C ASP A 173 -27.76 -32.21 4.66
N ASP A 174 -26.79 -32.53 5.52
CA ASP A 174 -26.70 -33.87 6.12
C ASP A 174 -27.38 -34.01 7.47
N PHE A 175 -27.40 -32.93 8.26
CA PHE A 175 -27.86 -33.01 9.65
C PHE A 175 -29.08 -32.15 9.98
N GLY A 176 -29.32 -31.11 9.18
CA GLY A 176 -30.43 -30.21 9.41
C GLY A 176 -30.08 -29.18 10.48
N LEU A 177 -29.57 -28.03 10.04
CA LEU A 177 -29.17 -26.95 10.93
C LEU A 177 -30.40 -26.23 11.49
N VAL A 178 -30.56 -26.30 12.80
CA VAL A 178 -31.63 -25.57 13.50
C VAL A 178 -31.24 -24.09 13.58
N GLU A 179 -30.02 -23.86 14.06
CA GLU A 179 -29.46 -22.51 14.26
C GLU A 179 -27.99 -22.64 14.66
N GLY A 180 -27.26 -21.53 14.61
CA GLY A 180 -25.85 -21.55 14.99
C GLY A 180 -25.20 -20.19 15.17
N LEU A 181 -24.16 -20.16 15.99
CA LEU A 181 -23.32 -18.97 16.16
C LEU A 181 -21.89 -19.25 15.71
N MET A 182 -21.23 -18.22 15.17
CA MET A 182 -19.90 -18.34 14.60
C MET A 182 -18.96 -17.28 15.17
N THR A 183 -17.75 -17.69 15.53
CA THR A 183 -16.69 -16.75 15.88
C THR A 183 -15.40 -17.11 15.18
N THR A 184 -14.83 -16.14 14.47
CA THR A 184 -13.58 -16.35 13.75
C THR A 184 -12.38 -15.65 14.40
N ILE A 185 -11.36 -16.47 14.72
CA ILE A 185 -10.08 -15.95 15.18
C ILE A 185 -9.32 -15.54 13.93
N HIS A 186 -9.17 -14.22 13.76
CA HIS A 186 -8.75 -13.65 12.49
C HIS A 186 -7.43 -12.88 12.60
N ALA A 187 -6.64 -12.96 11.54
CA ALA A 187 -5.43 -12.16 11.38
C ALA A 187 -5.79 -10.69 11.16
N TYR A 188 -4.88 -9.79 11.49
CA TYR A 188 -5.12 -8.36 11.25
C TYR A 188 -5.02 -7.99 9.77
N THR A 189 -5.65 -6.88 9.40
CA THR A 189 -5.77 -6.45 8.02
C THR A 189 -5.34 -4.99 7.86
N GLY A 190 -5.34 -4.51 6.62
CA GLY A 190 -4.94 -3.13 6.31
C GLY A 190 -5.80 -2.05 6.96
N ASP A 191 -7.08 -2.36 7.14
CA ASP A 191 -8.04 -1.41 7.73
C ASP A 191 -7.81 -1.14 9.23
N GLN A 192 -6.92 -1.93 9.84
CA GLN A 192 -6.57 -1.73 11.25
C GLN A 192 -5.39 -0.78 11.43
N ASN A 193 -5.30 -0.19 12.62
CA ASN A 193 -4.24 0.74 12.95
C ASN A 193 -2.97 0.03 13.43
N THR A 194 -1.82 0.62 13.11
CA THR A 194 -0.54 0.12 13.59
C THR A 194 -0.37 0.48 15.06
N GLN A 195 -0.95 1.61 15.46
CA GLN A 195 -0.89 2.13 16.81
C GLN A 195 -2.25 2.64 17.25
N ASP A 196 -2.46 2.71 18.57
CA ASP A 196 -3.62 3.41 19.14
C ASP A 196 -3.83 4.72 18.38
N ALA A 197 -4.96 4.83 17.68
CA ALA A 197 -5.23 6.01 16.84
C ALA A 197 -6.70 6.14 16.46
N PRO A 198 -7.15 7.39 16.21
CA PRO A 198 -8.50 7.62 15.67
C PRO A 198 -8.72 6.86 14.38
N HIS A 199 -9.88 6.24 14.25
CA HIS A 199 -10.18 5.38 13.10
C HIS A 199 -11.11 6.08 12.10
N ARG A 200 -10.94 5.73 10.83
CA ARG A 200 -11.68 6.36 9.72
C ARG A 200 -13.18 6.07 9.76
N LYS A 201 -13.55 4.89 10.24
CA LYS A 201 -14.96 4.48 10.32
C LYS A 201 -15.55 4.64 11.72
N GLY A 202 -14.75 5.18 12.64
CA GLY A 202 -15.20 5.46 14.00
C GLY A 202 -15.25 4.25 14.92
N ASP A 203 -14.74 3.11 14.44
CA ASP A 203 -14.67 1.89 15.24
C ASP A 203 -13.58 2.02 16.30
N LYS A 204 -13.97 1.89 17.56
CA LYS A 204 -13.06 2.09 18.69
C LYS A 204 -12.12 0.90 18.93
N ARG A 205 -12.39 -0.21 18.25
CA ARG A 205 -11.59 -1.42 18.40
C ARG A 205 -10.59 -1.63 17.27
N ARG A 206 -11.02 -1.39 16.03
CA ARG A 206 -10.10 -1.31 14.89
C ARG A 206 -9.18 -0.10 15.02
N ALA A 207 -9.55 0.80 15.93
CA ALA A 207 -8.73 1.94 16.30
C ALA A 207 -7.46 1.51 17.04
N ARG A 208 -7.51 0.34 17.66
CA ARG A 208 -6.43 -0.15 18.51
C ARG A 208 -5.30 -0.83 17.74
N ALA A 209 -4.14 -0.94 18.39
CA ALA A 209 -2.94 -1.51 17.78
C ALA A 209 -3.12 -2.99 17.41
N ALA A 210 -3.05 -3.27 16.13
CA ALA A 210 -3.37 -4.59 15.57
C ALA A 210 -2.41 -5.71 15.98
N ALA A 211 -1.15 -5.36 16.19
CA ALA A 211 -0.10 -6.36 16.42
C ALA A 211 0.23 -6.61 17.88
N GLU A 212 -0.42 -5.86 18.78
CA GLU A 212 -0.22 -6.02 20.22
C GLU A 212 -1.51 -6.27 20.99
N ASN A 213 -2.51 -6.85 20.31
CA ASN A 213 -3.85 -6.98 20.89
C ASN A 213 -4.73 -8.12 20.38
N ILE A 214 -5.64 -8.58 21.25
CA ILE A 214 -6.79 -9.39 20.83
C ILE A 214 -7.95 -8.42 20.69
N ILE A 215 -8.39 -8.22 19.44
CA ILE A 215 -9.38 -7.20 19.13
C ILE A 215 -10.70 -7.80 18.63
N PRO A 216 -11.80 -7.58 19.37
CA PRO A 216 -13.10 -8.02 18.89
C PRO A 216 -13.60 -7.10 17.77
N ASN A 217 -14.26 -7.69 16.77
CA ASN A 217 -14.88 -6.91 15.70
C ASN A 217 -16.00 -7.69 15.01
N SER A 218 -16.96 -6.96 14.46
CA SER A 218 -18.11 -7.56 13.80
C SER A 218 -17.82 -7.90 12.34
N THR A 219 -18.46 -8.97 11.88
CA THR A 219 -18.36 -9.42 10.50
C THR A 219 -19.73 -9.90 10.02
N GLY A 220 -20.06 -9.57 8.77
CA GLY A 220 -21.34 -9.94 8.18
C GLY A 220 -21.42 -11.41 7.78
N ALA A 221 -20.26 -11.99 7.49
CA ALA A 221 -20.13 -13.37 7.00
C ALA A 221 -21.19 -14.36 7.50
N ALA A 222 -21.41 -14.37 8.82
CA ALA A 222 -22.37 -15.29 9.44
C ALA A 222 -23.82 -14.86 9.23
N LYS A 223 -24.11 -13.58 9.48
CA LYS A 223 -25.46 -13.04 9.37
C LYS A 223 -25.94 -12.91 7.92
N ALA A 224 -25.00 -12.83 6.99
CA ALA A 224 -25.30 -12.61 5.57
C ALA A 224 -25.29 -13.90 4.75
N ILE A 225 -25.10 -15.04 5.41
CA ILE A 225 -24.98 -16.35 4.76
C ILE A 225 -26.15 -16.73 3.84
N GLY A 226 -27.33 -16.16 4.11
CA GLY A 226 -28.53 -16.43 3.31
C GLY A 226 -28.40 -16.08 1.84
N LYS A 227 -27.49 -15.14 1.53
CA LYS A 227 -27.20 -14.75 0.16
C LYS A 227 -26.52 -15.87 -0.63
N VAL A 228 -25.80 -16.73 0.09
CA VAL A 228 -25.02 -17.82 -0.53
C VAL A 228 -25.75 -19.16 -0.42
N ILE A 229 -26.19 -19.50 0.80
CA ILE A 229 -26.99 -20.69 1.04
C ILE A 229 -28.36 -20.22 1.52
N PRO A 230 -29.30 -20.00 0.57
CA PRO A 230 -30.62 -19.43 0.89
C PRO A 230 -31.42 -20.25 1.90
N GLU A 231 -31.25 -21.57 1.88
CA GLU A 231 -32.00 -22.48 2.76
C GLU A 231 -31.68 -22.30 4.25
N ILE A 232 -30.51 -21.72 4.56
CA ILE A 232 -30.13 -21.47 5.95
C ILE A 232 -30.14 -19.97 6.32
N ASP A 233 -30.92 -19.18 5.58
CA ASP A 233 -30.99 -17.74 5.80
C ASP A 233 -31.47 -17.39 7.22
N GLY A 234 -30.64 -16.63 7.92
CA GLY A 234 -30.97 -16.17 9.27
C GLY A 234 -30.89 -17.23 10.35
N LYS A 235 -30.00 -18.21 10.16
CA LYS A 235 -29.76 -19.24 11.16
C LYS A 235 -28.41 -19.06 11.83
N LEU A 236 -27.55 -18.24 11.21
CA LEU A 236 -26.20 -17.99 11.71
C LEU A 236 -25.95 -16.51 12.01
N ASP A 237 -25.25 -16.26 13.11
CA ASP A 237 -24.78 -14.92 13.48
C ASP A 237 -23.41 -15.07 14.15
N GLY A 238 -22.83 -13.95 14.59
CA GLY A 238 -21.55 -13.98 15.30
C GLY A 238 -20.48 -13.12 14.67
N GLY A 239 -19.41 -12.86 15.44
CA GLY A 239 -18.36 -11.95 15.03
C GLY A 239 -16.96 -12.53 14.95
N ALA A 240 -15.97 -11.69 15.25
CA ALA A 240 -14.56 -12.04 15.10
C ALA A 240 -13.69 -11.51 16.23
N GLN A 241 -12.62 -12.26 16.52
CA GLN A 241 -11.55 -11.79 17.38
C GLN A 241 -10.29 -11.66 16.54
N ARG A 242 -9.71 -10.47 16.50
CA ARG A 242 -8.56 -10.19 15.64
C ARG A 242 -7.25 -10.19 16.40
N VAL A 243 -6.38 -11.13 16.02
CA VAL A 243 -5.18 -11.48 16.78
C VAL A 243 -3.89 -11.19 16.00
N PRO A 244 -2.75 -11.03 16.70
CA PRO A 244 -1.49 -10.60 16.08
C PRO A 244 -0.75 -11.63 15.23
N VAL A 245 -1.38 -12.10 14.15
CA VAL A 245 -0.69 -12.82 13.07
C VAL A 245 -1.01 -12.10 11.77
N ALA A 246 -0.03 -11.97 10.88
CA ALA A 246 -0.19 -11.12 9.69
C ALA A 246 -1.09 -11.71 8.60
N THR A 247 -1.18 -13.04 8.54
CA THR A 247 -2.15 -13.73 7.68
C THR A 247 -2.54 -15.10 8.23
N GLY A 248 -3.63 -15.67 7.70
CA GLY A 248 -4.14 -16.95 8.18
C GLY A 248 -5.14 -16.76 9.31
N SER A 249 -6.28 -17.41 9.18
CA SER A 249 -7.37 -17.30 10.16
C SER A 249 -8.10 -18.63 10.37
N LEU A 250 -8.97 -18.67 11.38
CA LEU A 250 -9.74 -19.86 11.70
C LEU A 250 -11.18 -19.51 12.07
N THR A 251 -12.14 -20.23 11.48
CA THR A 251 -13.55 -20.05 11.78
C THR A 251 -14.03 -21.14 12.73
N GLU A 252 -14.71 -20.75 13.80
CA GLU A 252 -15.33 -21.70 14.72
C GLU A 252 -16.85 -21.56 14.68
N LEU A 253 -17.53 -22.67 14.39
CA LEU A 253 -18.98 -22.67 14.28
C LEU A 253 -19.62 -23.62 15.29
N THR A 254 -20.42 -23.05 16.18
CA THR A 254 -21.13 -23.81 17.22
C THR A 254 -22.61 -23.89 16.86
N VAL A 255 -23.09 -25.11 16.62
CA VAL A 255 -24.43 -25.29 16.04
C VAL A 255 -25.37 -26.23 16.81
N VAL A 256 -26.67 -26.06 16.54
CA VAL A 256 -27.72 -26.98 16.97
C VAL A 256 -28.27 -27.67 15.73
N LEU A 257 -28.39 -28.98 15.78
CA LEU A 257 -28.83 -29.75 14.61
C LEU A 257 -30.19 -30.43 14.85
N GLU A 258 -30.81 -30.91 13.77
CA GLU A 258 -32.09 -31.59 13.84
C GLU A 258 -31.93 -33.08 14.14
N LYS A 259 -30.93 -33.71 13.54
CA LYS A 259 -30.58 -35.08 13.86
C LYS A 259 -30.05 -35.16 15.29
N GLN A 260 -30.59 -36.09 16.06
CA GLN A 260 -30.13 -36.33 17.42
C GLN A 260 -29.09 -37.45 17.37
N ASP A 261 -28.48 -37.73 18.52
CA ASP A 261 -27.49 -38.82 18.63
C ASP A 261 -26.37 -38.71 17.59
N VAL A 262 -26.07 -37.48 17.18
CA VAL A 262 -25.00 -37.19 16.23
C VAL A 262 -23.63 -37.42 16.89
N THR A 263 -22.76 -38.14 16.19
CA THR A 263 -21.42 -38.43 16.70
C THR A 263 -20.34 -37.63 15.97
N VAL A 264 -19.19 -37.50 16.62
CA VAL A 264 -18.03 -36.76 16.07
C VAL A 264 -17.56 -37.36 14.75
N GLU A 265 -17.44 -38.69 14.70
CA GLU A 265 -17.06 -39.43 13.50
C GLU A 265 -17.91 -39.07 12.28
N GLN A 266 -19.22 -38.97 12.50
CA GLN A 266 -20.19 -38.65 11.44
C GLN A 266 -19.90 -37.30 10.79
N VAL A 267 -19.69 -36.28 11.63
CA VAL A 267 -19.49 -34.90 11.16
C VAL A 267 -18.24 -34.78 10.28
N ASN A 268 -17.14 -35.37 10.73
CA ASN A 268 -15.87 -35.35 9.99
C ASN A 268 -15.95 -36.11 8.67
N GLU A 269 -16.50 -37.32 8.72
CA GLU A 269 -16.66 -38.17 7.54
C GLU A 269 -17.53 -37.50 6.47
N ALA A 270 -18.53 -36.75 6.92
CA ALA A 270 -19.41 -35.99 6.02
C ALA A 270 -18.69 -34.85 5.33
N MET A 271 -17.72 -34.25 6.03
CA MET A 271 -16.90 -33.17 5.47
C MET A 271 -15.90 -33.71 4.46
N LYS A 272 -15.37 -34.91 4.72
CA LYS A 272 -14.42 -35.55 3.82
C LYS A 272 -15.09 -35.99 2.50
N ASN A 273 -16.37 -36.32 2.57
CA ASN A 273 -17.16 -36.64 1.39
C ASN A 273 -17.44 -35.42 0.52
N ALA A 274 -17.41 -34.24 1.13
CA ALA A 274 -17.74 -32.99 0.44
C ALA A 274 -16.51 -32.19 0.02
N SER A 275 -15.34 -32.79 0.13
CA SER A 275 -14.08 -32.11 -0.17
C SER A 275 -13.77 -32.01 -1.67
N ASN A 276 -13.44 -30.79 -2.10
CA ASN A 276 -13.05 -30.50 -3.47
C ASN A 276 -11.77 -29.66 -3.50
N GLU A 277 -11.52 -28.94 -4.59
CA GLU A 277 -10.37 -28.04 -4.67
C GLU A 277 -10.57 -26.85 -3.75
N SER A 278 -11.84 -26.53 -3.47
CA SER A 278 -12.22 -25.37 -2.68
C SER A 278 -12.32 -25.65 -1.18
N PHE A 279 -12.81 -26.83 -0.82
CA PHE A 279 -13.06 -27.18 0.58
C PHE A 279 -12.20 -28.35 1.03
N GLY A 280 -11.09 -28.05 1.69
CA GLY A 280 -10.12 -29.07 2.08
C GLY A 280 -10.47 -29.85 3.33
N TYR A 281 -9.81 -31.00 3.49
CA TYR A 281 -9.95 -31.84 4.67
C TYR A 281 -8.58 -32.18 5.23
N THR A 282 -8.36 -31.85 6.51
CA THR A 282 -7.14 -32.21 7.20
C THR A 282 -7.41 -32.86 8.56
N GLU A 283 -6.66 -33.90 8.85
CA GLU A 283 -6.69 -34.55 10.16
C GLU A 283 -5.40 -34.28 10.93
N ASP A 284 -4.46 -33.60 10.28
CA ASP A 284 -3.21 -33.18 10.91
C ASP A 284 -3.46 -32.01 11.88
N GLU A 285 -2.64 -31.96 12.93
CA GLU A 285 -2.73 -30.91 13.94
C GLU A 285 -1.89 -29.70 13.56
N ILE A 286 -2.44 -28.88 12.66
CA ILE A 286 -1.72 -27.73 12.11
C ILE A 286 -2.04 -26.42 12.83
N VAL A 287 -1.25 -25.39 12.55
CA VAL A 287 -1.46 -24.04 13.09
C VAL A 287 -1.63 -23.01 11.97
N SER A 288 -2.01 -21.78 12.34
CA SER A 288 -2.31 -20.72 11.36
C SER A 288 -1.25 -20.54 10.28
N SER A 289 0.02 -20.57 10.67
CA SER A 289 1.12 -20.37 9.71
C SER A 289 1.26 -21.52 8.70
N ASP A 290 0.68 -22.68 9.03
CA ASP A 290 0.70 -23.83 8.13
C ASP A 290 -0.22 -23.66 6.92
N VAL A 291 -1.18 -22.75 7.02
CA VAL A 291 -2.12 -22.48 5.93
C VAL A 291 -1.77 -21.26 5.07
N VAL A 292 -0.69 -20.57 5.42
CA VAL A 292 -0.24 -19.39 4.68
C VAL A 292 0.05 -19.77 3.22
N GLY A 293 -0.75 -19.20 2.31
CA GLY A 293 -0.57 -19.42 0.88
C GLY A 293 -1.34 -20.60 0.32
N MET A 294 -2.21 -21.20 1.13
CA MET A 294 -3.00 -22.35 0.67
C MET A 294 -4.12 -21.93 -0.28
N THR A 295 -4.46 -22.83 -1.20
CA THR A 295 -5.41 -22.54 -2.26
C THR A 295 -6.80 -23.13 -1.98
N TYR A 296 -6.97 -23.74 -0.81
CA TYR A 296 -8.28 -24.15 -0.33
C TYR A 296 -9.01 -22.92 0.21
N GLY A 297 -10.21 -22.67 -0.30
CA GLY A 297 -11.06 -21.59 0.20
C GLY A 297 -11.42 -21.82 1.66
N SER A 298 -11.55 -23.09 2.03
CA SER A 298 -11.82 -23.51 3.39
C SER A 298 -11.18 -24.87 3.63
N LEU A 299 -10.43 -25.00 4.73
CA LEU A 299 -9.81 -26.27 5.09
C LEU A 299 -10.35 -26.75 6.44
N PHE A 300 -11.21 -27.77 6.37
CA PHE A 300 -11.84 -28.34 7.57
C PHE A 300 -10.82 -29.08 8.44
N ASP A 301 -10.56 -28.54 9.62
CA ASP A 301 -9.69 -29.19 10.60
C ASP A 301 -10.51 -30.18 11.42
N ALA A 302 -10.29 -31.47 11.17
CA ALA A 302 -11.07 -32.55 11.79
C ALA A 302 -10.80 -32.74 13.27
N THR A 303 -9.63 -32.27 13.74
CA THR A 303 -9.24 -32.44 15.14
C THR A 303 -9.97 -31.49 16.11
N GLN A 304 -10.60 -30.45 15.57
CA GLN A 304 -11.31 -29.47 16.39
C GLN A 304 -12.81 -29.72 16.46
N THR A 305 -13.26 -30.84 15.90
CA THR A 305 -14.67 -31.22 15.95
C THR A 305 -15.04 -31.70 17.35
N ARG A 306 -16.08 -31.07 17.92
CA ARG A 306 -16.49 -31.32 19.30
C ARG A 306 -18.02 -31.39 19.41
N VAL A 307 -18.51 -32.33 20.22
CA VAL A 307 -19.94 -32.52 20.43
C VAL A 307 -20.27 -32.60 21.92
N MET A 308 -21.13 -31.68 22.39
CA MET A 308 -21.63 -31.73 23.76
C MET A 308 -23.03 -32.34 23.78
N SER A 309 -23.24 -33.25 24.73
CA SER A 309 -24.53 -33.93 24.87
C SER A 309 -24.91 -34.12 26.34
N VAL A 310 -25.97 -33.42 26.76
CA VAL A 310 -26.58 -33.64 28.07
C VAL A 310 -27.97 -34.22 27.84
N GLY A 311 -28.02 -35.56 27.76
CA GLY A 311 -29.22 -36.27 27.37
C GLY A 311 -29.43 -36.18 25.87
N ASP A 312 -30.69 -36.04 25.45
CA ASP A 312 -31.03 -35.96 24.03
C ASP A 312 -30.92 -34.55 23.44
N ARG A 313 -29.98 -33.77 23.95
CA ARG A 313 -29.71 -32.43 23.42
C ARG A 313 -28.22 -32.26 23.12
N GLN A 314 -27.92 -31.72 21.94
CA GLN A 314 -26.54 -31.64 21.46
C GLN A 314 -26.13 -30.22 21.04
N LEU A 315 -24.84 -29.93 21.23
CA LEU A 315 -24.19 -28.78 20.62
C LEU A 315 -23.00 -29.27 19.81
N VAL A 316 -22.88 -28.81 18.57
CA VAL A 316 -21.83 -29.27 17.68
C VAL A 316 -20.87 -28.14 17.29
N LYS A 317 -19.60 -28.30 17.68
CA LYS A 317 -18.57 -27.31 17.36
C LYS A 317 -17.61 -27.84 16.31
N VAL A 318 -17.35 -27.02 15.30
CA VAL A 318 -16.41 -27.34 14.22
C VAL A 318 -15.50 -26.15 13.93
N ALA A 319 -14.43 -26.40 13.18
CA ALA A 319 -13.49 -25.35 12.82
C ALA A 319 -12.89 -25.55 11.43
N ALA A 320 -12.76 -24.45 10.69
CA ALA A 320 -12.16 -24.47 9.36
C ALA A 320 -11.11 -23.37 9.22
N TRP A 321 -9.93 -23.76 8.76
CA TRP A 321 -8.84 -22.83 8.50
C TRP A 321 -9.04 -22.11 7.17
N TYR A 322 -8.52 -20.88 7.09
CA TYR A 322 -8.48 -20.13 5.84
C TYR A 322 -7.41 -19.04 5.90
N ASP A 323 -6.46 -19.10 4.96
CA ASP A 323 -5.56 -17.98 4.74
C ASP A 323 -6.39 -16.88 4.09
N ASN A 324 -7.00 -16.06 4.94
CA ASN A 324 -7.88 -14.97 4.48
C ASN A 324 -7.37 -14.23 3.25
N GLU A 325 -6.05 -14.22 3.08
CA GLU A 325 -5.44 -13.63 1.89
C GLU A 325 -5.48 -14.57 0.68
N MET A 326 -4.62 -15.59 0.67
CA MET A 326 -4.53 -16.51 -0.48
C MET A 326 -5.77 -17.38 -0.67
N SER A 327 -6.25 -18.00 0.40
CA SER A 327 -7.45 -18.84 0.36
C SER A 327 -8.59 -18.13 -0.37
N TYR A 328 -8.84 -16.88 0.02
CA TYR A 328 -9.89 -16.08 -0.61
C TYR A 328 -9.56 -15.74 -2.07
N THR A 329 -8.31 -15.40 -2.33
CA THR A 329 -7.84 -15.07 -3.67
C THR A 329 -8.03 -16.23 -4.63
N ALA A 330 -7.66 -17.43 -4.19
CA ALA A 330 -7.83 -18.66 -4.96
C ALA A 330 -9.30 -18.83 -5.39
N GLN A 331 -10.21 -18.59 -4.45
CA GLN A 331 -11.65 -18.67 -4.71
C GLN A 331 -12.15 -17.57 -5.63
N LEU A 332 -11.62 -16.36 -5.44
CA LEU A 332 -12.02 -15.20 -6.24
C LEU A 332 -11.62 -15.35 -7.70
N VAL A 333 -10.37 -15.78 -7.93
CA VAL A 333 -9.86 -16.02 -9.28
C VAL A 333 -10.61 -17.18 -9.94
N ARG A 334 -10.98 -18.19 -9.15
CA ARG A 334 -11.84 -19.29 -9.60
C ARG A 334 -13.20 -18.78 -10.04
N THR A 335 -13.84 -18.01 -9.16
CA THR A 335 -15.13 -17.37 -9.46
C THR A 335 -15.02 -16.47 -10.69
N LEU A 336 -13.91 -15.73 -10.78
CA LEU A 336 -13.64 -14.85 -11.92
C LEU A 336 -13.50 -15.62 -13.24
N ALA A 337 -12.62 -16.61 -13.26
CA ALA A 337 -12.34 -17.40 -14.46
C ALA A 337 -13.57 -18.13 -14.99
N TYR A 338 -14.42 -18.57 -14.07
CA TYR A 338 -15.69 -19.22 -14.43
C TYR A 338 -16.65 -18.23 -15.08
N LEU A 339 -16.89 -17.11 -14.39
CA LEU A 339 -17.75 -16.04 -14.88
C LEU A 339 -17.34 -15.57 -16.28
N ALA A 340 -16.04 -15.56 -16.53
CA ALA A 340 -15.47 -15.15 -17.83
C ALA A 340 -15.73 -16.18 -18.92
N GLU A 341 -15.47 -17.45 -18.61
CA GLU A 341 -15.71 -18.56 -19.54
C GLU A 341 -17.21 -18.78 -19.79
N LEU A 342 -18.04 -18.03 -19.08
CA LEU A 342 -19.50 -18.07 -19.25
C LEU A 342 -20.02 -17.03 -20.25
N SER A 343 -19.12 -16.35 -20.95
CA SER A 343 -19.51 -15.26 -21.86
C SER A 343 -19.46 -15.66 -23.34
N LYS A 344 -18.53 -16.54 -23.68
CA LYS A 344 -18.22 -16.90 -25.07
C LYS A 344 -17.67 -15.70 -25.86
N ALA B 10 28.27 -42.32 -2.92
CA ALA B 10 27.44 -41.30 -2.21
C ALA B 10 27.72 -41.32 -0.71
N VAL B 11 28.09 -40.16 -0.17
CA VAL B 11 28.46 -40.04 1.25
C VAL B 11 27.27 -40.15 2.22
N LYS B 12 27.49 -40.87 3.32
CA LYS B 12 26.46 -41.11 4.33
C LYS B 12 26.52 -40.07 5.46
N VAL B 13 25.40 -39.38 5.66
CA VAL B 13 25.31 -38.32 6.66
C VAL B 13 24.30 -38.69 7.75
N ALA B 14 24.68 -38.42 9.00
CA ALA B 14 23.77 -38.48 10.13
C ALA B 14 23.56 -37.08 10.69
N ILE B 15 22.33 -36.76 11.06
CA ILE B 15 22.03 -35.46 11.64
C ILE B 15 21.77 -35.58 13.15
N ASN B 16 22.62 -34.93 13.93
CA ASN B 16 22.49 -34.93 15.38
C ASN B 16 21.87 -33.63 15.86
N GLY B 17 20.58 -33.67 16.17
CA GLY B 17 19.84 -32.48 16.56
C GLY B 17 18.98 -31.99 15.42
N PHE B 18 17.79 -32.59 15.30
CA PHE B 18 16.83 -32.27 14.25
C PHE B 18 16.06 -31.01 14.62
N GLY B 19 16.80 -29.92 14.81
CA GLY B 19 16.20 -28.65 15.22
C GLY B 19 15.93 -27.71 14.07
N ARG B 20 16.00 -26.42 14.33
CA ARG B 20 15.85 -25.41 13.27
C ARG B 20 16.88 -25.64 12.17
N ILE B 21 18.15 -25.76 12.57
CA ILE B 21 19.23 -26.04 11.62
C ILE B 21 19.17 -27.49 11.14
N GLY B 22 18.95 -28.42 12.06
CA GLY B 22 18.87 -29.84 11.73
C GLY B 22 17.88 -30.18 10.63
N ARG B 23 16.66 -29.65 10.75
CA ARG B 23 15.60 -29.91 9.77
C ARG B 23 15.79 -29.11 8.49
N LEU B 24 16.31 -27.88 8.61
CA LEU B 24 16.60 -27.07 7.43
C LEU B 24 17.77 -27.63 6.64
N ALA B 25 18.80 -28.08 7.35
CA ALA B 25 19.97 -28.71 6.72
C ALA B 25 19.53 -29.94 5.94
N PHE B 26 18.59 -30.69 6.53
CA PHE B 26 17.99 -31.83 5.86
C PHE B 26 17.32 -31.43 4.55
N ARG B 27 16.46 -30.41 4.61
CA ARG B 27 15.78 -29.88 3.43
C ARG B 27 16.76 -29.51 2.31
N ARG B 28 17.87 -28.88 2.68
CA ARG B 28 18.88 -28.46 1.71
C ARG B 28 19.65 -29.63 1.11
N ILE B 29 19.93 -30.66 1.93
CA ILE B 29 20.66 -31.85 1.47
C ILE B 29 19.84 -32.68 0.47
N GLN B 30 18.52 -32.52 0.49
CA GLN B 30 17.64 -33.20 -0.49
C GLN B 30 18.01 -32.83 -1.91
N GLU B 31 17.96 -31.53 -2.22
CA GLU B 31 18.32 -31.02 -3.54
C GLU B 31 19.84 -30.98 -3.75
N VAL B 32 20.55 -31.91 -3.11
CA VAL B 32 21.98 -32.11 -3.30
C VAL B 32 22.26 -33.59 -3.52
N GLU B 33 22.82 -33.92 -4.68
CA GLU B 33 23.19 -35.29 -5.03
C GLU B 33 24.61 -35.62 -4.56
N GLY B 34 24.85 -36.89 -4.30
CA GLY B 34 26.11 -37.35 -3.72
C GLY B 34 26.18 -37.05 -2.24
N LEU B 35 25.03 -36.73 -1.64
CA LEU B 35 24.92 -36.46 -0.22
C LEU B 35 23.61 -37.06 0.29
N GLU B 36 23.73 -38.02 1.20
CA GLU B 36 22.58 -38.82 1.65
C GLU B 36 22.49 -38.84 3.18
N VAL B 37 21.31 -38.53 3.71
CA VAL B 37 21.08 -38.60 5.15
C VAL B 37 20.45 -39.96 5.50
N VAL B 38 21.22 -40.80 6.18
CA VAL B 38 20.73 -42.12 6.58
C VAL B 38 20.12 -42.13 7.99
N ALA B 39 20.67 -41.33 8.89
CA ALA B 39 20.21 -41.32 10.28
C ALA B 39 19.95 -39.92 10.83
N VAL B 40 19.05 -39.85 11.82
CA VAL B 40 18.71 -38.63 12.54
C VAL B 40 18.54 -38.95 14.02
N ASN B 41 19.28 -38.23 14.87
CA ASN B 41 19.19 -38.44 16.33
C ASN B 41 18.62 -37.21 17.04
N ASP B 42 17.77 -37.46 18.04
CA ASP B 42 17.12 -36.39 18.81
C ASP B 42 16.64 -36.89 20.18
N LEU B 43 15.72 -36.14 20.80
CA LEU B 43 15.16 -36.47 22.11
C LEU B 43 13.64 -36.46 22.08
N THR B 44 13.07 -37.11 21.07
CA THR B 44 11.62 -37.13 20.84
C THR B 44 11.28 -38.23 19.84
N ASP B 45 10.00 -38.48 19.62
CA ASP B 45 9.57 -39.64 18.81
C ASP B 45 9.51 -39.39 17.29
N ASP B 46 9.35 -40.49 16.56
CA ASP B 46 9.15 -40.49 15.10
C ASP B 46 8.06 -39.50 14.66
N ASP B 47 7.00 -39.42 15.46
CA ASP B 47 5.86 -38.54 15.18
C ASP B 47 6.23 -37.06 15.06
N MET B 48 6.90 -36.54 16.09
CA MET B 48 7.25 -35.12 16.16
C MET B 48 8.25 -34.72 15.08
N LEU B 49 9.29 -35.54 14.91
CA LEU B 49 10.35 -35.28 13.93
C LEU B 49 9.80 -35.24 12.51
N ALA B 50 8.82 -36.09 12.22
CA ALA B 50 8.13 -36.08 10.94
C ALA B 50 7.24 -34.84 10.80
N HIS B 51 6.54 -34.50 11.88
CA HIS B 51 5.65 -33.34 11.90
C HIS B 51 6.41 -32.02 11.81
N LEU B 52 7.59 -31.97 12.42
CA LEU B 52 8.38 -30.74 12.44
C LEU B 52 9.19 -30.51 11.16
N LEU B 53 9.52 -31.59 10.47
CA LEU B 53 10.10 -31.48 9.13
C LEU B 53 9.01 -31.09 8.15
N LYS B 54 7.83 -31.68 8.35
CA LYS B 54 6.65 -31.37 7.54
C LYS B 54 6.25 -29.90 7.64
N TYR B 55 6.22 -29.37 8.86
CA TYR B 55 5.69 -28.04 9.09
C TYR B 55 6.70 -27.04 9.63
N ASP B 56 6.70 -25.86 9.02
CA ASP B 56 7.62 -24.80 9.39
C ASP B 56 6.86 -23.48 9.45
N THR B 57 6.95 -22.82 10.60
CA THR B 57 6.29 -21.52 10.81
C THR B 57 6.91 -20.44 9.91
N MET B 58 8.23 -20.50 9.74
CA MET B 58 8.94 -19.47 8.97
C MET B 58 9.36 -19.87 7.56
N GLN B 59 9.58 -21.17 7.34
CA GLN B 59 10.08 -21.65 6.05
C GLN B 59 9.02 -22.38 5.22
N GLY B 60 7.84 -22.60 5.81
CA GLY B 60 6.71 -23.20 5.10
C GLY B 60 6.76 -24.71 4.95
N ARG B 61 5.67 -25.28 4.46
CA ARG B 61 5.52 -26.73 4.27
C ARG B 61 6.63 -27.34 3.40
N PHE B 62 7.14 -28.50 3.83
CA PHE B 62 8.15 -29.26 3.10
C PHE B 62 7.55 -29.80 1.79
N THR B 63 8.32 -29.70 0.71
CA THR B 63 7.80 -30.01 -0.63
C THR B 63 7.58 -31.51 -0.93
N GLY B 64 8.39 -32.37 -0.33
CA GLY B 64 8.21 -33.81 -0.50
C GLY B 64 7.11 -34.37 0.38
N GLU B 65 6.81 -35.65 0.22
CA GLU B 65 5.83 -36.33 1.05
C GLU B 65 6.50 -37.10 2.18
N VAL B 66 6.12 -36.78 3.41
CA VAL B 66 6.70 -37.41 4.60
C VAL B 66 5.67 -38.31 5.29
N GLU B 67 6.02 -39.58 5.43
CA GLU B 67 5.21 -40.54 6.17
C GLU B 67 6.04 -41.29 7.21
N VAL B 68 5.55 -41.30 8.44
CA VAL B 68 6.20 -41.99 9.56
C VAL B 68 6.20 -43.48 9.32
N VAL B 69 7.34 -44.14 9.53
CA VAL B 69 7.44 -45.60 9.34
C VAL B 69 8.08 -46.34 10.53
N ASP B 70 8.28 -47.65 10.31
CA ASP B 70 8.89 -48.55 11.28
C ASP B 70 10.36 -48.21 11.50
N GLY B 71 10.67 -47.64 12.67
CA GLY B 71 12.05 -47.36 13.06
C GLY B 71 12.56 -45.97 12.70
N GLY B 72 11.84 -45.28 11.82
CA GLY B 72 12.20 -43.93 11.40
C GLY B 72 11.05 -43.28 10.67
N PHE B 73 11.37 -42.53 9.62
CA PHE B 73 10.35 -41.96 8.73
C PHE B 73 10.77 -42.05 7.27
N ARG B 74 9.77 -42.07 6.39
CA ARG B 74 10.02 -42.19 4.96
C ARG B 74 9.89 -40.84 4.28
N VAL B 75 10.98 -40.39 3.67
CA VAL B 75 10.98 -39.13 2.92
C VAL B 75 11.08 -39.42 1.43
N ASN B 76 9.95 -39.25 0.74
CA ASN B 76 9.84 -39.42 -0.72
C ASN B 76 10.00 -40.86 -1.20
N GLY B 77 9.70 -41.82 -0.33
CA GLY B 77 9.88 -43.24 -0.66
C GLY B 77 11.19 -43.80 -0.14
N LYS B 78 12.06 -42.90 0.35
CA LYS B 78 13.34 -43.29 0.93
C LYS B 78 13.32 -43.17 2.45
N GLU B 79 13.55 -44.30 3.12
CA GLU B 79 13.52 -44.38 4.58
C GLU B 79 14.72 -43.68 5.24
N VAL B 80 14.47 -43.11 6.42
CA VAL B 80 15.50 -42.46 7.23
C VAL B 80 15.38 -42.93 8.69
N LYS B 81 16.50 -43.33 9.28
CA LYS B 81 16.53 -43.89 10.65
C LYS B 81 16.50 -42.81 11.74
N SER B 82 15.78 -43.08 12.82
CA SER B 82 15.66 -42.16 13.96
C SER B 82 16.13 -42.80 15.27
N PHE B 83 16.67 -41.96 16.17
CA PHE B 83 17.21 -42.43 17.45
C PHE B 83 16.90 -41.46 18.59
N SER B 84 16.68 -42.01 19.79
CA SER B 84 16.26 -41.22 20.95
C SER B 84 17.39 -40.91 21.94
N GLU B 85 18.61 -41.30 21.58
CA GLU B 85 19.75 -41.23 22.50
C GLU B 85 20.44 -39.86 22.57
N PRO B 86 20.51 -39.27 23.78
CA PRO B 86 21.25 -38.03 24.02
C PRO B 86 22.77 -38.25 23.98
N ASP B 87 23.25 -39.16 24.83
CA ASP B 87 24.67 -39.48 24.95
C ASP B 87 25.23 -39.94 23.61
N ALA B 88 26.01 -39.07 22.97
CA ALA B 88 26.44 -39.27 21.58
C ALA B 88 27.31 -40.50 21.33
N SER B 89 28.14 -40.86 22.31
CA SER B 89 29.04 -42.01 22.17
C SER B 89 28.30 -43.32 21.93
N LYS B 90 27.10 -43.43 22.49
CA LYS B 90 26.27 -44.61 22.31
C LYS B 90 25.30 -44.45 21.13
N LEU B 91 25.87 -44.29 19.94
CA LEU B 91 25.11 -44.20 18.69
C LEU B 91 25.74 -45.10 17.62
N PRO B 92 24.90 -45.87 16.89
CA PRO B 92 25.39 -46.89 15.96
C PRO B 92 25.94 -46.34 14.63
N TRP B 93 26.85 -45.37 14.72
CA TRP B 93 27.40 -44.71 13.52
C TRP B 93 28.26 -45.60 12.63
N LYS B 94 29.12 -46.42 13.24
CA LYS B 94 29.95 -47.36 12.50
C LYS B 94 29.09 -48.47 11.91
N ASP B 95 28.05 -48.84 12.65
CA ASP B 95 27.07 -49.84 12.23
C ASP B 95 26.26 -49.32 11.04
N LEU B 96 25.98 -48.01 11.05
CA LEU B 96 25.26 -47.36 9.96
C LEU B 96 26.18 -46.79 8.89
N ASN B 97 27.50 -46.94 9.10
CA ASN B 97 28.54 -46.51 8.15
C ASN B 97 28.56 -44.99 7.92
N ILE B 98 28.54 -44.23 9.00
CA ILE B 98 28.49 -42.78 8.92
C ILE B 98 29.81 -42.17 8.45
N ASP B 99 29.75 -41.48 7.31
CA ASP B 99 30.88 -40.73 6.79
C ASP B 99 31.01 -39.40 7.52
N VAL B 100 29.91 -38.64 7.58
CA VAL B 100 29.91 -37.34 8.26
C VAL B 100 28.67 -37.15 9.12
N VAL B 101 28.85 -36.59 10.30
CA VAL B 101 27.74 -36.27 11.21
C VAL B 101 27.62 -34.76 11.43
N LEU B 102 26.42 -34.23 11.23
CA LEU B 102 26.11 -32.82 11.48
C LEU B 102 25.68 -32.63 12.93
N GLU B 103 26.49 -31.89 13.67
CA GLU B 103 26.26 -31.65 15.09
C GLU B 103 25.45 -30.37 15.30
N CYS B 104 24.14 -30.56 15.53
CA CYS B 104 23.20 -29.44 15.56
C CYS B 104 22.41 -29.33 16.86
N THR B 105 22.76 -30.15 17.85
CA THR B 105 22.13 -30.08 19.17
C THR B 105 22.54 -28.82 19.91
N GLY B 106 23.78 -28.38 19.66
CA GLY B 106 24.36 -27.23 20.34
C GLY B 106 24.94 -27.59 21.69
N PHE B 107 25.44 -28.81 21.81
CA PHE B 107 25.98 -29.32 23.08
C PHE B 107 27.38 -29.91 22.90
N TYR B 108 27.80 -30.05 21.64
CA TYR B 108 29.11 -30.60 21.32
C TYR B 108 29.94 -29.53 20.62
N THR B 109 29.74 -28.29 21.08
CA THR B 109 30.37 -27.09 20.54
C THR B 109 31.84 -26.98 20.98
N ASP B 110 32.52 -28.12 21.01
CA ASP B 110 33.92 -28.22 21.42
C ASP B 110 34.53 -29.47 20.79
N LYS B 111 35.81 -29.39 20.42
CA LYS B 111 36.51 -30.49 19.75
C LYS B 111 36.61 -31.79 20.56
N ASP B 112 36.80 -31.66 21.87
CA ASP B 112 37.05 -32.82 22.75
C ASP B 112 35.86 -33.80 22.83
N LYS B 113 34.68 -33.28 23.13
CA LYS B 113 33.43 -33.99 22.88
C LYS B 113 33.16 -33.82 21.38
N ALA B 114 32.02 -34.32 20.89
CA ALA B 114 31.77 -34.40 19.44
C ALA B 114 32.76 -35.38 18.80
N GLN B 115 33.89 -35.59 19.46
CA GLN B 115 34.77 -36.71 19.20
C GLN B 115 34.06 -37.98 19.68
N ALA B 116 33.04 -37.78 20.52
CA ALA B 116 32.15 -38.86 20.95
C ALA B 116 31.42 -39.46 19.75
N HIS B 117 31.23 -38.65 18.71
CA HIS B 117 30.73 -39.14 17.42
C HIS B 117 31.79 -39.97 16.71
N ILE B 118 33.05 -39.52 16.79
CA ILE B 118 34.19 -40.24 16.19
C ILE B 118 34.35 -41.62 16.84
N GLU B 119 34.21 -41.67 18.16
CA GLU B 119 34.28 -42.93 18.91
C GLU B 119 32.93 -43.66 18.96
N ALA B 120 31.94 -43.10 18.26
CA ALA B 120 30.71 -43.82 17.96
C ALA B 120 30.83 -44.49 16.60
N GLY B 121 31.95 -44.23 15.93
CA GLY B 121 32.27 -44.88 14.66
C GLY B 121 32.03 -44.01 13.43
N ALA B 122 31.83 -42.71 13.65
CA ALA B 122 31.69 -41.75 12.56
C ALA B 122 33.07 -41.27 12.11
N LYS B 123 33.22 -41.05 10.81
CA LYS B 123 34.51 -40.65 10.24
C LYS B 123 34.84 -39.19 10.52
N LYS B 124 33.85 -38.31 10.36
CA LYS B 124 34.02 -36.86 10.52
C LYS B 124 32.81 -36.20 11.18
N VAL B 125 33.04 -35.06 11.82
CA VAL B 125 31.96 -34.27 12.41
C VAL B 125 32.02 -32.83 11.91
N LEU B 126 30.85 -32.27 11.60
CA LEU B 126 30.75 -30.83 11.31
C LEU B 126 29.78 -30.19 12.31
N ILE B 127 30.33 -29.31 13.15
CA ILE B 127 29.57 -28.67 14.22
C ILE B 127 28.87 -27.41 13.69
N SER B 128 27.58 -27.30 13.99
CA SER B 128 26.74 -26.22 13.45
C SER B 128 26.90 -24.88 14.18
N ALA B 129 27.92 -24.78 15.05
CA ALA B 129 28.16 -23.56 15.82
C ALA B 129 29.65 -23.21 15.83
N PRO B 130 30.00 -22.02 16.37
CA PRO B 130 31.41 -21.79 16.68
C PRO B 130 31.85 -22.70 17.84
N ALA B 131 33.10 -23.17 17.77
CA ALA B 131 33.57 -24.19 18.72
C ALA B 131 34.93 -23.90 19.34
N THR B 132 35.20 -24.53 20.48
CA THR B 132 36.48 -24.45 21.17
C THR B 132 37.34 -25.67 20.86
N GLY B 133 38.66 -25.54 21.01
CA GLY B 133 39.57 -26.65 20.78
C GLY B 133 40.38 -26.54 19.50
N ASP B 134 41.16 -27.58 19.20
CA ASP B 134 42.08 -27.59 18.07
C ASP B 134 41.40 -28.02 16.76
N LEU B 135 40.44 -27.20 16.31
CA LEU B 135 39.69 -27.48 15.08
C LEU B 135 39.55 -26.25 14.17
N LYS B 136 39.41 -26.49 12.88
CA LYS B 136 39.26 -25.41 11.89
C LYS B 136 37.84 -24.86 11.87
N THR B 137 37.73 -23.55 11.74
CA THR B 137 36.43 -22.88 11.66
C THR B 137 36.23 -22.31 10.26
N ILE B 138 35.24 -22.83 9.55
CA ILE B 138 35.13 -22.64 8.09
C ILE B 138 33.83 -21.96 7.65
N VAL B 139 33.97 -20.76 7.08
CA VAL B 139 32.87 -20.09 6.39
C VAL B 139 33.08 -20.35 4.90
N PHE B 140 32.14 -21.07 4.29
CA PHE B 140 32.27 -21.47 2.89
C PHE B 140 32.45 -20.26 1.98
N ASN B 141 33.39 -20.39 1.05
CA ASN B 141 33.74 -19.33 0.07
C ASN B 141 34.56 -18.15 0.59
N THR B 142 34.95 -18.20 1.87
CA THR B 142 35.81 -17.17 2.45
C THR B 142 37.15 -17.78 2.89
N ASN B 143 37.08 -19.00 3.42
CA ASN B 143 38.27 -19.78 3.77
C ASN B 143 38.03 -21.29 3.72
N HIS B 144 37.11 -21.72 2.86
CA HIS B 144 36.74 -23.14 2.78
C HIS B 144 37.84 -23.97 2.10
N GLN B 145 38.70 -23.31 1.33
CA GLN B 145 39.84 -23.93 0.67
C GLN B 145 40.84 -24.51 1.68
N GLU B 146 40.81 -23.99 2.91
CA GLU B 146 41.75 -24.36 3.97
C GLU B 146 41.62 -25.81 4.49
N LEU B 147 40.59 -26.52 4.02
CA LEU B 147 40.42 -27.93 4.33
C LEU B 147 41.21 -28.78 3.35
N ASP B 148 41.82 -29.87 3.84
CA ASP B 148 42.69 -30.70 3.01
C ASP B 148 42.33 -32.19 2.99
N GLY B 149 41.64 -32.65 4.03
CA GLY B 149 41.25 -34.05 4.15
C GLY B 149 41.60 -34.68 5.49
N SER B 150 42.60 -34.12 6.17
CA SER B 150 43.07 -34.62 7.46
C SER B 150 42.11 -34.31 8.61
N GLU B 151 41.27 -33.31 8.42
CA GLU B 151 40.35 -32.84 9.46
C GLU B 151 39.34 -33.90 9.86
N THR B 152 39.15 -34.05 11.18
CA THR B 152 38.15 -34.96 11.73
C THR B 152 37.00 -34.20 12.37
N VAL B 153 37.33 -33.05 12.97
CA VAL B 153 36.33 -32.16 13.56
C VAL B 153 36.48 -30.76 12.98
N VAL B 154 35.37 -30.19 12.51
CA VAL B 154 35.37 -28.88 11.85
C VAL B 154 34.22 -28.02 12.38
N SER B 155 34.39 -26.70 12.35
CA SER B 155 33.33 -25.77 12.72
C SER B 155 32.77 -25.07 11.48
N GLY B 156 31.45 -25.04 11.38
CA GLY B 156 30.76 -24.29 10.32
C GLY B 156 30.54 -22.85 10.72
N ALA B 157 31.08 -22.46 11.87
CA ALA B 157 30.94 -21.12 12.45
C ALA B 157 29.51 -20.80 12.88
N SER B 158 29.20 -19.51 13.01
CA SER B 158 27.88 -19.06 13.43
C SER B 158 27.10 -18.48 12.25
N CYS B 159 25.81 -18.21 12.47
CA CYS B 159 24.96 -17.53 11.50
C CYS B 159 25.54 -16.16 11.13
N THR B 160 26.11 -15.49 12.15
CA THR B 160 26.64 -14.14 11.98
C THR B 160 28.01 -14.11 11.28
N THR B 161 28.94 -14.97 11.71
CA THR B 161 30.26 -15.04 11.11
C THR B 161 30.18 -15.23 9.59
N ASN B 162 29.20 -16.03 9.16
CA ASN B 162 28.95 -16.27 7.73
C ASN B 162 28.43 -15.06 6.97
N SER B 163 27.73 -14.16 7.67
CA SER B 163 27.29 -12.91 7.08
C SER B 163 28.41 -11.88 7.11
N LEU B 164 29.23 -11.94 8.16
CA LEU B 164 30.25 -10.94 8.43
C LEU B 164 31.54 -11.12 7.63
N ALA B 165 32.00 -12.37 7.53
CA ALA B 165 33.30 -12.69 6.92
C ALA B 165 33.50 -12.24 5.47
N PRO B 166 32.51 -12.51 4.58
CA PRO B 166 32.73 -12.13 3.18
C PRO B 166 32.84 -10.62 3.01
N VAL B 167 32.06 -9.87 3.79
CA VAL B 167 32.08 -8.42 3.82
C VAL B 167 33.45 -7.92 4.30
N ALA B 168 33.88 -8.44 5.45
CA ALA B 168 35.12 -8.00 6.12
C ALA B 168 36.39 -8.29 5.31
N LYS B 169 36.44 -9.46 4.67
CA LYS B 169 37.58 -9.83 3.84
C LYS B 169 37.75 -8.83 2.69
N VAL B 170 36.64 -8.47 2.06
CA VAL B 170 36.62 -7.46 1.00
C VAL B 170 37.08 -6.09 1.51
N LEU B 171 36.58 -5.70 2.69
CA LEU B 171 36.97 -4.44 3.32
C LEU B 171 38.48 -4.36 3.54
N ASN B 172 39.05 -5.43 4.09
CA ASN B 172 40.49 -5.51 4.33
C ASN B 172 41.32 -5.60 3.04
N ASP B 173 40.88 -6.46 2.12
CA ASP B 173 41.61 -6.71 0.87
C ASP B 173 41.63 -5.52 -0.09
N ASP B 174 40.58 -4.71 -0.06
CA ASP B 174 40.47 -3.58 -0.99
C ASP B 174 40.69 -2.21 -0.35
N PHE B 175 40.60 -2.13 0.97
CA PHE B 175 40.71 -0.84 1.66
C PHE B 175 41.67 -0.87 2.87
N GLY B 176 41.82 -2.04 3.48
CA GLY B 176 42.73 -2.21 4.61
C GLY B 176 42.07 -1.91 5.94
N LEU B 177 41.55 -2.97 6.58
CA LEU B 177 40.86 -2.83 7.86
C LEU B 177 41.83 -2.50 8.98
N VAL B 178 41.61 -1.34 9.61
CA VAL B 178 42.38 -0.91 10.76
C VAL B 178 41.70 -1.44 12.02
N GLU B 179 40.43 -1.05 12.18
CA GLU B 179 39.58 -1.51 13.28
C GLU B 179 38.11 -1.29 12.90
N GLY B 180 37.22 -1.98 13.61
CA GLY B 180 35.79 -1.85 13.37
C GLY B 180 34.93 -2.46 14.47
N LEU B 181 33.74 -1.90 14.65
CA LEU B 181 32.77 -2.44 15.60
C LEU B 181 31.49 -2.89 14.91
N MET B 182 31.01 -4.06 15.34
CA MET B 182 29.85 -4.71 14.72
C MET B 182 28.61 -4.64 15.63
N THR B 183 27.44 -4.64 14.99
CA THR B 183 26.16 -4.87 15.67
C THR B 183 25.22 -5.59 14.71
N THR B 184 24.74 -6.75 15.13
CA THR B 184 23.78 -7.52 14.32
C THR B 184 22.38 -7.50 14.91
N ILE B 185 21.43 -6.94 14.15
CA ILE B 185 20.02 -6.98 14.51
C ILE B 185 19.50 -8.36 14.10
N HIS B 186 19.34 -9.23 15.10
CA HIS B 186 19.14 -10.65 14.88
C HIS B 186 17.76 -11.11 15.36
N ALA B 187 17.20 -12.08 14.63
CA ALA B 187 15.94 -12.69 15.00
C ALA B 187 16.09 -13.53 16.27
N TYR B 188 15.05 -13.55 17.11
CA TYR B 188 15.08 -14.36 18.34
C TYR B 188 15.15 -15.85 18.01
N THR B 189 15.98 -16.58 18.76
CA THR B 189 16.21 -17.99 18.48
C THR B 189 15.60 -18.93 19.53
N GLY B 190 15.73 -20.24 19.28
CA GLY B 190 15.12 -21.26 20.13
C GLY B 190 15.52 -21.26 21.59
N ASP B 191 16.76 -20.82 21.88
CA ASP B 191 17.28 -20.82 23.24
C ASP B 191 16.79 -19.65 24.09
N GLN B 192 16.06 -18.72 23.47
CA GLN B 192 15.43 -17.62 24.21
C GLN B 192 14.13 -18.09 24.86
N ASN B 193 13.67 -17.34 25.85
CA ASN B 193 12.48 -17.69 26.59
C ASN B 193 11.22 -17.04 26.04
N THR B 194 10.14 -17.82 26.05
CA THR B 194 8.83 -17.38 25.59
C THR B 194 8.31 -16.21 26.44
N GLN B 195 8.55 -16.31 27.75
CA GLN B 195 8.18 -15.29 28.72
C GLN B 195 9.29 -15.16 29.75
N ASP B 196 9.33 -14.03 30.47
CA ASP B 196 10.29 -13.80 31.56
C ASP B 196 10.44 -15.02 32.45
N ALA B 197 11.53 -15.75 32.27
CA ALA B 197 11.82 -16.95 33.05
C ALA B 197 13.32 -17.06 33.28
N PRO B 198 13.73 -17.76 34.36
CA PRO B 198 15.15 -18.07 34.56
C PRO B 198 15.75 -18.72 33.31
N HIS B 199 17.01 -18.40 33.01
CA HIS B 199 17.65 -18.88 31.80
C HIS B 199 18.74 -19.91 32.10
N ARG B 200 18.81 -20.94 31.25
CA ARG B 200 19.73 -22.07 31.42
C ARG B 200 21.19 -21.68 31.61
N LYS B 201 21.68 -20.81 30.73
CA LYS B 201 23.06 -20.32 30.80
C LYS B 201 23.21 -19.08 31.71
N GLY B 202 22.22 -18.86 32.58
CA GLY B 202 22.23 -17.76 33.53
C GLY B 202 22.24 -16.37 32.92
N ASP B 203 21.81 -16.28 31.66
CA ASP B 203 21.77 -15.00 30.94
C ASP B 203 20.53 -14.21 31.37
N LYS B 204 20.74 -13.07 32.01
CA LYS B 204 19.66 -12.22 32.51
C LYS B 204 18.81 -11.60 31.41
N ARG B 205 19.43 -11.32 30.26
CA ARG B 205 18.74 -10.71 29.13
C ARG B 205 18.07 -11.73 28.21
N ARG B 206 18.71 -12.88 28.02
CA ARG B 206 18.13 -13.97 27.24
C ARG B 206 16.98 -14.66 27.99
N ALA B 207 16.84 -14.31 29.26
CA ALA B 207 15.76 -14.83 30.11
C ALA B 207 14.41 -14.21 29.77
N ARG B 208 14.45 -13.01 29.20
CA ARG B 208 13.25 -12.20 28.98
C ARG B 208 12.42 -12.68 27.77
N ALA B 209 11.14 -12.29 27.77
CA ALA B 209 10.21 -12.63 26.68
C ALA B 209 10.79 -12.27 25.32
N ALA B 210 11.02 -13.28 24.49
CA ALA B 210 11.77 -13.13 23.24
C ALA B 210 11.06 -12.29 22.18
N ALA B 211 9.73 -12.37 22.13
CA ALA B 211 8.97 -11.75 21.05
C ALA B 211 8.31 -10.42 21.43
N GLU B 212 8.72 -9.85 22.57
CA GLU B 212 8.12 -8.59 23.05
C GLU B 212 9.16 -7.52 23.37
N ASN B 213 10.44 -7.81 23.09
CA ASN B 213 11.54 -6.95 23.51
C ASN B 213 12.62 -6.72 22.45
N ILE B 214 13.31 -5.58 22.57
CA ILE B 214 14.63 -5.40 21.97
C ILE B 214 15.61 -5.89 23.03
N ILE B 215 16.32 -6.98 22.73
CA ILE B 215 17.22 -7.60 23.70
C ILE B 215 18.68 -7.56 23.22
N PRO B 216 19.53 -6.80 23.94
CA PRO B 216 20.95 -6.79 23.63
C PRO B 216 21.61 -8.07 24.12
N ASN B 217 22.35 -8.74 23.23
CA ASN B 217 23.06 -9.96 23.63
C ASN B 217 24.49 -10.05 23.11
N SER B 218 25.33 -10.70 23.90
CA SER B 218 26.74 -10.92 23.55
C SER B 218 26.89 -11.91 22.41
N THR B 219 27.88 -11.65 21.55
CA THR B 219 28.23 -12.54 20.45
C THR B 219 29.72 -12.42 20.11
N GLY B 220 30.39 -13.57 20.06
CA GLY B 220 31.83 -13.61 19.77
C GLY B 220 32.17 -13.78 18.31
N ALA B 221 31.21 -13.44 17.44
CA ALA B 221 31.39 -13.56 15.99
C ALA B 221 32.46 -12.61 15.46
N ALA B 222 32.41 -11.36 15.91
CA ALA B 222 33.38 -10.35 15.49
C ALA B 222 34.70 -10.47 16.26
N LYS B 223 34.61 -10.87 17.52
CA LYS B 223 35.78 -11.06 18.37
C LYS B 223 36.68 -12.20 17.88
N ALA B 224 36.06 -13.25 17.34
CA ALA B 224 36.77 -14.43 16.86
C ALA B 224 36.70 -14.61 15.34
N ILE B 225 36.86 -13.50 14.60
CA ILE B 225 36.88 -13.54 13.14
C ILE B 225 38.24 -14.00 12.60
N GLY B 226 39.25 -13.97 13.46
CA GLY B 226 40.61 -14.38 13.12
C GLY B 226 40.75 -15.86 12.78
N LYS B 227 39.80 -16.67 13.22
CA LYS B 227 39.76 -18.09 12.88
C LYS B 227 39.43 -18.29 11.39
N VAL B 228 38.64 -17.37 10.84
CA VAL B 228 38.21 -17.41 9.45
C VAL B 228 39.09 -16.51 8.59
N ILE B 229 39.37 -15.30 9.09
CA ILE B 229 40.26 -14.36 8.40
C ILE B 229 41.40 -13.96 9.35
N PRO B 230 42.48 -14.78 9.39
CA PRO B 230 43.64 -14.58 10.28
C PRO B 230 44.32 -13.22 10.16
N GLU B 231 44.26 -12.63 8.97
CA GLU B 231 44.92 -11.35 8.68
C GLU B 231 44.28 -10.14 9.38
N ILE B 232 43.07 -10.31 9.89
CA ILE B 232 42.38 -9.24 10.64
C ILE B 232 42.00 -9.66 12.07
N ASP B 233 42.80 -10.55 12.66
CA ASP B 233 42.57 -11.02 14.03
C ASP B 233 42.61 -9.85 15.02
N GLY B 234 41.57 -9.77 15.86
CA GLY B 234 41.50 -8.76 16.91
C GLY B 234 41.12 -7.36 16.47
N LYS B 235 40.93 -7.17 15.18
CA LYS B 235 40.57 -5.86 14.63
C LYS B 235 39.06 -5.60 14.64
N LEU B 236 38.29 -6.60 15.06
CA LEU B 236 36.83 -6.48 15.13
C LEU B 236 36.26 -6.95 16.46
N ASP B 237 35.17 -6.31 16.89
CA ASP B 237 34.38 -6.72 18.04
C ASP B 237 32.96 -6.16 17.90
N GLY B 238 32.06 -6.54 18.80
CA GLY B 238 30.71 -6.01 18.78
C GLY B 238 29.69 -6.68 19.69
N GLY B 239 28.48 -6.87 19.16
CA GLY B 239 27.37 -7.44 19.91
C GLY B 239 26.12 -7.60 19.06
N ALA B 240 25.05 -8.10 19.69
CA ALA B 240 23.80 -8.35 18.99
C ALA B 240 22.60 -7.67 19.64
N GLN B 241 21.56 -7.43 18.84
CA GLN B 241 20.27 -6.96 19.34
C GLN B 241 19.18 -7.92 18.86
N ARG B 242 18.48 -8.55 19.80
CA ARG B 242 17.49 -9.58 19.49
C ARG B 242 16.06 -9.01 19.46
N VAL B 243 15.50 -8.92 18.25
CA VAL B 243 14.19 -8.30 18.03
C VAL B 243 13.10 -9.32 17.63
N PRO B 244 11.82 -8.96 17.79
CA PRO B 244 10.72 -9.91 17.54
C PRO B 244 10.42 -10.25 16.07
N VAL B 245 11.40 -10.83 15.40
CA VAL B 245 11.18 -11.53 14.13
C VAL B 245 11.69 -12.95 14.31
N ALA B 246 11.01 -13.93 13.73
CA ALA B 246 11.32 -15.34 13.99
C ALA B 246 12.58 -15.83 13.27
N THR B 247 12.77 -15.34 12.04
CA THR B 247 14.01 -15.56 11.30
C THR B 247 14.27 -14.37 10.37
N GLY B 248 15.53 -13.94 10.30
CA GLY B 248 15.91 -12.76 9.52
C GLY B 248 16.76 -11.81 10.32
N SER B 249 17.94 -11.49 9.78
CA SER B 249 18.92 -10.69 10.51
C SER B 249 19.72 -9.77 9.60
N LEU B 250 20.23 -8.69 10.19
CA LEU B 250 21.07 -7.72 9.48
C LEU B 250 22.35 -7.46 10.27
N THR B 251 23.49 -7.64 9.61
CA THR B 251 24.78 -7.32 10.21
C THR B 251 25.25 -5.94 9.78
N GLU B 252 25.21 -5.00 10.73
CA GLU B 252 25.70 -3.63 10.49
C GLU B 252 27.13 -3.50 11.01
N LEU B 253 28.03 -3.03 10.15
CA LEU B 253 29.45 -2.96 10.46
C LEU B 253 30.05 -1.58 10.20
N THR B 254 30.61 -0.98 11.26
CA THR B 254 31.24 0.33 11.18
C THR B 254 32.76 0.18 11.36
N VAL B 255 33.50 0.56 10.32
CA VAL B 255 34.95 0.37 10.28
C VAL B 255 35.75 1.64 10.01
N VAL B 256 36.97 1.69 10.54
CA VAL B 256 37.96 2.69 10.15
C VAL B 256 38.94 2.00 9.21
N LEU B 257 39.25 2.63 8.08
CA LEU B 257 40.05 2.02 7.01
C LEU B 257 41.41 2.70 6.80
N GLU B 258 42.29 2.01 6.07
CA GLU B 258 43.61 2.53 5.73
C GLU B 258 43.58 3.46 4.53
N LYS B 259 42.80 3.12 3.51
CA LYS B 259 42.65 3.96 2.32
C LYS B 259 41.82 5.20 2.63
N GLN B 260 42.20 6.31 1.99
CA GLN B 260 41.60 7.62 2.25
C GLN B 260 40.67 8.04 1.12
N ASP B 261 39.83 9.05 1.38
CA ASP B 261 38.88 9.60 0.41
C ASP B 261 37.99 8.51 -0.23
N VAL B 262 37.49 7.60 0.59
CA VAL B 262 36.67 6.49 0.11
C VAL B 262 35.23 6.94 -0.09
N THR B 263 34.70 6.70 -1.28
CA THR B 263 33.31 7.00 -1.60
C THR B 263 32.42 5.80 -1.29
N VAL B 264 31.12 6.05 -1.17
CA VAL B 264 30.11 4.99 -1.01
C VAL B 264 30.16 4.04 -2.21
N GLU B 265 30.30 4.62 -3.40
CA GLU B 265 30.34 3.88 -4.67
C GLU B 265 31.53 2.94 -4.76
N GLN B 266 32.69 3.39 -4.28
CA GLN B 266 33.91 2.58 -4.21
C GLN B 266 33.69 1.31 -3.39
N VAL B 267 33.03 1.47 -2.24
CA VAL B 267 32.72 0.36 -1.34
C VAL B 267 31.77 -0.64 -1.99
N ASN B 268 30.63 -0.12 -2.47
CA ASN B 268 29.60 -0.95 -3.12
C ASN B 268 30.11 -1.78 -4.29
N GLU B 269 31.08 -1.22 -5.03
CA GLU B 269 31.64 -1.89 -6.20
C GLU B 269 32.64 -2.98 -5.81
N ALA B 270 33.40 -2.75 -4.75
CA ALA B 270 34.33 -3.75 -4.21
C ALA B 270 33.57 -4.97 -3.70
N MET B 271 32.42 -4.71 -3.08
CA MET B 271 31.54 -5.75 -2.57
C MET B 271 30.84 -6.51 -3.70
N LYS B 272 30.51 -5.81 -4.78
CA LYS B 272 29.83 -6.43 -5.92
C LYS B 272 30.75 -7.38 -6.68
N ASN B 273 31.97 -6.92 -6.97
CA ASN B 273 32.96 -7.74 -7.67
C ASN B 273 33.27 -9.06 -6.98
N ALA B 274 33.24 -9.05 -5.65
CA ALA B 274 33.58 -10.23 -4.86
C ALA B 274 32.40 -11.20 -4.67
N SER B 275 31.23 -10.84 -5.19
CA SER B 275 30.01 -11.64 -5.00
C SER B 275 30.04 -13.01 -5.68
N ASN B 276 29.24 -13.94 -5.14
CA ASN B 276 29.16 -15.32 -5.64
C ASN B 276 27.91 -16.05 -5.16
N GLU B 277 27.96 -17.38 -5.15
CA GLU B 277 26.86 -18.22 -4.69
C GLU B 277 26.67 -18.16 -3.16
N SER B 278 27.64 -17.59 -2.46
CA SER B 278 27.59 -17.45 -1.01
C SER B 278 27.45 -16.00 -0.53
N PHE B 279 28.11 -15.08 -1.24
CA PHE B 279 28.05 -13.66 -0.92
C PHE B 279 27.26 -12.94 -2.00
N GLY B 280 26.06 -12.50 -1.65
CA GLY B 280 25.16 -11.85 -2.60
C GLY B 280 25.23 -10.34 -2.57
N TYR B 281 24.70 -9.71 -3.62
CA TYR B 281 24.67 -8.26 -3.74
C TYR B 281 23.27 -7.79 -4.11
N THR B 282 22.79 -6.76 -3.40
CA THR B 282 21.49 -6.17 -3.71
C THR B 282 21.47 -4.64 -3.57
N GLU B 283 20.66 -4.00 -4.41
CA GLU B 283 20.39 -2.57 -4.34
C GLU B 283 18.90 -2.34 -4.17
N ASP B 284 18.18 -3.40 -3.85
CA ASP B 284 16.74 -3.31 -3.60
C ASP B 284 16.47 -2.87 -2.17
N GLU B 285 15.52 -1.95 -2.02
CA GLU B 285 15.12 -1.45 -0.71
C GLU B 285 14.29 -2.51 0.03
N ILE B 286 14.93 -3.63 0.33
CA ILE B 286 14.29 -4.78 0.95
C ILE B 286 14.22 -4.68 2.47
N VAL B 287 13.28 -5.44 3.05
CA VAL B 287 13.18 -5.58 4.51
C VAL B 287 13.49 -7.02 4.93
N SER B 288 13.41 -7.29 6.24
CA SER B 288 13.80 -8.57 6.83
C SER B 288 13.11 -9.80 6.24
N SER B 289 11.78 -9.83 6.29
CA SER B 289 10.98 -10.99 5.85
C SER B 289 11.36 -11.51 4.47
N ASP B 290 11.95 -10.63 3.66
CA ASP B 290 12.35 -10.98 2.29
C ASP B 290 13.46 -12.03 2.25
N VAL B 291 14.50 -11.84 3.07
CA VAL B 291 15.66 -12.75 3.06
C VAL B 291 15.36 -14.14 3.62
N VAL B 292 14.17 -14.32 4.21
CA VAL B 292 13.75 -15.61 4.75
C VAL B 292 13.87 -16.71 3.68
N GLY B 293 14.61 -17.76 4.02
CA GLY B 293 14.77 -18.90 3.14
C GLY B 293 15.76 -18.70 2.00
N MET B 294 16.50 -17.59 2.05
CA MET B 294 17.51 -17.34 1.01
C MET B 294 18.75 -18.19 1.26
N THR B 295 19.53 -18.41 0.19
CA THR B 295 20.63 -19.37 0.24
C THR B 295 22.03 -18.76 0.17
N TYR B 296 22.11 -17.43 0.18
CA TYR B 296 23.38 -16.74 0.35
C TYR B 296 23.77 -16.84 1.82
N GLY B 297 25.06 -16.98 2.08
CA GLY B 297 25.57 -16.83 3.43
C GLY B 297 25.41 -15.39 3.87
N SER B 298 25.55 -14.48 2.92
CA SER B 298 25.44 -13.05 3.16
C SER B 298 24.90 -12.32 1.95
N LEU B 299 24.00 -11.37 2.17
CA LEU B 299 23.53 -10.49 1.12
C LEU B 299 23.92 -9.06 1.43
N PHE B 300 24.96 -8.58 0.76
CA PHE B 300 25.36 -7.19 0.90
C PHE B 300 24.24 -6.29 0.39
N ASP B 301 23.86 -5.32 1.23
CA ASP B 301 22.82 -4.37 0.88
C ASP B 301 23.47 -3.03 0.56
N ALA B 302 23.59 -2.74 -0.73
CA ALA B 302 24.25 -1.54 -1.22
C ALA B 302 23.52 -0.24 -0.85
N THR B 303 22.22 -0.35 -0.61
CA THR B 303 21.40 0.79 -0.21
C THR B 303 21.77 1.30 1.18
N GLN B 304 22.40 0.44 1.98
CA GLN B 304 22.68 0.75 3.38
C GLN B 304 24.12 1.23 3.66
N THR B 305 24.95 1.27 2.62
CA THR B 305 26.31 1.79 2.76
C THR B 305 26.28 3.29 3.04
N ARG B 306 27.11 3.70 4.00
CA ARG B 306 27.17 5.08 4.44
C ARG B 306 28.62 5.45 4.75
N VAL B 307 29.03 6.64 4.32
CA VAL B 307 30.39 7.12 4.58
C VAL B 307 30.39 8.47 5.31
N MET B 308 30.89 8.45 6.55
CA MET B 308 31.10 9.66 7.33
C MET B 308 32.48 10.22 7.04
N SER B 309 32.56 11.52 6.78
CA SER B 309 33.82 12.18 6.51
C SER B 309 33.93 13.53 7.23
N VAL B 310 34.90 13.63 8.14
CA VAL B 310 35.23 14.89 8.81
C VAL B 310 36.71 15.19 8.53
N GLY B 311 36.94 16.16 7.65
CA GLY B 311 38.28 16.45 7.15
C GLY B 311 38.76 15.31 6.27
N ASP B 312 39.91 14.74 6.62
CA ASP B 312 40.36 13.48 6.01
C ASP B 312 40.27 12.32 6.99
N ARG B 313 39.42 12.46 8.00
CA ARG B 313 39.16 11.40 8.97
C ARG B 313 37.80 10.77 8.70
N GLN B 314 37.80 9.48 8.40
CA GLN B 314 36.63 8.80 7.86
C GLN B 314 36.07 7.66 8.72
N LEU B 315 34.75 7.50 8.66
CA LEU B 315 34.06 6.33 9.19
C LEU B 315 33.20 5.72 8.10
N VAL B 316 33.32 4.41 7.93
CA VAL B 316 32.60 3.69 6.87
C VAL B 316 31.70 2.58 7.47
N LYS B 317 30.40 2.68 7.19
CA LYS B 317 29.41 1.75 7.72
C LYS B 317 28.69 0.99 6.61
N VAL B 318 28.65 -0.34 6.74
CA VAL B 318 27.95 -1.20 5.78
C VAL B 318 27.04 -2.19 6.52
N ALA B 319 26.07 -2.75 5.79
CA ALA B 319 25.12 -3.70 6.35
C ALA B 319 24.84 -4.86 5.40
N ALA B 320 24.75 -6.07 5.95
CA ALA B 320 24.48 -7.27 5.15
C ALA B 320 23.38 -8.14 5.76
N TRP B 321 22.35 -8.40 4.97
CA TRP B 321 21.25 -9.27 5.38
C TRP B 321 21.67 -10.73 5.37
N TYR B 322 20.94 -11.54 6.14
CA TYR B 322 21.09 -13.00 6.15
C TYR B 322 19.96 -13.65 6.94
N ASP B 323 19.43 -14.73 6.39
CA ASP B 323 18.47 -15.56 7.11
C ASP B 323 19.25 -16.51 8.01
N ASN B 324 19.42 -16.11 9.27
CA ASN B 324 20.21 -16.88 10.24
C ASN B 324 19.94 -18.39 10.23
N GLU B 325 18.76 -18.77 9.75
CA GLU B 325 18.42 -20.17 9.54
C GLU B 325 18.96 -20.67 8.18
N MET B 326 18.21 -20.43 7.11
CA MET B 326 18.54 -20.99 5.78
C MET B 326 19.86 -20.49 5.19
N SER B 327 20.19 -19.23 5.44
CA SER B 327 21.46 -18.65 4.97
C SER B 327 22.67 -19.38 5.56
N TYR B 328 22.67 -19.56 6.88
CA TYR B 328 23.72 -20.30 7.56
C TYR B 328 23.68 -21.77 7.16
N THR B 329 22.47 -22.30 7.02
CA THR B 329 22.24 -23.70 6.70
C THR B 329 22.73 -24.06 5.29
N ALA B 330 22.45 -23.19 4.32
CA ALA B 330 22.93 -23.37 2.95
C ALA B 330 24.46 -23.45 2.92
N GLN B 331 25.09 -22.60 3.72
CA GLN B 331 26.55 -22.57 3.87
C GLN B 331 27.10 -23.83 4.51
N LEU B 332 26.41 -24.32 5.53
CA LEU B 332 26.83 -25.52 6.27
C LEU B 332 26.79 -26.76 5.39
N VAL B 333 25.81 -26.83 4.50
CA VAL B 333 25.67 -27.93 3.55
C VAL B 333 26.78 -27.88 2.48
N ARG B 334 27.23 -26.66 2.16
CA ARG B 334 28.33 -26.47 1.21
C ARG B 334 29.66 -26.95 1.79
N THR B 335 29.93 -26.61 3.05
CA THR B 335 31.11 -27.10 3.76
C THR B 335 31.04 -28.62 3.90
N LEU B 336 29.87 -29.12 4.31
CA LEU B 336 29.62 -30.56 4.43
C LEU B 336 29.96 -31.31 3.14
N ALA B 337 29.45 -30.81 2.02
CA ALA B 337 29.70 -31.41 0.71
C ALA B 337 31.18 -31.34 0.32
N TYR B 338 31.82 -30.20 0.58
CA TYR B 338 33.22 -29.99 0.26
C TYR B 338 34.14 -30.88 1.11
N LEU B 339 33.82 -30.99 2.39
CA LEU B 339 34.56 -31.82 3.34
C LEU B 339 34.52 -33.31 2.93
N ALA B 340 33.41 -33.72 2.32
CA ALA B 340 33.21 -35.09 1.88
C ALA B 340 33.86 -35.37 0.53
N GLU B 341 33.73 -34.43 -0.41
CA GLU B 341 34.36 -34.54 -1.73
C GLU B 341 35.88 -34.71 -1.62
N LEU B 342 36.41 -34.46 -0.42
CA LEU B 342 37.83 -34.60 -0.13
C LEU B 342 38.26 -36.04 0.19
N SER B 343 37.29 -36.95 0.25
CA SER B 343 37.57 -38.37 0.52
C SER B 343 37.29 -39.23 -0.72
N ALA C 10 1.91 -12.98 61.97
CA ALA C 10 1.90 -13.06 60.48
C ALA C 10 2.09 -14.50 60.00
N VAL C 11 1.42 -14.83 58.90
CA VAL C 11 1.47 -16.17 58.31
C VAL C 11 2.75 -16.32 57.48
N LYS C 12 3.56 -17.31 57.81
CA LYS C 12 4.81 -17.56 57.10
C LYS C 12 4.58 -18.33 55.79
N VAL C 13 4.94 -17.69 54.68
CA VAL C 13 4.72 -18.24 53.35
C VAL C 13 6.03 -18.41 52.59
N ALA C 14 6.22 -19.58 51.99
CA ALA C 14 7.34 -19.82 51.09
C ALA C 14 6.82 -20.13 49.69
N ILE C 15 7.37 -19.46 48.69
CA ILE C 15 6.94 -19.65 47.31
C ILE C 15 7.82 -20.67 46.58
N ASN C 16 7.19 -21.73 46.10
CA ASN C 16 7.89 -22.73 45.29
C ASN C 16 7.54 -22.53 43.82
N GLY C 17 8.53 -22.10 43.04
CA GLY C 17 8.32 -21.77 41.63
C GLY C 17 8.14 -20.28 41.43
N PHE C 18 9.24 -19.56 41.48
CA PHE C 18 9.27 -18.10 41.34
C PHE C 18 9.16 -17.73 39.85
N GLY C 19 8.03 -18.07 39.23
CA GLY C 19 7.82 -17.86 37.80
C GLY C 19 6.95 -16.66 37.48
N ARG C 20 6.08 -16.78 36.49
CA ARG C 20 5.16 -15.69 36.16
C ARG C 20 4.07 -15.55 37.22
N ILE C 21 3.52 -16.67 37.68
CA ILE C 21 2.54 -16.67 38.75
C ILE C 21 3.20 -16.40 40.10
N GLY C 22 4.34 -17.06 40.34
CA GLY C 22 5.08 -16.95 41.59
C GLY C 22 5.62 -15.58 41.93
N ARG C 23 6.17 -14.90 40.93
CA ARG C 23 6.76 -13.56 41.12
C ARG C 23 5.69 -12.47 41.27
N LEU C 24 4.63 -12.58 40.48
CA LEU C 24 3.50 -11.64 40.59
C LEU C 24 2.75 -11.86 41.89
N ALA C 25 2.76 -13.10 42.38
CA ALA C 25 2.22 -13.43 43.70
C ALA C 25 3.00 -12.72 44.80
N PHE C 26 4.31 -12.63 44.63
CA PHE C 26 5.17 -11.91 45.57
C PHE C 26 4.82 -10.42 45.63
N ARG C 27 4.55 -9.82 44.47
CA ARG C 27 4.13 -8.41 44.39
C ARG C 27 2.77 -8.21 45.05
N ARG C 28 1.89 -9.18 44.83
CA ARG C 28 0.52 -9.15 45.31
C ARG C 28 0.43 -9.21 46.83
N ILE C 29 1.33 -9.99 47.44
CA ILE C 29 1.36 -10.19 48.89
C ILE C 29 1.98 -9.00 49.63
N GLN C 30 2.86 -8.27 48.94
CA GLN C 30 3.52 -7.07 49.50
C GLN C 30 2.53 -6.01 50.00
N GLU C 31 1.24 -6.20 49.69
CA GLU C 31 0.18 -5.30 50.14
C GLU C 31 -0.96 -6.02 50.88
N VAL C 32 -0.73 -7.28 51.26
CA VAL C 32 -1.65 -8.02 52.12
C VAL C 32 -1.02 -8.17 53.51
N GLU C 33 -1.53 -7.38 54.46
CA GLU C 33 -1.05 -7.41 55.84
C GLU C 33 -1.36 -8.76 56.50
N GLY C 34 -0.50 -9.16 57.43
CA GLY C 34 -0.64 -10.45 58.11
C GLY C 34 -0.24 -11.61 57.22
N LEU C 35 0.45 -11.29 56.12
CA LEU C 35 0.91 -12.28 55.15
C LEU C 35 2.28 -11.83 54.67
N GLU C 36 3.30 -12.62 55.03
CA GLU C 36 4.69 -12.24 54.82
C GLU C 36 5.44 -13.35 54.08
N VAL C 37 5.99 -13.02 52.91
CA VAL C 37 6.81 -13.98 52.17
C VAL C 37 8.20 -14.03 52.80
N VAL C 38 8.57 -15.21 53.29
CA VAL C 38 9.81 -15.38 54.06
C VAL C 38 10.88 -16.19 53.31
N ALA C 39 10.43 -17.02 52.37
CA ALA C 39 11.34 -17.85 51.56
C ALA C 39 10.85 -18.02 50.12
N VAL C 40 11.78 -18.38 49.23
CA VAL C 40 11.51 -18.57 47.80
C VAL C 40 12.43 -19.68 47.25
N ASN C 41 11.86 -20.61 46.48
CA ASN C 41 12.64 -21.70 45.88
C ASN C 41 12.40 -21.87 44.38
N ASP C 42 13.48 -21.94 43.62
CA ASP C 42 13.42 -22.10 42.16
C ASP C 42 14.49 -23.06 41.65
N LEU C 43 15.20 -22.68 40.58
CA LEU C 43 16.22 -23.52 39.95
C LEU C 43 17.41 -22.67 39.48
N THR C 44 17.39 -21.39 39.84
CA THR C 44 18.38 -20.42 39.37
C THR C 44 19.02 -19.69 40.55
N ASP C 45 20.06 -18.91 40.27
CA ASP C 45 20.75 -18.15 41.32
C ASP C 45 20.06 -16.82 41.62
N ASP C 46 20.29 -16.31 42.82
CA ASP C 46 19.62 -15.10 43.36
C ASP C 46 19.79 -13.86 42.50
N ASP C 47 20.99 -13.70 41.93
CA ASP C 47 21.29 -12.62 40.99
C ASP C 47 20.23 -12.54 39.88
N MET C 48 19.74 -13.71 39.46
CA MET C 48 18.67 -13.82 38.48
C MET C 48 17.29 -13.59 39.10
N LEU C 49 17.06 -14.18 40.27
CA LEU C 49 15.77 -14.09 40.98
C LEU C 49 15.37 -12.64 41.30
N ALA C 50 16.36 -11.83 41.65
CA ALA C 50 16.15 -10.42 41.94
C ALA C 50 15.84 -9.62 40.66
N HIS C 51 16.54 -9.95 39.58
CA HIS C 51 16.40 -9.26 38.30
C HIS C 51 15.01 -9.40 37.69
N LEU C 52 14.47 -10.61 37.74
CA LEU C 52 13.13 -10.89 37.18
C LEU C 52 12.01 -10.35 38.06
N LEU C 53 12.31 -10.09 39.33
CA LEU C 53 11.37 -9.41 40.23
C LEU C 53 11.32 -7.93 39.90
N LYS C 54 12.50 -7.31 39.76
CA LYS C 54 12.63 -5.89 39.42
C LYS C 54 11.98 -5.58 38.07
N TYR C 55 12.16 -6.48 37.11
CA TYR C 55 11.75 -6.22 35.74
C TYR C 55 10.75 -7.22 35.18
N ASP C 56 9.59 -6.69 34.80
CA ASP C 56 8.58 -7.47 34.12
C ASP C 56 8.32 -6.85 32.76
N THR C 57 8.23 -7.71 31.74
CA THR C 57 8.00 -7.29 30.37
C THR C 57 6.60 -6.69 30.19
N MET C 58 5.58 -7.43 30.60
CA MET C 58 4.18 -7.00 30.44
C MET C 58 3.68 -6.19 31.63
N GLN C 59 4.01 -6.65 32.84
CA GLN C 59 3.40 -6.11 34.06
C GLN C 59 4.03 -4.78 34.52
N GLY C 60 5.35 -4.66 34.39
CA GLY C 60 6.04 -3.40 34.68
C GLY C 60 7.05 -3.44 35.82
N ARG C 61 7.94 -2.45 35.84
CA ARG C 61 8.94 -2.28 36.90
C ARG C 61 8.32 -2.37 38.29
N PHE C 62 8.73 -3.38 39.06
CA PHE C 62 8.25 -3.58 40.43
C PHE C 62 8.57 -2.35 41.30
N THR C 63 7.59 -1.92 42.09
CA THR C 63 7.66 -0.63 42.78
C THR C 63 8.54 -0.58 44.04
N GLY C 64 8.74 -1.72 44.71
CA GLY C 64 9.63 -1.79 45.86
C GLY C 64 11.10 -1.73 45.44
N GLU C 65 12.01 -1.81 46.41
CA GLU C 65 13.44 -1.87 46.08
C GLU C 65 14.11 -3.18 46.50
N VAL C 66 14.90 -3.73 45.58
CA VAL C 66 15.45 -5.08 45.72
C VAL C 66 16.98 -5.06 45.76
N GLU C 67 17.55 -5.92 46.60
CA GLU C 67 19.00 -6.13 46.66
C GLU C 67 19.34 -7.60 46.81
N VAL C 68 20.49 -8.00 46.25
CA VAL C 68 21.01 -9.35 46.43
C VAL C 68 21.84 -9.39 47.72
N VAL C 69 21.56 -10.37 48.58
CA VAL C 69 22.28 -10.52 49.84
C VAL C 69 22.84 -11.95 50.03
N ASP C 70 23.32 -12.24 51.24
CA ASP C 70 23.79 -13.57 51.59
C ASP C 70 22.61 -14.53 51.78
N GLY C 71 22.63 -15.62 51.01
CA GLY C 71 21.63 -16.69 51.11
C GLY C 71 20.21 -16.29 50.75
N GLY C 72 20.07 -15.20 50.00
CA GLY C 72 18.75 -14.71 49.59
C GLY C 72 18.81 -13.37 48.89
N PHE C 73 17.80 -12.55 49.15
CA PHE C 73 17.71 -11.19 48.63
C PHE C 73 16.76 -10.38 49.50
N ARG C 74 16.93 -9.06 49.50
CA ARG C 74 16.17 -8.17 50.38
C ARG C 74 15.20 -7.28 49.61
N VAL C 75 13.94 -7.27 50.07
CA VAL C 75 12.90 -6.45 49.46
C VAL C 75 12.27 -5.52 50.50
N ASN C 76 12.44 -4.21 50.29
CA ASN C 76 11.92 -3.17 51.19
C ASN C 76 12.30 -3.36 52.66
N GLY C 77 13.51 -3.86 52.91
CA GLY C 77 13.97 -4.12 54.27
C GLY C 77 13.72 -5.54 54.74
N LYS C 78 12.62 -6.12 54.29
CA LYS C 78 12.28 -7.51 54.60
C LYS C 78 13.19 -8.45 53.82
N GLU C 79 13.73 -9.45 54.51
CA GLU C 79 14.66 -10.40 53.90
C GLU C 79 13.98 -11.70 53.51
N VAL C 80 14.11 -12.07 52.25
CA VAL C 80 13.55 -13.31 51.73
C VAL C 80 14.65 -14.35 51.54
N LYS C 81 14.41 -15.56 52.05
CA LYS C 81 15.39 -16.64 51.94
C LYS C 81 15.31 -17.35 50.59
N SER C 82 16.45 -17.47 49.92
CA SER C 82 16.51 -18.09 48.59
C SER C 82 17.03 -19.52 48.65
N PHE C 83 16.39 -20.38 47.87
CA PHE C 83 16.77 -21.78 47.76
C PHE C 83 16.61 -22.26 46.32
N SER C 84 17.22 -23.41 45.99
CA SER C 84 17.19 -23.94 44.63
C SER C 84 17.21 -25.47 44.63
N GLU C 85 16.13 -26.07 45.12
CA GLU C 85 16.05 -27.52 45.29
C GLU C 85 14.93 -28.13 44.45
N PRO C 86 15.28 -28.78 43.32
CA PRO C 86 14.34 -29.52 42.48
C PRO C 86 13.46 -30.46 43.29
N ASP C 87 14.08 -31.24 44.17
CA ASP C 87 13.37 -32.12 45.08
C ASP C 87 12.81 -31.29 46.22
N ALA C 88 11.56 -30.86 46.06
CA ALA C 88 10.86 -30.05 47.06
C ALA C 88 10.82 -30.74 48.42
N SER C 89 11.21 -32.01 48.45
CA SER C 89 11.34 -32.79 49.67
C SER C 89 12.42 -32.25 50.60
N LYS C 90 13.54 -31.80 50.02
CA LYS C 90 14.71 -31.37 50.79
C LYS C 90 14.72 -29.88 51.18
N LEU C 91 13.53 -29.30 51.36
CA LEU C 91 13.44 -27.88 51.71
C LEU C 91 13.20 -27.66 53.20
N PRO C 92 13.95 -26.72 53.81
CA PRO C 92 13.88 -26.46 55.25
C PRO C 92 12.59 -25.75 55.69
N TRP C 93 11.44 -26.31 55.31
CA TRP C 93 10.15 -25.70 55.65
C TRP C 93 9.84 -25.75 57.14
N LYS C 94 10.34 -26.77 57.83
CA LYS C 94 10.20 -26.87 59.29
C LYS C 94 11.10 -25.85 60.00
N ASP C 95 12.35 -25.77 59.54
CA ASP C 95 13.30 -24.78 60.05
C ASP C 95 12.72 -23.37 60.06
N LEU C 96 11.96 -23.05 59.00
CA LEU C 96 11.44 -21.71 58.80
C LEU C 96 10.01 -21.52 59.30
N ASN C 97 9.39 -22.61 59.78
CA ASN C 97 8.02 -22.61 60.30
C ASN C 97 7.00 -22.13 59.26
N ILE C 98 7.17 -22.58 58.02
CA ILE C 98 6.28 -22.23 56.92
C ILE C 98 4.87 -22.72 57.21
N ASP C 99 3.91 -21.80 57.09
CA ASP C 99 2.50 -22.13 57.30
C ASP C 99 1.86 -22.60 55.99
N VAL C 100 2.10 -21.85 54.90
CA VAL C 100 1.61 -22.23 53.58
C VAL C 100 2.70 -22.10 52.53
N VAL C 101 2.80 -23.10 51.66
CA VAL C 101 3.67 -23.03 50.49
C VAL C 101 2.82 -22.72 49.26
N LEU C 102 3.12 -21.62 48.58
CA LEU C 102 2.52 -21.34 47.27
C LEU C 102 3.26 -22.10 46.17
N GLU C 103 2.59 -23.11 45.63
CA GLU C 103 3.18 -24.01 44.65
C GLU C 103 2.91 -23.56 43.23
N CYS C 104 3.96 -23.02 42.58
CA CYS C 104 3.85 -22.43 41.26
C CYS C 104 4.94 -22.91 40.30
N THR C 105 5.44 -24.12 40.50
CA THR C 105 6.43 -24.69 39.58
C THR C 105 5.75 -25.34 38.39
N GLY C 106 4.67 -26.08 38.67
CA GLY C 106 3.96 -26.86 37.66
C GLY C 106 4.24 -28.35 37.78
N PHE C 107 5.11 -28.72 38.72
CA PHE C 107 5.58 -30.10 38.85
C PHE C 107 4.99 -30.84 40.06
N TYR C 108 4.24 -30.11 40.87
CA TYR C 108 3.59 -30.67 42.06
C TYR C 108 2.08 -30.43 42.01
N THR C 109 1.54 -30.49 40.79
CA THR C 109 0.13 -30.27 40.53
C THR C 109 -0.69 -31.54 40.77
N ASP C 110 -0.62 -32.05 41.99
CA ASP C 110 -1.26 -33.30 42.40
C ASP C 110 -1.16 -33.44 43.91
N LYS C 111 -2.18 -34.05 44.52
CA LYS C 111 -2.24 -34.16 45.99
C LYS C 111 -1.08 -34.98 46.59
N ASP C 112 -0.87 -36.19 46.07
CA ASP C 112 0.20 -37.07 46.55
C ASP C 112 1.60 -36.50 46.27
N LYS C 113 1.73 -35.77 45.16
CA LYS C 113 2.97 -35.09 44.80
C LYS C 113 3.26 -33.90 45.72
N ALA C 114 2.23 -33.10 45.99
CA ALA C 114 2.36 -31.89 46.79
C ALA C 114 2.57 -32.15 48.28
N GLN C 115 2.33 -33.39 48.71
CA GLN C 115 2.54 -33.79 50.10
C GLN C 115 4.03 -33.90 50.44
N ALA C 116 4.86 -33.28 49.59
CA ALA C 116 6.30 -33.19 49.82
C ALA C 116 6.65 -31.97 50.66
N HIS C 117 5.93 -30.87 50.43
CA HIS C 117 6.08 -29.65 51.23
C HIS C 117 5.64 -29.87 52.67
N ILE C 118 4.66 -30.77 52.85
CA ILE C 118 4.19 -31.18 54.18
C ILE C 118 5.26 -32.03 54.86
N GLU C 119 5.81 -32.99 54.12
CA GLU C 119 6.94 -33.81 54.57
C GLU C 119 8.14 -32.93 54.94
N ALA C 120 8.34 -31.87 54.15
CA ALA C 120 9.44 -30.92 54.34
C ALA C 120 9.31 -30.13 55.64
N GLY C 121 8.08 -29.88 56.07
CA GLY C 121 7.83 -29.19 57.34
C GLY C 121 6.72 -28.16 57.34
N ALA C 122 6.23 -27.81 56.15
CA ALA C 122 5.16 -26.83 56.01
C ALA C 122 3.79 -27.41 56.35
N LYS C 123 2.88 -26.55 56.79
CA LYS C 123 1.55 -26.98 57.25
C LYS C 123 0.55 -27.18 56.12
N LYS C 124 0.59 -26.29 55.13
CA LYS C 124 -0.36 -26.32 54.01
C LYS C 124 0.32 -26.03 52.66
N VAL C 125 -0.36 -26.39 51.57
CA VAL C 125 0.09 -26.06 50.21
C VAL C 125 -1.09 -25.53 49.38
N LEU C 126 -0.86 -24.44 48.66
CA LEU C 126 -1.82 -23.93 47.68
C LEU C 126 -1.20 -24.01 46.29
N ILE C 127 -1.83 -24.79 45.42
CA ILE C 127 -1.31 -25.03 44.07
C ILE C 127 -1.84 -24.01 43.07
N SER C 128 -0.91 -23.28 42.44
CA SER C 128 -1.22 -22.23 41.47
C SER C 128 -1.80 -22.77 40.16
N ALA C 129 -2.29 -24.01 40.20
CA ALA C 129 -2.79 -24.68 39.01
C ALA C 129 -3.90 -25.66 39.35
N PRO C 130 -4.59 -26.22 38.34
CA PRO C 130 -5.45 -27.37 38.61
C PRO C 130 -4.60 -28.58 39.02
N ALA C 131 -5.09 -29.34 39.99
CA ALA C 131 -4.35 -30.47 40.54
C ALA C 131 -5.20 -31.73 40.63
N THR C 132 -4.60 -32.87 40.31
CA THR C 132 -5.25 -34.17 40.48
C THR C 132 -5.26 -34.55 41.96
N GLY C 133 -6.10 -35.53 42.30
CA GLY C 133 -6.22 -35.99 43.67
C GLY C 133 -7.41 -35.38 44.40
N ASP C 134 -7.75 -35.97 45.53
CA ASP C 134 -8.88 -35.55 46.36
C ASP C 134 -8.54 -34.28 47.15
N LEU C 135 -8.82 -33.13 46.54
CA LEU C 135 -8.58 -31.82 47.14
C LEU C 135 -9.53 -30.78 46.56
N LYS C 136 -9.77 -29.71 47.31
CA LYS C 136 -10.69 -28.66 46.88
C LYS C 136 -10.06 -27.71 45.86
N THR C 137 -10.77 -27.52 44.75
CA THR C 137 -10.37 -26.59 43.71
C THR C 137 -11.13 -25.28 43.94
N ILE C 138 -10.38 -24.19 44.17
CA ILE C 138 -10.98 -22.95 44.63
C ILE C 138 -10.88 -21.78 43.64
N VAL C 139 -12.03 -21.33 43.18
CA VAL C 139 -12.16 -20.03 42.53
C VAL C 139 -12.65 -19.09 43.62
N PHE C 140 -11.91 -18.00 43.85
CA PHE C 140 -12.27 -17.04 44.88
C PHE C 140 -13.58 -16.33 44.55
N ASN C 141 -14.33 -15.96 45.60
CA ASN C 141 -15.66 -15.35 45.51
C ASN C 141 -16.71 -16.17 44.77
N THR C 142 -16.37 -17.42 44.46
CA THR C 142 -17.30 -18.32 43.78
C THR C 142 -17.53 -19.59 44.61
N ASN C 143 -16.49 -20.04 45.33
CA ASN C 143 -16.61 -21.16 46.27
C ASN C 143 -15.45 -21.32 47.27
N HIS C 144 -14.79 -20.22 47.63
CA HIS C 144 -13.70 -20.28 48.62
C HIS C 144 -14.21 -20.61 50.02
N GLN C 145 -15.52 -20.44 50.20
CA GLN C 145 -16.22 -20.79 51.44
C GLN C 145 -16.17 -22.29 51.73
N GLU C 146 -15.99 -23.09 50.67
CA GLU C 146 -15.82 -24.54 50.79
C GLU C 146 -14.70 -24.94 51.74
N LEU C 147 -13.63 -24.16 51.74
CA LEU C 147 -12.52 -24.35 52.66
C LEU C 147 -12.97 -24.06 54.10
N ASP C 148 -12.86 -25.08 54.96
CA ASP C 148 -13.23 -24.94 56.36
C ASP C 148 -12.00 -24.81 57.27
N GLY C 149 -10.83 -25.10 56.71
CA GLY C 149 -9.56 -25.02 57.44
C GLY C 149 -8.86 -26.35 57.61
N SER C 150 -9.62 -27.45 57.50
CA SER C 150 -9.10 -28.80 57.69
C SER C 150 -8.22 -29.29 56.54
N GLU C 151 -8.19 -28.54 55.45
CA GLU C 151 -7.49 -28.93 54.23
C GLU C 151 -5.98 -28.86 54.40
N THR C 152 -5.28 -29.89 53.88
CA THR C 152 -3.82 -29.92 53.93
C THR C 152 -3.22 -29.45 52.60
N VAL C 153 -3.88 -29.79 51.49
CA VAL C 153 -3.46 -29.35 50.16
C VAL C 153 -4.65 -28.81 49.36
N VAL C 154 -4.46 -27.67 48.69
CA VAL C 154 -5.53 -27.00 47.94
C VAL C 154 -5.07 -26.58 46.53
N SER C 155 -6.03 -26.48 45.61
CA SER C 155 -5.78 -26.00 44.25
C SER C 155 -6.50 -24.68 44.00
N GLY C 156 -5.80 -23.75 43.36
CA GLY C 156 -6.38 -22.45 43.01
C GLY C 156 -6.99 -22.42 41.63
N ALA C 157 -7.25 -23.61 41.07
CA ALA C 157 -7.75 -23.79 39.70
C ALA C 157 -6.79 -23.21 38.66
N SER C 158 -7.29 -22.98 37.45
CA SER C 158 -6.52 -22.32 36.40
C SER C 158 -6.99 -20.88 36.20
N CYS C 159 -6.38 -20.19 35.24
CA CYS C 159 -6.77 -18.83 34.89
C CYS C 159 -8.12 -18.78 34.19
N THR C 160 -8.35 -19.75 33.30
CA THR C 160 -9.57 -19.82 32.52
C THR C 160 -10.78 -20.26 33.37
N THR C 161 -10.53 -21.13 34.34
CA THR C 161 -11.55 -21.55 35.30
C THR C 161 -11.99 -20.35 36.14
N ASN C 162 -11.03 -19.52 36.53
CA ASN C 162 -11.29 -18.30 37.29
C ASN C 162 -12.00 -17.20 36.51
N SER C 163 -11.82 -17.21 35.19
CA SER C 163 -12.56 -16.29 34.31
C SER C 163 -13.96 -16.80 34.06
N LEU C 164 -14.09 -18.12 33.96
CA LEU C 164 -15.34 -18.77 33.59
C LEU C 164 -16.35 -18.86 34.73
N ALA C 165 -15.89 -19.36 35.88
CA ALA C 165 -16.75 -19.69 37.03
C ALA C 165 -17.91 -18.71 37.31
N PRO C 166 -17.62 -17.40 37.54
CA PRO C 166 -18.70 -16.48 37.91
C PRO C 166 -19.72 -16.28 36.79
N VAL C 167 -19.23 -16.06 35.57
CA VAL C 167 -20.06 -15.92 34.38
C VAL C 167 -21.02 -17.11 34.25
N ALA C 168 -20.50 -18.30 34.50
CA ALA C 168 -21.26 -19.54 34.42
C ALA C 168 -22.33 -19.66 35.51
N LYS C 169 -21.97 -19.27 36.73
CA LYS C 169 -22.90 -19.36 37.88
C LYS C 169 -24.13 -18.47 37.68
N VAL C 170 -23.90 -17.24 37.21
CA VAL C 170 -24.97 -16.31 36.88
C VAL C 170 -25.87 -16.89 35.80
N LEU C 171 -25.26 -17.54 34.81
CA LEU C 171 -26.01 -18.15 33.71
C LEU C 171 -26.94 -19.28 34.17
N ASN C 172 -26.42 -20.17 35.02
CA ASN C 172 -27.21 -21.29 35.54
C ASN C 172 -28.27 -20.87 36.55
N ASP C 173 -27.86 -20.04 37.52
CA ASP C 173 -28.73 -19.65 38.62
C ASP C 173 -29.90 -18.76 38.20
N ASP C 174 -29.69 -17.93 37.18
CA ASP C 174 -30.70 -16.97 36.73
C ASP C 174 -31.56 -17.44 35.55
N PHE C 175 -30.96 -18.19 34.64
CA PHE C 175 -31.64 -18.62 33.42
C PHE C 175 -31.71 -20.14 33.26
N GLY C 176 -30.87 -20.85 34.02
CA GLY C 176 -30.82 -22.31 33.97
C GLY C 176 -29.93 -22.81 32.86
N LEU C 177 -28.78 -23.38 33.22
CA LEU C 177 -27.85 -23.94 32.25
C LEU C 177 -28.32 -25.32 31.78
N VAL C 178 -28.38 -25.49 30.47
CA VAL C 178 -28.77 -26.76 29.85
C VAL C 178 -27.52 -27.51 29.40
N GLU C 179 -26.69 -26.81 28.63
CA GLU C 179 -25.40 -27.30 28.13
C GLU C 179 -24.70 -26.13 27.44
N GLY C 180 -23.40 -26.27 27.18
CA GLY C 180 -22.64 -25.19 26.54
C GLY C 180 -21.23 -25.55 26.13
N LEU C 181 -20.67 -24.73 25.25
CA LEU C 181 -19.28 -24.91 24.80
C LEU C 181 -18.47 -23.62 24.91
N MET C 182 -17.15 -23.79 24.99
CA MET C 182 -16.24 -22.69 25.30
C MET C 182 -15.04 -22.62 24.35
N THR C 183 -14.72 -21.40 23.93
CA THR C 183 -13.46 -21.11 23.26
C THR C 183 -12.75 -20.02 24.06
N THR C 184 -11.50 -20.26 24.42
CA THR C 184 -10.73 -19.21 25.08
C THR C 184 -9.56 -18.72 24.24
N ILE C 185 -9.73 -17.53 23.66
CA ILE C 185 -8.66 -16.86 22.92
C ILE C 185 -7.63 -16.41 23.97
N HIS C 186 -6.57 -17.19 24.08
CA HIS C 186 -5.67 -17.12 25.23
C HIS C 186 -4.25 -16.70 24.87
N ALA C 187 -3.67 -15.85 25.72
CA ALA C 187 -2.28 -15.44 25.62
C ALA C 187 -1.33 -16.64 25.66
N TYR C 188 -0.23 -16.54 24.92
CA TYR C 188 0.78 -17.61 24.92
C TYR C 188 1.58 -17.63 26.22
N THR C 189 2.03 -18.82 26.61
CA THR C 189 2.63 -19.03 27.93
C THR C 189 3.99 -19.72 27.87
N GLY C 190 4.74 -19.64 28.98
CA GLY C 190 6.10 -20.15 29.09
C GLY C 190 6.30 -21.63 28.75
N ASP C 191 5.23 -22.41 28.85
CA ASP C 191 5.25 -23.83 28.47
C ASP C 191 5.30 -24.03 26.96
N GLN C 192 5.00 -22.97 26.21
CA GLN C 192 5.15 -22.98 24.76
C GLN C 192 6.58 -22.70 24.34
N ASN C 193 6.92 -23.07 23.10
CA ASN C 193 8.24 -22.87 22.55
C ASN C 193 8.37 -21.54 21.80
N THR C 194 9.57 -20.99 21.77
CA THR C 194 9.84 -19.77 21.02
C THR C 194 9.98 -20.09 19.54
N GLN C 195 10.66 -21.19 19.22
CA GLN C 195 10.79 -21.68 17.86
C GLN C 195 10.17 -23.07 17.71
N ASP C 196 9.74 -23.40 16.48
CA ASP C 196 9.26 -24.73 16.16
C ASP C 196 10.29 -25.76 16.58
N ALA C 197 10.04 -26.44 17.70
CA ALA C 197 11.00 -27.37 18.28
C ALA C 197 10.29 -28.52 19.00
N PRO C 198 10.96 -29.68 19.14
CA PRO C 198 10.36 -30.83 19.84
C PRO C 198 9.79 -30.43 21.19
N HIS C 199 8.59 -30.92 21.50
CA HIS C 199 7.95 -30.57 22.76
C HIS C 199 8.16 -31.60 23.86
N ARG C 200 8.50 -31.06 25.03
CA ARG C 200 8.72 -31.79 26.29
C ARG C 200 7.64 -32.85 26.58
N LYS C 201 6.38 -32.51 26.32
CA LYS C 201 5.26 -33.42 26.56
C LYS C 201 4.66 -33.95 25.25
N GLY C 202 5.36 -33.73 24.14
CA GLY C 202 4.96 -34.30 22.84
C GLY C 202 3.77 -33.66 22.16
N ASP C 203 3.38 -32.47 22.61
CA ASP C 203 2.28 -31.73 22.02
C ASP C 203 2.72 -31.05 20.73
N LYS C 204 2.24 -31.56 19.59
CA LYS C 204 2.64 -31.07 18.27
C LYS C 204 2.23 -29.62 18.02
N ARG C 205 1.21 -29.16 18.75
CA ARG C 205 0.73 -27.78 18.60
C ARG C 205 1.49 -26.78 19.46
N ARG C 206 1.76 -27.13 20.71
CA ARG C 206 2.59 -26.29 21.58
C ARG C 206 4.08 -26.38 21.21
N ALA C 207 4.43 -27.41 20.44
CA ALA C 207 5.79 -27.57 19.91
C ALA C 207 6.17 -26.44 18.96
N ARG C 208 5.18 -25.63 18.59
CA ARG C 208 5.35 -24.61 17.58
C ARG C 208 5.69 -23.23 18.14
N ALA C 209 6.33 -22.41 17.31
CA ALA C 209 6.68 -21.04 17.64
C ALA C 209 5.45 -20.28 18.14
N ALA C 210 5.45 -20.00 19.44
CA ALA C 210 4.28 -19.43 20.12
C ALA C 210 3.85 -18.07 19.59
N ALA C 211 4.82 -17.20 19.30
CA ALA C 211 4.54 -15.81 19.01
C ALA C 211 4.13 -15.50 17.57
N GLU C 212 4.03 -16.55 16.74
CA GLU C 212 3.76 -16.34 15.31
C GLU C 212 2.65 -17.21 14.76
N ASN C 213 1.79 -17.71 15.64
CA ASN C 213 0.75 -18.68 15.27
C ASN C 213 -0.56 -18.53 16.06
N ILE C 214 -1.67 -18.90 15.42
CA ILE C 214 -2.89 -19.22 16.14
C ILE C 214 -2.84 -20.72 16.41
N ILE C 215 -2.52 -21.08 17.65
CA ILE C 215 -2.37 -22.47 18.04
C ILE C 215 -3.57 -22.93 18.87
N PRO C 216 -4.37 -23.86 18.32
CA PRO C 216 -5.46 -24.42 19.11
C PRO C 216 -4.91 -25.40 20.14
N ASN C 217 -5.36 -25.29 21.38
CA ASN C 217 -4.92 -26.21 22.43
C ASN C 217 -6.03 -26.64 23.39
N SER C 218 -5.86 -27.82 23.97
CA SER C 218 -6.81 -28.40 24.90
C SER C 218 -6.74 -27.73 26.26
N THR C 219 -7.90 -27.62 26.93
CA THR C 219 -7.98 -27.01 28.26
C THR C 219 -9.13 -27.59 29.10
N GLY C 220 -8.82 -27.94 30.34
CA GLY C 220 -9.79 -28.56 31.25
C GLY C 220 -10.63 -27.58 32.06
N ALA C 221 -10.51 -26.29 31.73
CA ALA C 221 -11.24 -25.24 32.44
C ALA C 221 -12.75 -25.46 32.41
N ALA C 222 -13.29 -25.67 31.21
CA ALA C 222 -14.73 -25.88 31.02
C ALA C 222 -15.16 -27.29 31.38
N LYS C 223 -14.34 -28.27 31.00
CA LYS C 223 -14.67 -29.69 31.21
C LYS C 223 -14.85 -30.04 32.69
N ALA C 224 -13.88 -29.67 33.52
CA ALA C 224 -13.89 -30.02 34.93
C ALA C 224 -14.46 -28.90 35.83
N ILE C 225 -15.52 -28.24 35.35
CA ILE C 225 -16.14 -27.13 36.07
C ILE C 225 -17.00 -27.60 37.26
N GLY C 226 -17.38 -28.87 37.26
CA GLY C 226 -18.15 -29.46 38.36
C GLY C 226 -17.39 -29.46 39.68
N LYS C 227 -16.07 -29.28 39.60
CA LYS C 227 -15.21 -29.19 40.77
C LYS C 227 -15.47 -27.91 41.57
N VAL C 228 -15.89 -26.85 40.87
CA VAL C 228 -16.17 -25.56 41.49
C VAL C 228 -17.67 -25.33 41.60
N ILE C 229 -18.40 -25.61 40.51
CA ILE C 229 -19.85 -25.49 40.50
C ILE C 229 -20.45 -26.89 40.24
N PRO C 230 -20.69 -27.65 41.32
CA PRO C 230 -21.13 -29.06 41.24
C PRO C 230 -22.52 -29.24 40.66
N GLU C 231 -23.37 -28.22 40.77
CA GLU C 231 -24.71 -28.27 40.20
C GLU C 231 -24.71 -28.32 38.68
N ILE C 232 -23.62 -27.86 38.06
CA ILE C 232 -23.53 -27.79 36.60
C ILE C 232 -22.46 -28.70 35.98
N ASP C 233 -22.13 -29.81 36.66
CA ASP C 233 -21.11 -30.73 36.15
C ASP C 233 -21.57 -31.45 34.88
N GLY C 234 -20.63 -31.60 33.94
CA GLY C 234 -20.89 -32.27 32.67
C GLY C 234 -21.58 -31.40 31.64
N LYS C 235 -21.96 -30.20 32.05
CA LYS C 235 -22.70 -29.28 31.17
C LYS C 235 -21.80 -28.40 30.30
N LEU C 236 -20.54 -28.22 30.71
CA LEU C 236 -19.59 -27.42 29.95
C LEU C 236 -18.40 -28.21 29.40
N ASP C 237 -17.86 -27.72 28.28
CA ASP C 237 -16.75 -28.35 27.57
C ASP C 237 -16.17 -27.31 26.60
N GLY C 238 -15.01 -27.57 26.01
CA GLY C 238 -14.45 -26.66 25.01
C GLY C 238 -12.94 -26.59 24.95
N GLY C 239 -12.42 -25.66 24.15
CA GLY C 239 -10.98 -25.54 23.92
C GLY C 239 -10.41 -24.14 24.02
N ALA C 240 -9.14 -24.02 23.64
CA ALA C 240 -8.42 -22.76 23.68
C ALA C 240 -7.83 -22.41 22.32
N GLN C 241 -7.54 -21.13 22.12
CA GLN C 241 -6.81 -20.66 20.95
C GLN C 241 -5.67 -19.76 21.38
N ARG C 242 -4.46 -20.32 21.40
CA ARG C 242 -3.25 -19.58 21.77
C ARG C 242 -2.86 -18.59 20.70
N VAL C 243 -2.85 -17.31 21.05
CA VAL C 243 -2.55 -16.23 20.12
C VAL C 243 -1.39 -15.37 20.61
N PRO C 244 -0.68 -14.68 19.69
CA PRO C 244 0.53 -13.94 20.03
C PRO C 244 0.32 -12.64 20.82
N VAL C 245 -0.31 -12.73 21.99
CA VAL C 245 -0.22 -11.69 23.01
C VAL C 245 0.43 -12.33 24.23
N ALA C 246 1.35 -11.60 24.86
CA ALA C 246 2.10 -12.14 26.00
C ALA C 246 1.23 -12.33 27.24
N THR C 247 0.24 -11.46 27.41
CA THR C 247 -0.75 -11.62 28.48
C THR C 247 -2.11 -10.98 28.15
N GLY C 248 -3.16 -11.49 28.77
CA GLY C 248 -4.52 -11.07 28.46
C GLY C 248 -5.24 -12.13 27.64
N SER C 249 -6.42 -12.53 28.09
CA SER C 249 -7.19 -13.59 27.44
C SER C 249 -8.70 -13.33 27.49
N LEU C 250 -9.44 -14.03 26.63
CA LEU C 250 -10.89 -13.90 26.56
C LEU C 250 -11.57 -15.27 26.48
N THR C 251 -12.53 -15.49 27.37
CA THR C 251 -13.33 -16.72 27.37
C THR C 251 -14.65 -16.48 26.64
N GLU C 252 -14.92 -17.30 25.62
CA GLU C 252 -16.17 -17.22 24.87
C GLU C 252 -17.07 -18.40 25.21
N LEU C 253 -18.23 -18.11 25.77
CA LEU C 253 -19.17 -19.16 26.16
C LEU C 253 -20.43 -19.13 25.31
N THR C 254 -20.73 -20.25 24.67
CA THR C 254 -21.93 -20.42 23.85
C THR C 254 -22.85 -21.43 24.52
N VAL C 255 -23.90 -20.94 25.16
CA VAL C 255 -24.76 -21.79 25.98
C VAL C 255 -26.22 -21.86 25.53
N VAL C 256 -26.86 -22.99 25.84
CA VAL C 256 -28.30 -23.13 25.73
C VAL C 256 -28.88 -22.98 27.13
N LEU C 257 -29.91 -22.15 27.26
CA LEU C 257 -30.52 -21.86 28.56
C LEU C 257 -31.96 -22.35 28.68
N GLU C 258 -32.43 -22.53 29.91
CA GLU C 258 -33.78 -23.04 30.18
C GLU C 258 -34.88 -22.00 29.95
N LYS C 259 -34.66 -20.78 30.44
CA LYS C 259 -35.61 -19.68 30.31
C LYS C 259 -35.80 -19.31 28.84
N GLN C 260 -37.00 -18.86 28.50
CA GLN C 260 -37.35 -18.56 27.10
C GLN C 260 -37.46 -17.07 26.83
N ASP C 261 -37.46 -16.72 25.54
CA ASP C 261 -37.58 -15.34 25.07
C ASP C 261 -36.53 -14.41 25.70
N VAL C 262 -35.32 -14.93 25.84
CA VAL C 262 -34.23 -14.26 26.57
C VAL C 262 -33.71 -13.04 25.81
N THR C 263 -33.61 -11.92 26.52
CA THR C 263 -33.03 -10.70 25.97
C THR C 263 -31.58 -10.53 26.40
N VAL C 264 -30.78 -9.94 25.51
CA VAL C 264 -29.38 -9.58 25.80
C VAL C 264 -29.31 -8.70 27.05
N GLU C 265 -30.26 -7.77 27.14
CA GLU C 265 -30.32 -6.77 28.21
C GLU C 265 -30.67 -7.39 29.57
N GLN C 266 -31.35 -8.54 29.55
CA GLN C 266 -31.57 -9.36 30.75
C GLN C 266 -30.24 -9.90 31.25
N VAL C 267 -29.45 -10.42 30.32
CA VAL C 267 -28.17 -11.07 30.63
C VAL C 267 -27.17 -10.10 31.25
N ASN C 268 -26.98 -8.94 30.61
CA ASN C 268 -26.06 -7.92 31.10
C ASN C 268 -26.44 -7.39 32.48
N GLU C 269 -27.74 -7.16 32.69
CA GLU C 269 -28.23 -6.66 33.98
C GLU C 269 -28.00 -7.69 35.08
N ALA C 270 -28.22 -8.96 34.77
CA ALA C 270 -28.00 -10.06 35.71
C ALA C 270 -26.52 -10.23 36.05
N MET C 271 -25.65 -9.80 35.13
CA MET C 271 -24.20 -9.89 35.30
C MET C 271 -23.63 -8.70 36.06
N LYS C 272 -24.25 -7.53 35.89
CA LYS C 272 -23.88 -6.33 36.63
C LYS C 272 -24.28 -6.48 38.11
N ASN C 273 -25.32 -7.27 38.35
CA ASN C 273 -25.81 -7.53 39.70
C ASN C 273 -24.89 -8.43 40.53
N ALA C 274 -24.17 -9.34 39.86
CA ALA C 274 -23.29 -10.30 40.54
C ALA C 274 -21.83 -9.85 40.56
N SER C 275 -21.59 -8.60 40.18
CA SER C 275 -20.24 -8.05 40.10
C SER C 275 -19.67 -7.72 41.48
N ASN C 276 -18.36 -7.91 41.65
CA ASN C 276 -17.68 -7.72 42.93
C ASN C 276 -16.19 -7.41 42.77
N GLU C 277 -15.38 -7.77 43.77
CA GLU C 277 -13.93 -7.57 43.71
C GLU C 277 -13.27 -8.53 42.72
N SER C 278 -13.86 -9.71 42.57
CA SER C 278 -13.35 -10.74 41.67
C SER C 278 -13.97 -10.67 40.28
N PHE C 279 -15.24 -10.32 40.20
CA PHE C 279 -15.99 -10.37 38.96
C PHE C 279 -16.43 -8.99 38.48
N GLY C 280 -15.58 -8.35 37.67
CA GLY C 280 -15.86 -7.01 37.14
C GLY C 280 -16.88 -7.00 36.02
N TYR C 281 -17.38 -5.81 35.70
CA TYR C 281 -18.38 -5.62 34.65
C TYR C 281 -18.06 -4.35 33.84
N THR C 282 -17.94 -4.50 32.52
CA THR C 282 -17.63 -3.37 31.64
C THR C 282 -18.59 -3.26 30.46
N GLU C 283 -18.83 -2.02 30.03
CA GLU C 283 -19.60 -1.74 28.82
C GLU C 283 -18.77 -0.97 27.78
N ASP C 284 -17.53 -0.66 28.13
CA ASP C 284 -16.58 -0.05 27.20
C ASP C 284 -16.06 -1.10 26.22
N GLU C 285 -15.84 -0.69 24.97
CA GLU C 285 -15.36 -1.58 23.92
C GLU C 285 -13.84 -1.79 24.03
N ILE C 286 -13.43 -2.54 25.06
CA ILE C 286 -12.01 -2.75 25.36
C ILE C 286 -11.38 -3.91 24.56
N VAL C 287 -10.06 -4.01 24.64
CA VAL C 287 -9.28 -5.04 23.97
C VAL C 287 -8.35 -5.75 24.96
N SER C 288 -7.63 -6.78 24.48
CA SER C 288 -6.74 -7.59 25.31
C SER C 288 -5.88 -6.81 26.31
N SER C 289 -5.16 -5.80 25.81
CA SER C 289 -4.18 -5.08 26.61
C SER C 289 -4.76 -4.20 27.73
N ASP C 290 -6.05 -3.88 27.62
CA ASP C 290 -6.73 -3.07 28.62
C ASP C 290 -6.97 -3.81 29.95
N VAL C 291 -6.60 -5.09 29.99
CA VAL C 291 -6.78 -5.88 31.21
C VAL C 291 -5.46 -6.37 31.82
N VAL C 292 -4.34 -5.96 31.23
CA VAL C 292 -3.01 -6.31 31.74
C VAL C 292 -2.80 -5.71 33.13
N GLY C 293 -2.82 -6.57 34.15
CA GLY C 293 -2.61 -6.14 35.52
C GLY C 293 -3.89 -5.86 36.29
N MET C 294 -5.04 -6.13 35.67
CA MET C 294 -6.32 -5.94 36.36
C MET C 294 -6.49 -6.99 37.45
N THR C 295 -7.05 -6.56 38.58
CA THR C 295 -7.16 -7.43 39.74
C THR C 295 -8.51 -8.15 39.84
N TYR C 296 -9.37 -7.92 38.85
CA TYR C 296 -10.56 -8.75 38.66
C TYR C 296 -10.12 -10.12 38.17
N GLY C 297 -10.64 -11.17 38.79
CA GLY C 297 -10.42 -12.53 38.31
C GLY C 297 -11.12 -12.76 36.99
N SER C 298 -12.18 -12.00 36.77
CA SER C 298 -12.95 -12.03 35.53
C SER C 298 -13.62 -10.67 35.32
N LEU C 299 -13.68 -10.24 34.06
CA LEU C 299 -14.36 -9.01 33.69
C LEU C 299 -15.35 -9.28 32.56
N PHE C 300 -16.64 -9.20 32.88
CA PHE C 300 -17.70 -9.47 31.93
C PHE C 300 -17.86 -8.32 30.95
N ASP C 301 -17.57 -8.59 29.67
CA ASP C 301 -17.78 -7.60 28.62
C ASP C 301 -19.22 -7.68 28.12
N ALA C 302 -19.98 -6.62 28.41
CA ALA C 302 -21.41 -6.56 28.09
C ALA C 302 -21.68 -6.20 26.64
N THR C 303 -20.66 -5.73 25.92
CA THR C 303 -20.76 -5.43 24.49
C THR C 303 -20.75 -6.71 23.66
N GLN C 304 -20.24 -7.78 24.27
CA GLN C 304 -20.02 -9.04 23.56
C GLN C 304 -21.15 -10.05 23.72
N THR C 305 -22.09 -9.73 24.63
CA THR C 305 -23.31 -10.53 24.78
C THR C 305 -24.10 -10.53 23.48
N ARG C 306 -24.39 -11.73 22.99
CA ARG C 306 -25.10 -11.91 21.73
C ARG C 306 -26.11 -13.04 21.89
N VAL C 307 -27.30 -12.86 21.33
CA VAL C 307 -28.38 -13.85 21.49
C VAL C 307 -29.02 -14.20 20.14
N MET C 308 -28.98 -15.49 19.81
CA MET C 308 -29.58 -16.00 18.58
C MET C 308 -30.92 -16.68 18.88
N SER C 309 -31.94 -16.31 18.12
CA SER C 309 -33.27 -16.91 18.25
C SER C 309 -33.87 -17.22 16.88
N VAL C 310 -34.11 -18.51 16.64
CA VAL C 310 -34.85 -18.94 15.45
C VAL C 310 -36.17 -19.54 15.92
N GLY C 311 -37.21 -18.71 15.93
CA GLY C 311 -38.50 -19.09 16.49
C GLY C 311 -38.43 -19.13 18.00
N ASP C 312 -38.67 -20.32 18.56
CA ASP C 312 -38.62 -20.52 20.01
C ASP C 312 -37.27 -21.06 20.51
N ARG C 313 -36.35 -21.33 19.58
CA ARG C 313 -35.05 -21.91 19.93
C ARG C 313 -33.92 -20.88 19.92
N GLN C 314 -33.17 -20.84 21.02
CA GLN C 314 -32.18 -19.79 21.25
C GLN C 314 -30.76 -20.30 21.52
N LEU C 315 -29.77 -19.52 21.10
CA LEU C 315 -28.37 -19.73 21.47
C LEU C 315 -27.79 -18.44 22.04
N VAL C 316 -27.31 -18.50 23.27
CA VAL C 316 -26.76 -17.33 23.96
C VAL C 316 -25.22 -17.42 24.03
N LYS C 317 -24.56 -16.32 23.71
CA LYS C 317 -23.10 -16.22 23.78
C LYS C 317 -22.66 -15.01 24.61
N VAL C 318 -21.68 -15.24 25.48
CA VAL C 318 -21.04 -14.18 26.26
C VAL C 318 -19.51 -14.32 26.26
N ALA C 319 -18.83 -13.21 26.55
CA ALA C 319 -17.36 -13.20 26.59
C ALA C 319 -16.82 -12.46 27.81
N ALA C 320 -15.86 -13.08 28.49
CA ALA C 320 -15.25 -12.51 29.68
C ALA C 320 -13.74 -12.34 29.53
N TRP C 321 -13.25 -11.12 29.80
CA TRP C 321 -11.83 -10.80 29.74
C TRP C 321 -11.11 -11.24 31.01
N TYR C 322 -9.83 -11.61 30.87
CA TYR C 322 -9.00 -11.94 32.03
C TYR C 322 -7.49 -11.91 31.75
N ASP C 323 -6.77 -11.20 32.62
CA ASP C 323 -5.31 -11.29 32.61
C ASP C 323 -4.92 -12.61 33.25
N ASN C 324 -4.61 -13.59 32.41
CA ASN C 324 -4.24 -14.92 32.89
C ASN C 324 -3.10 -14.92 33.91
N GLU C 325 -2.27 -13.87 33.87
CA GLU C 325 -1.19 -13.70 34.85
C GLU C 325 -1.72 -13.04 36.13
N MET C 326 -2.15 -11.78 36.03
CA MET C 326 -2.54 -11.00 37.20
C MET C 326 -3.95 -11.28 37.73
N SER C 327 -4.90 -11.46 36.82
CA SER C 327 -6.27 -11.83 37.20
C SER C 327 -6.27 -13.13 38.00
N TYR C 328 -5.45 -14.09 37.58
CA TYR C 328 -5.29 -15.33 38.32
C TYR C 328 -4.60 -15.12 39.66
N THR C 329 -3.50 -14.37 39.64
CA THR C 329 -2.70 -14.10 40.83
C THR C 329 -3.51 -13.42 41.93
N ALA C 330 -4.21 -12.34 41.57
CA ALA C 330 -5.10 -11.64 42.49
C ALA C 330 -6.04 -12.63 43.17
N GLN C 331 -6.66 -13.49 42.37
CA GLN C 331 -7.54 -14.56 42.86
C GLN C 331 -6.82 -15.58 43.74
N LEU C 332 -5.60 -15.95 43.33
CA LEU C 332 -4.80 -16.94 44.05
C LEU C 332 -4.35 -16.43 45.42
N VAL C 333 -3.91 -15.17 45.45
CA VAL C 333 -3.49 -14.52 46.69
C VAL C 333 -4.70 -14.22 47.58
N ARG C 334 -5.82 -13.86 46.95
CA ARG C 334 -7.11 -13.71 47.64
C ARG C 334 -7.46 -14.98 48.40
N THR C 335 -7.36 -16.11 47.70
CA THR C 335 -7.63 -17.43 48.27
C THR C 335 -6.63 -17.78 49.37
N LEU C 336 -5.37 -17.38 49.16
CA LEU C 336 -4.30 -17.63 50.14
C LEU C 336 -4.59 -16.99 51.50
N ALA C 337 -5.05 -15.74 51.48
CA ALA C 337 -5.36 -15.00 52.71
C ALA C 337 -6.51 -15.61 53.51
N TYR C 338 -7.58 -15.98 52.82
CA TYR C 338 -8.75 -16.62 53.44
C TYR C 338 -8.37 -17.99 54.02
N LEU C 339 -7.64 -18.79 53.23
CA LEU C 339 -7.11 -20.08 53.67
C LEU C 339 -6.16 -19.92 54.86
N ALA C 340 -5.49 -18.76 54.93
CA ALA C 340 -4.56 -18.46 56.02
C ALA C 340 -5.25 -18.00 57.31
N GLU C 341 -6.29 -17.17 57.17
CA GLU C 341 -7.02 -16.65 58.33
C GLU C 341 -7.88 -17.72 59.01
N LEU C 342 -7.98 -18.91 58.39
CA LEU C 342 -8.65 -20.06 58.99
C LEU C 342 -7.63 -20.96 59.71
N SER C 343 -6.76 -20.33 60.48
CA SER C 343 -5.73 -21.03 61.26
C SER C 343 -5.74 -20.58 62.72
N ALA D 10 -2.97 29.42 36.04
CA ALA D 10 -2.28 28.47 35.11
C ALA D 10 -2.25 29.01 33.68
N VAL D 11 -1.17 28.73 32.95
CA VAL D 11 -1.09 29.11 31.54
C VAL D 11 -1.92 28.15 30.69
N LYS D 12 -2.76 28.72 29.83
CA LYS D 12 -3.75 27.94 29.07
C LYS D 12 -3.13 27.30 27.83
N VAL D 13 -2.97 25.97 27.88
CA VAL D 13 -2.37 25.22 26.78
C VAL D 13 -3.44 24.57 25.89
N ALA D 14 -3.11 24.39 24.62
CA ALA D 14 -4.00 23.75 23.64
C ALA D 14 -3.27 22.72 22.80
N ILE D 15 -3.85 21.52 22.69
CA ILE D 15 -3.22 20.42 21.97
C ILE D 15 -3.83 20.22 20.59
N ASN D 16 -2.97 20.26 19.57
CA ASN D 16 -3.36 19.97 18.20
C ASN D 16 -2.85 18.59 17.81
N GLY D 17 -3.76 17.73 17.35
CA GLY D 17 -3.40 16.34 17.06
C GLY D 17 -3.30 15.54 18.33
N PHE D 18 -4.46 15.15 18.86
CA PHE D 18 -4.56 14.38 20.08
C PHE D 18 -4.26 12.90 19.81
N GLY D 19 -3.08 12.66 19.25
CA GLY D 19 -2.64 11.30 18.92
C GLY D 19 -1.70 10.74 19.97
N ARG D 20 -0.75 9.92 19.53
CA ARG D 20 0.15 9.23 20.46
C ARG D 20 0.86 10.17 21.44
N ILE D 21 1.49 11.21 20.94
CA ILE D 21 2.18 12.19 21.79
C ILE D 21 1.18 13.14 22.48
N GLY D 22 0.23 13.65 21.70
CA GLY D 22 -0.78 14.58 22.21
C GLY D 22 -1.51 14.08 23.45
N ARG D 23 -1.91 12.82 23.43
CA ARG D 23 -2.59 12.19 24.57
C ARG D 23 -1.65 11.95 25.73
N LEU D 24 -0.43 11.51 25.44
CA LEU D 24 0.60 11.31 26.47
C LEU D 24 0.96 12.65 27.12
N ALA D 25 1.03 13.69 26.30
CA ALA D 25 1.27 15.06 26.77
C ALA D 25 0.14 15.51 27.68
N PHE D 26 -1.11 15.25 27.26
CA PHE D 26 -2.28 15.55 28.08
C PHE D 26 -2.16 14.92 29.47
N ARG D 27 -1.77 13.64 29.50
CA ARG D 27 -1.57 12.90 30.76
C ARG D 27 -0.48 13.54 31.61
N ARG D 28 0.64 13.86 30.98
CA ARG D 28 1.82 14.41 31.64
C ARG D 28 1.54 15.79 32.25
N ILE D 29 0.73 16.58 31.55
CA ILE D 29 0.37 17.93 31.98
C ILE D 29 -0.57 17.93 33.20
N GLN D 30 -1.19 16.78 33.47
CA GLN D 30 -2.08 16.64 34.63
C GLN D 30 -1.41 17.06 35.95
N GLU D 31 -0.20 16.59 36.19
CA GLU D 31 0.47 16.77 37.48
C GLU D 31 1.34 18.04 37.59
N VAL D 32 1.28 18.91 36.59
CA VAL D 32 2.00 20.19 36.66
C VAL D 32 1.08 21.41 36.70
N GLU D 33 1.09 22.10 37.85
CA GLU D 33 0.37 23.35 38.03
C GLU D 33 1.02 24.48 37.23
N GLY D 34 0.25 25.53 36.97
CA GLY D 34 0.70 26.61 36.09
C GLY D 34 0.66 26.16 34.65
N LEU D 35 -0.06 25.06 34.40
CA LEU D 35 -0.15 24.44 33.09
C LEU D 35 -1.44 23.63 32.98
N GLU D 36 -2.40 24.17 32.24
CA GLU D 36 -3.74 23.60 32.11
C GLU D 36 -4.16 23.52 30.64
N VAL D 37 -4.56 22.33 30.21
CA VAL D 37 -5.06 22.12 28.85
C VAL D 37 -6.56 22.42 28.80
N VAL D 38 -6.93 23.39 27.96
CA VAL D 38 -8.33 23.81 27.87
C VAL D 38 -9.02 23.36 26.58
N ALA D 39 -8.23 23.08 25.54
CA ALA D 39 -8.77 22.71 24.23
C ALA D 39 -7.94 21.65 23.51
N VAL D 40 -8.59 20.91 22.62
CA VAL D 40 -7.97 19.84 21.84
C VAL D 40 -8.57 19.79 20.44
N ASN D 41 -7.72 19.90 19.41
CA ASN D 41 -8.16 19.77 18.02
C ASN D 41 -7.66 18.48 17.38
N ASP D 42 -8.57 17.78 16.69
CA ASP D 42 -8.23 16.54 15.98
C ASP D 42 -9.14 16.35 14.76
N LEU D 43 -9.29 15.10 14.31
CA LEU D 43 -10.06 14.79 13.09
C LEU D 43 -11.11 13.71 13.33
N THR D 44 -11.69 13.70 14.53
CA THR D 44 -12.54 12.60 14.98
C THR D 44 -13.56 13.03 16.04
N ASP D 45 -14.53 12.15 16.32
CA ASP D 45 -15.57 12.43 17.30
C ASP D 45 -15.05 12.45 18.74
N ASP D 46 -15.81 13.11 19.62
CA ASP D 46 -15.48 13.21 21.04
C ASP D 46 -15.62 11.87 21.77
N ASP D 47 -16.36 10.95 21.15
CA ASP D 47 -16.55 9.59 21.69
C ASP D 47 -15.27 8.78 21.53
N MET D 48 -14.59 8.99 20.41
CA MET D 48 -13.33 8.32 20.08
C MET D 48 -12.14 8.96 20.82
N LEU D 49 -12.10 10.30 20.82
CA LEU D 49 -11.06 11.07 21.49
C LEU D 49 -10.94 10.68 22.97
N ALA D 50 -12.08 10.56 23.63
CA ALA D 50 -12.13 10.18 25.04
C ALA D 50 -11.77 8.72 25.26
N HIS D 51 -12.02 7.87 24.26
CA HIS D 51 -11.72 6.45 24.35
C HIS D 51 -10.23 6.17 24.36
N LEU D 52 -9.50 6.86 23.48
CA LEU D 52 -8.06 6.67 23.33
C LEU D 52 -7.27 7.34 24.44
N LEU D 53 -7.91 8.31 25.11
CA LEU D 53 -7.35 8.91 26.31
C LEU D 53 -7.53 7.96 27.49
N LYS D 54 -8.72 7.36 27.57
CA LYS D 54 -9.04 6.37 28.61
C LYS D 54 -8.12 5.15 28.55
N TYR D 55 -8.00 4.56 27.36
CA TYR D 55 -7.27 3.30 27.19
C TYR D 55 -6.03 3.42 26.34
N ASP D 56 -4.96 2.72 26.75
CA ASP D 56 -3.68 2.79 26.06
C ASP D 56 -3.01 1.41 25.99
N THR D 57 -2.68 0.99 24.76
CA THR D 57 -2.09 -0.32 24.51
C THR D 57 -0.82 -0.57 25.32
N MET D 58 0.16 0.31 25.19
CA MET D 58 1.43 0.15 25.89
C MET D 58 1.50 0.87 27.23
N GLN D 59 0.82 2.01 27.33
CA GLN D 59 0.92 2.86 28.52
C GLN D 59 -0.15 2.60 29.60
N GLY D 60 -1.14 1.77 29.28
CA GLY D 60 -2.20 1.41 30.24
C GLY D 60 -3.26 2.48 30.41
N ARG D 61 -4.36 2.13 31.09
CA ARG D 61 -5.49 3.06 31.26
C ARG D 61 -5.14 4.36 32.00
N PHE D 62 -5.82 5.45 31.63
CA PHE D 62 -5.64 6.78 32.21
C PHE D 62 -6.09 6.80 33.68
N THR D 63 -5.29 7.44 34.54
CA THR D 63 -5.49 7.38 35.99
C THR D 63 -6.75 8.08 36.50
N GLY D 64 -7.14 9.19 35.89
CA GLY D 64 -8.38 9.87 36.27
C GLY D 64 -9.62 9.22 35.67
N GLU D 65 -10.76 9.90 35.78
CA GLU D 65 -11.98 9.44 35.14
C GLU D 65 -12.44 10.40 34.04
N VAL D 66 -13.03 9.85 32.98
CA VAL D 66 -13.40 10.62 31.79
C VAL D 66 -14.88 10.51 31.45
N GLU D 67 -15.57 11.65 31.43
CA GLU D 67 -16.95 11.75 30.97
C GLU D 67 -16.95 12.35 29.57
N VAL D 68 -17.98 12.04 28.78
CA VAL D 68 -18.16 12.69 27.48
C VAL D 68 -19.30 13.71 27.58
N VAL D 69 -19.06 14.92 27.09
CA VAL D 69 -19.95 16.06 27.31
C VAL D 69 -20.26 16.81 26.00
N ASP D 70 -21.20 17.76 26.07
CA ASP D 70 -21.56 18.62 24.95
C ASP D 70 -20.39 19.57 24.63
N GLY D 71 -19.91 19.49 23.39
CA GLY D 71 -18.85 20.40 22.92
C GLY D 71 -17.43 20.00 23.27
N GLY D 72 -17.29 18.95 24.08
CA GLY D 72 -15.97 18.45 24.46
C GLY D 72 -16.02 17.18 25.29
N PHE D 73 -15.12 17.07 26.26
CA PHE D 73 -15.16 16.00 27.27
C PHE D 73 -14.63 16.51 28.61
N ARG D 74 -15.03 15.83 29.69
CA ARG D 74 -14.74 16.29 31.04
C ARG D 74 -13.83 15.31 31.78
N VAL D 75 -12.62 15.76 32.11
CA VAL D 75 -11.66 14.93 32.84
C VAL D 75 -11.56 15.34 34.30
N ASN D 76 -11.91 14.40 35.19
CA ASN D 76 -11.92 14.62 36.65
C ASN D 76 -12.70 15.87 37.11
N GLY D 77 -13.69 16.29 36.31
CA GLY D 77 -14.47 17.48 36.62
C GLY D 77 -14.07 18.69 35.79
N LYS D 78 -12.81 18.74 35.37
CA LYS D 78 -12.30 19.85 34.57
C LYS D 78 -12.78 19.77 33.13
N GLU D 79 -13.31 20.89 32.63
CA GLU D 79 -13.89 20.98 31.29
C GLU D 79 -12.80 21.09 30.23
N VAL D 80 -12.83 20.17 29.27
CA VAL D 80 -11.94 20.23 28.11
C VAL D 80 -12.77 20.28 26.83
N LYS D 81 -12.85 21.47 26.24
CA LYS D 81 -13.53 21.64 24.95
C LYS D 81 -12.70 21.01 23.85
N SER D 82 -13.36 20.54 22.79
CA SER D 82 -12.65 19.86 21.70
C SER D 82 -13.18 20.22 20.32
N PHE D 83 -12.26 20.31 19.36
CA PHE D 83 -12.59 20.75 18.01
C PHE D 83 -12.12 19.74 16.95
N SER D 84 -12.82 19.73 15.82
CA SER D 84 -12.58 18.79 14.75
C SER D 84 -12.27 19.52 13.44
N GLU D 85 -11.39 20.51 13.52
CA GLU D 85 -11.06 21.36 12.39
C GLU D 85 -9.68 21.04 11.82
N PRO D 86 -9.64 20.50 10.58
CA PRO D 86 -8.39 20.16 9.90
C PRO D 86 -7.47 21.36 9.66
N ASP D 87 -8.06 22.50 9.28
CA ASP D 87 -7.31 23.73 9.05
C ASP D 87 -7.04 24.43 10.38
N ALA D 88 -5.77 24.80 10.61
CA ALA D 88 -5.35 25.39 11.88
C ALA D 88 -5.80 26.83 12.08
N SER D 89 -6.10 27.54 10.99
CA SER D 89 -6.50 28.95 11.05
C SER D 89 -7.92 29.16 11.56
N LYS D 90 -8.81 28.22 11.21
CA LYS D 90 -10.23 28.32 11.57
C LYS D 90 -10.49 28.00 13.04
N LEU D 91 -9.42 27.98 13.84
CA LEU D 91 -9.50 27.58 15.25
C LEU D 91 -9.68 28.76 16.21
N PRO D 92 -10.52 28.58 17.25
CA PRO D 92 -10.88 29.67 18.14
C PRO D 92 -9.92 29.84 19.32
N TRP D 93 -8.64 30.08 19.02
CA TRP D 93 -7.65 30.36 20.07
C TRP D 93 -7.92 31.71 20.72
N LYS D 94 -8.40 32.65 19.91
CA LYS D 94 -8.56 34.05 20.29
C LYS D 94 -9.44 34.23 21.54
N ASP D 95 -10.70 33.79 21.44
CA ASP D 95 -11.65 33.93 22.54
C ASP D 95 -11.47 32.85 23.63
N LEU D 96 -10.56 31.92 23.37
CA LEU D 96 -10.16 30.92 24.37
C LEU D 96 -8.90 31.33 25.11
N ASN D 97 -8.22 32.35 24.58
CA ASN D 97 -7.00 32.92 25.18
C ASN D 97 -5.88 31.88 25.31
N ILE D 98 -5.56 31.23 24.19
CA ILE D 98 -4.55 30.19 24.17
C ILE D 98 -3.15 30.78 24.31
N ASP D 99 -2.45 30.36 25.37
CA ASP D 99 -1.11 30.84 25.64
C ASP D 99 -0.08 30.06 24.82
N VAL D 100 -0.18 28.73 24.83
CA VAL D 100 0.72 27.88 24.03
C VAL D 100 -0.05 26.80 23.27
N VAL D 101 0.39 26.51 22.06
CA VAL D 101 -0.13 25.40 21.27
C VAL D 101 0.90 24.28 21.20
N LEU D 102 0.45 23.05 21.48
CA LEU D 102 1.24 21.87 21.17
C LEU D 102 0.90 21.38 19.77
N GLU D 103 1.89 21.44 18.88
CA GLU D 103 1.72 20.98 17.52
C GLU D 103 2.13 19.52 17.41
N CYS D 104 1.15 18.62 17.49
CA CYS D 104 1.39 17.19 17.58
C CYS D 104 0.70 16.37 16.47
N THR D 105 0.38 17.04 15.36
CA THR D 105 -0.22 16.36 14.21
C THR D 105 0.85 15.82 13.27
N GLY D 106 1.85 16.65 13.01
CA GLY D 106 2.91 16.29 12.06
C GLY D 106 2.70 16.88 10.68
N PHE D 107 1.73 17.78 10.55
CA PHE D 107 1.49 18.46 9.28
C PHE D 107 1.98 19.91 9.32
N TYR D 108 2.13 20.44 10.53
CA TYR D 108 2.63 21.80 10.72
C TYR D 108 4.03 21.77 11.34
N THR D 109 4.92 21.01 10.71
CA THR D 109 6.31 20.85 11.18
C THR D 109 7.25 21.85 10.51
N ASP D 110 6.78 23.09 10.41
CA ASP D 110 7.52 24.18 9.77
C ASP D 110 7.20 25.49 10.48
N LYS D 111 8.22 26.32 10.69
CA LYS D 111 8.05 27.62 11.34
C LYS D 111 6.94 28.45 10.68
N ASP D 112 6.94 28.43 9.34
CA ASP D 112 5.93 29.15 8.55
C ASP D 112 4.56 28.50 8.64
N LYS D 113 4.48 27.22 8.33
CA LYS D 113 3.21 26.47 8.31
C LYS D 113 2.49 26.51 9.66
N ALA D 114 3.26 26.47 10.75
CA ALA D 114 2.71 26.52 12.11
C ALA D 114 2.24 27.91 12.52
N GLN D 115 2.58 28.92 11.72
CA GLN D 115 2.20 30.31 11.97
C GLN D 115 0.68 30.50 12.03
N ALA D 116 -0.05 29.56 11.44
CA ALA D 116 -1.52 29.56 11.43
C ALA D 116 -2.12 29.45 12.82
N HIS D 117 -1.41 28.78 13.73
CA HIS D 117 -1.79 28.72 15.14
C HIS D 117 -1.70 30.10 15.79
N ILE D 118 -0.73 30.89 15.35
CA ILE D 118 -0.54 32.27 15.84
C ILE D 118 -1.62 33.19 15.28
N GLU D 119 -1.91 33.04 13.99
CA GLU D 119 -2.99 33.79 13.33
C GLU D 119 -4.35 33.50 13.94
N ALA D 120 -4.56 32.25 14.36
CA ALA D 120 -5.81 31.82 14.98
C ALA D 120 -6.06 32.48 16.35
N GLY D 121 -5.02 33.02 16.96
CA GLY D 121 -5.15 33.80 18.19
C GLY D 121 -4.21 33.43 19.33
N ALA D 122 -3.35 32.43 19.10
CA ALA D 122 -2.45 31.94 20.14
C ALA D 122 -1.14 32.74 20.22
N LYS D 123 -0.46 32.63 21.37
CA LYS D 123 0.78 33.36 21.62
C LYS D 123 2.02 32.59 21.18
N LYS D 124 2.15 31.34 21.65
CA LYS D 124 3.32 30.51 21.38
C LYS D 124 2.95 29.13 20.85
N VAL D 125 3.88 28.50 20.12
CA VAL D 125 3.68 27.16 19.60
C VAL D 125 4.92 26.30 19.84
N LEU D 126 4.70 25.09 20.37
CA LEU D 126 5.77 24.10 20.53
C LEU D 126 5.48 22.88 19.67
N ILE D 127 6.31 22.67 18.65
CA ILE D 127 6.15 21.55 17.72
C ILE D 127 6.83 20.30 18.28
N SER D 128 6.05 19.22 18.35
CA SER D 128 6.51 17.97 18.96
C SER D 128 7.32 17.09 17.99
N ALA D 129 7.90 17.72 16.97
CA ALA D 129 8.75 17.04 16.00
C ALA D 129 9.87 17.98 15.59
N PRO D 130 10.92 17.46 14.89
CA PRO D 130 11.87 18.37 14.27
C PRO D 130 11.19 19.24 13.22
N ALA D 131 11.55 20.52 13.18
CA ALA D 131 10.89 21.48 12.30
C ALA D 131 11.89 22.34 11.52
N THR D 132 11.48 22.77 10.32
CA THR D 132 12.29 23.64 9.48
C THR D 132 11.90 25.10 9.68
N GLY D 133 12.81 26.00 9.29
CA GLY D 133 12.59 27.44 9.49
C GLY D 133 13.43 27.97 10.62
N ASP D 134 13.50 29.29 10.74
CA ASP D 134 14.41 29.97 11.66
C ASP D 134 13.95 29.92 13.13
N LEU D 135 13.68 28.71 13.62
CA LEU D 135 13.28 28.47 15.01
C LEU D 135 14.34 27.71 15.78
N LYS D 136 14.22 27.68 17.10
CA LYS D 136 15.14 26.91 17.95
C LYS D 136 14.65 25.49 18.21
N THR D 137 15.61 24.57 18.29
CA THR D 137 15.34 23.15 18.55
C THR D 137 15.88 22.80 19.94
N ILE D 138 14.98 22.33 20.81
CA ILE D 138 15.27 22.26 22.24
C ILE D 138 15.12 20.86 22.85
N VAL D 139 16.28 20.25 23.16
CA VAL D 139 16.31 19.07 24.02
C VAL D 139 16.52 19.60 25.44
N PHE D 140 15.48 19.45 26.26
CA PHE D 140 15.51 19.93 27.64
C PHE D 140 16.64 19.29 28.43
N ASN D 141 17.30 20.09 29.28
CA ASN D 141 18.49 19.68 30.05
C ASN D 141 19.74 19.41 29.20
N THR D 142 19.76 19.98 27.99
CA THR D 142 20.92 19.89 27.11
C THR D 142 21.21 21.27 26.52
N ASN D 143 20.19 21.91 25.97
CA ASN D 143 20.31 23.28 25.47
C ASN D 143 19.07 24.14 25.74
N HIS D 144 18.20 23.70 26.65
CA HIS D 144 16.93 24.39 26.89
C HIS D 144 17.10 25.84 27.37
N GLN D 145 18.24 26.11 27.98
CA GLN D 145 18.57 27.45 28.48
C GLN D 145 18.60 28.52 27.37
N GLU D 146 18.83 28.06 26.13
CA GLU D 146 18.91 28.94 24.95
C GLU D 146 17.66 29.81 24.72
N LEU D 147 16.53 29.40 25.29
CA LEU D 147 15.28 30.16 25.19
C LEU D 147 15.34 31.45 26.01
N ASP D 148 14.52 32.43 25.63
CA ASP D 148 14.42 33.71 26.36
C ASP D 148 13.20 34.57 25.98
N GLY D 149 12.00 34.00 26.11
CA GLY D 149 10.75 34.71 25.83
C GLY D 149 10.52 35.06 24.36
N SER D 150 11.57 35.59 23.72
CA SER D 150 11.52 36.09 22.35
C SER D 150 10.91 35.14 21.31
N GLU D 151 11.09 33.84 21.51
CA GLU D 151 10.60 32.83 20.58
C GLU D 151 9.08 32.78 20.56
N THR D 152 8.51 32.77 19.35
CA THR D 152 7.08 32.59 19.16
C THR D 152 6.79 31.16 18.68
N VAL D 153 7.80 30.54 18.06
CA VAL D 153 7.70 29.16 17.58
C VAL D 153 8.94 28.35 17.98
N VAL D 154 8.71 27.19 18.58
CA VAL D 154 9.79 26.33 19.09
C VAL D 154 9.60 24.87 18.65
N SER D 155 10.71 24.16 18.46
CA SER D 155 10.68 22.74 18.17
C SER D 155 11.34 21.96 19.31
N GLY D 156 10.76 20.80 19.64
CA GLY D 156 11.33 19.92 20.66
C GLY D 156 12.06 18.73 20.07
N ALA D 157 12.27 18.77 18.75
CA ALA D 157 12.96 17.72 18.00
C ALA D 157 12.28 16.36 18.08
N SER D 158 13.05 15.30 17.84
CA SER D 158 12.54 13.94 17.83
C SER D 158 12.82 13.20 19.14
N CYS D 159 12.16 12.06 19.30
CA CYS D 159 12.45 11.11 20.37
C CYS D 159 13.92 10.71 20.35
N THR D 160 14.44 10.45 19.15
CA THR D 160 15.83 10.03 18.96
C THR D 160 16.82 11.15 19.29
N THR D 161 16.55 12.36 18.81
CA THR D 161 17.39 13.53 19.11
C THR D 161 17.52 13.74 20.62
N ASN D 162 16.43 13.50 21.34
CA ASN D 162 16.41 13.60 22.80
C ASN D 162 17.25 12.55 23.51
N SER D 163 17.41 11.38 22.88
CA SER D 163 18.26 10.32 23.41
C SER D 163 19.72 10.54 23.01
N LEU D 164 19.92 11.06 21.79
CA LEU D 164 21.26 11.27 21.26
C LEU D 164 21.97 12.49 21.84
N ALA D 165 21.20 13.54 22.13
CA ALA D 165 21.76 14.83 22.58
C ALA D 165 22.67 14.76 23.82
N PRO D 166 22.19 14.16 24.94
CA PRO D 166 23.02 14.24 26.14
C PRO D 166 24.25 13.31 26.10
N VAL D 167 24.15 12.22 25.35
CA VAL D 167 25.26 11.27 25.18
C VAL D 167 26.41 11.94 24.42
N ALA D 168 26.07 12.60 23.32
CA ALA D 168 27.05 13.33 22.51
C ALA D 168 27.61 14.56 23.22
N LYS D 169 26.76 15.19 24.02
CA LYS D 169 27.16 16.34 24.85
C LYS D 169 28.32 15.98 25.78
N VAL D 170 28.14 14.89 26.53
CA VAL D 170 29.16 14.39 27.45
C VAL D 170 30.43 13.95 26.72
N LEU D 171 30.24 13.16 25.65
CA LEU D 171 31.36 12.63 24.86
C LEU D 171 32.27 13.71 24.32
N ASN D 172 31.70 14.73 23.68
CA ASN D 172 32.46 15.84 23.14
C ASN D 172 33.12 16.69 24.22
N ASP D 173 32.36 17.04 25.25
CA ASP D 173 32.85 17.85 26.36
C ASP D 173 34.08 17.24 27.04
N ASP D 174 34.05 15.93 27.23
CA ASP D 174 35.06 15.24 28.04
C ASP D 174 36.12 14.45 27.27
N PHE D 175 35.82 14.09 26.02
CA PHE D 175 36.77 13.32 25.20
C PHE D 175 37.05 13.99 23.86
N GLY D 176 36.16 14.87 23.43
CA GLY D 176 36.31 15.60 22.17
C GLY D 176 35.86 14.79 20.97
N LEU D 177 34.64 15.03 20.52
CA LEU D 177 34.08 14.30 19.38
C LEU D 177 34.74 14.72 18.07
N VAL D 178 35.38 13.75 17.42
CA VAL D 178 35.99 13.97 16.11
C VAL D 178 34.93 13.77 15.02
N GLU D 179 34.29 12.60 15.06
CA GLU D 179 33.26 12.20 14.10
C GLU D 179 32.49 11.03 14.68
N GLY D 180 31.42 10.59 14.01
CA GLY D 180 30.66 9.44 14.48
C GLY D 180 29.45 9.03 13.67
N LEU D 181 29.07 7.77 13.83
CA LEU D 181 27.89 7.22 13.16
C LEU D 181 26.90 6.61 14.14
N MET D 182 25.62 6.73 13.81
CA MET D 182 24.54 6.33 14.71
C MET D 182 23.60 5.33 14.05
N THR D 183 23.12 4.38 14.85
CA THR D 183 22.02 3.52 14.45
C THR D 183 21.09 3.34 15.64
N THR D 184 19.83 3.74 15.46
CA THR D 184 18.83 3.62 16.50
C THR D 184 17.83 2.50 16.20
N ILE D 185 17.87 1.46 17.02
CA ILE D 185 16.89 0.37 16.92
C ILE D 185 15.59 0.89 17.51
N HIS D 186 14.66 1.23 16.62
CA HIS D 186 13.47 1.99 16.96
C HIS D 186 12.21 1.15 16.88
N ALA D 187 11.24 1.46 17.74
CA ALA D 187 9.94 0.80 17.73
C ALA D 187 9.10 1.35 16.59
N TYR D 188 8.18 0.54 16.06
CA TYR D 188 7.33 1.01 14.96
C TYR D 188 6.35 2.09 15.39
N THR D 189 6.03 2.97 14.44
CA THR D 189 5.22 4.15 14.72
C THR D 189 3.95 4.18 13.86
N GLY D 190 3.10 5.16 14.10
CA GLY D 190 1.84 5.31 13.35
C GLY D 190 2.02 5.58 11.87
N ASP D 191 3.18 6.15 11.51
CA ASP D 191 3.48 6.45 10.10
C ASP D 191 3.88 5.21 9.30
N GLN D 192 3.78 4.03 9.92
CA GLN D 192 4.02 2.75 9.26
C GLN D 192 2.72 2.04 8.89
N ASN D 193 2.85 1.02 8.04
CA ASN D 193 1.71 0.23 7.60
C ASN D 193 1.50 -1.03 8.42
N THR D 194 0.24 -1.37 8.66
CA THR D 194 -0.13 -2.61 9.33
C THR D 194 0.30 -3.80 8.48
N GLN D 195 0.03 -3.70 7.17
CA GLN D 195 0.38 -4.72 6.18
C GLN D 195 1.12 -4.06 5.02
N ASP D 196 1.81 -4.87 4.20
CA ASP D 196 2.46 -4.37 3.00
C ASP D 196 1.44 -3.71 2.08
N ALA D 197 1.50 -2.38 1.98
CA ALA D 197 0.57 -1.62 1.15
C ALA D 197 1.28 -0.38 0.61
N PRO D 198 0.66 0.30 -0.38
CA PRO D 198 1.15 1.62 -0.79
C PRO D 198 1.27 2.58 0.40
N HIS D 199 2.33 3.38 0.39
CA HIS D 199 2.62 4.30 1.49
C HIS D 199 2.59 5.75 1.01
N ARG D 200 2.00 6.63 1.82
CA ARG D 200 1.75 8.03 1.46
C ARG D 200 3.01 8.80 1.05
N LYS D 201 4.10 8.58 1.77
CA LYS D 201 5.37 9.27 1.51
C LYS D 201 6.20 8.56 0.44
N GLY D 202 5.68 7.45 -0.08
CA GLY D 202 6.30 6.71 -1.17
C GLY D 202 7.55 5.94 -0.79
N ASP D 203 7.67 5.61 0.50
CA ASP D 203 8.82 4.84 0.99
C ASP D 203 8.55 3.34 0.87
N LYS D 204 9.30 2.68 -0.01
CA LYS D 204 9.20 1.24 -0.23
C LYS D 204 9.49 0.46 1.06
N ARG D 205 10.40 0.99 1.86
CA ARG D 205 10.73 0.38 3.15
C ARG D 205 9.66 0.59 4.21
N ARG D 206 9.09 1.79 4.28
CA ARG D 206 8.00 2.08 5.22
C ARG D 206 6.67 1.43 4.80
N ALA D 207 6.59 1.02 3.54
CA ALA D 207 5.38 0.41 2.98
C ALA D 207 5.06 -0.97 3.55
N ARG D 208 6.05 -1.59 4.19
CA ARG D 208 5.94 -2.99 4.63
C ARG D 208 5.29 -3.15 6.01
N ALA D 209 4.82 -4.36 6.30
CA ALA D 209 4.18 -4.70 7.56
C ALA D 209 5.11 -4.37 8.73
N ALA D 210 4.69 -3.38 9.52
CA ALA D 210 5.52 -2.82 10.59
C ALA D 210 5.90 -3.84 11.66
N ALA D 211 4.95 -4.67 12.05
CA ALA D 211 5.13 -5.59 13.18
C ALA D 211 5.70 -6.96 12.81
N GLU D 212 6.12 -7.13 11.57
CA GLU D 212 6.66 -8.41 11.11
C GLU D 212 8.02 -8.31 10.43
N ASN D 213 8.67 -7.16 10.56
CA ASN D 213 9.92 -6.89 9.84
C ASN D 213 10.96 -6.06 10.59
N ILE D 214 12.23 -6.28 10.27
CA ILE D 214 13.28 -5.32 10.57
C ILE D 214 13.35 -4.40 9.36
N ILE D 215 12.98 -3.13 9.56
CA ILE D 215 12.93 -2.17 8.46
C ILE D 215 13.95 -1.06 8.64
N PRO D 216 14.92 -0.95 7.70
CA PRO D 216 15.84 0.18 7.70
C PRO D 216 15.13 1.47 7.31
N ASN D 217 15.52 2.57 7.95
CA ASN D 217 14.87 3.86 7.70
C ASN D 217 15.77 5.04 8.06
N SER D 218 15.52 6.17 7.41
CA SER D 218 16.25 7.40 7.70
C SER D 218 15.69 8.09 8.95
N THR D 219 16.51 8.93 9.57
CA THR D 219 16.14 9.63 10.79
C THR D 219 16.89 10.96 10.88
N GLY D 220 16.20 12.00 11.36
CA GLY D 220 16.77 13.35 11.41
C GLY D 220 17.86 13.54 12.44
N ALA D 221 17.76 12.80 13.54
CA ALA D 221 18.59 13.00 14.74
C ALA D 221 20.05 13.38 14.53
N ALA D 222 20.88 12.41 14.14
CA ALA D 222 22.34 12.58 14.10
C ALA D 222 22.84 13.60 13.09
N LYS D 223 22.13 13.69 11.96
CA LYS D 223 22.47 14.62 10.88
C LYS D 223 22.36 16.08 11.37
N ALA D 224 21.23 16.40 11.99
CA ALA D 224 20.93 17.77 12.40
C ALA D 224 21.05 17.98 13.92
N ILE D 225 22.09 17.39 14.51
CA ILE D 225 22.39 17.55 15.95
C ILE D 225 22.92 18.96 16.27
N GLY D 226 23.40 19.65 15.24
CA GLY D 226 24.00 20.98 15.39
C GLY D 226 23.06 22.08 15.84
N LYS D 227 21.76 21.86 15.72
CA LYS D 227 20.76 22.81 16.19
C LYS D 227 20.64 22.76 17.71
N VAL D 228 20.99 21.62 18.29
CA VAL D 228 21.00 21.44 19.75
C VAL D 228 22.41 21.65 20.29
N ILE D 229 23.38 20.95 19.69
CA ILE D 229 24.79 21.07 20.07
C ILE D 229 25.56 21.67 18.88
N PRO D 230 25.69 23.01 18.84
CA PRO D 230 26.37 23.69 17.73
C PRO D 230 27.84 23.32 17.59
N GLU D 231 28.49 23.00 18.72
CA GLU D 231 29.91 22.68 18.72
C GLU D 231 30.27 21.38 17.98
N ILE D 232 29.28 20.54 17.70
CA ILE D 232 29.50 19.28 17.00
C ILE D 232 28.71 19.13 15.68
N ASP D 233 28.23 20.26 15.15
CA ASP D 233 27.47 20.25 13.90
C ASP D 233 28.29 19.67 12.74
N GLY D 234 27.71 18.70 12.05
CA GLY D 234 28.36 18.08 10.89
C GLY D 234 29.23 16.89 11.22
N LYS D 235 29.53 16.70 12.51
CA LYS D 235 30.41 15.62 12.95
C LYS D 235 29.70 14.27 13.05
N LEU D 236 28.36 14.29 12.99
CA LEU D 236 27.57 13.06 13.12
C LEU D 236 26.61 12.81 11.96
N ASP D 237 26.29 11.53 11.78
CA ASP D 237 25.29 11.07 10.82
C ASP D 237 24.81 9.70 11.28
N GLY D 238 23.57 9.34 10.96
CA GLY D 238 23.00 8.09 11.44
C GLY D 238 21.90 7.47 10.60
N GLY D 239 21.36 6.37 11.12
CA GLY D 239 20.25 5.65 10.49
C GLY D 239 19.36 5.00 11.53
N ALA D 240 18.33 4.30 11.08
CA ALA D 240 17.39 3.65 11.98
C ALA D 240 16.97 2.28 11.49
N GLN D 241 16.71 1.37 12.43
CA GLN D 241 16.16 0.06 12.11
C GLN D 241 14.82 -0.13 12.84
N ARG D 242 13.74 -0.02 12.09
CA ARG D 242 12.39 -0.07 12.63
C ARG D 242 11.95 -1.51 12.91
N VAL D 243 11.99 -1.88 14.19
CA VAL D 243 11.73 -3.26 14.62
C VAL D 243 10.34 -3.44 15.27
N PRO D 244 9.82 -4.68 15.27
CA PRO D 244 8.45 -5.00 15.70
C PRO D 244 8.20 -4.94 17.22
N VAL D 245 8.44 -3.79 17.82
CA VAL D 245 7.93 -3.49 19.16
C VAL D 245 7.09 -2.22 19.08
N ALA D 246 6.01 -2.16 19.84
CA ALA D 246 5.08 -1.04 19.76
C ALA D 246 5.68 0.28 20.26
N THR D 247 6.51 0.18 21.31
CA THR D 247 7.24 1.33 21.85
C THR D 247 8.50 0.88 22.59
N GLY D 248 9.45 1.81 22.75
CA GLY D 248 10.72 1.52 23.41
C GLY D 248 11.84 1.33 22.39
N SER D 249 12.77 2.27 22.39
CA SER D 249 13.85 2.28 21.39
C SER D 249 15.25 2.36 22.04
N LEU D 250 16.27 2.27 21.21
CA LEU D 250 17.66 2.29 21.65
C LEU D 250 18.53 3.04 20.65
N THR D 251 19.48 3.82 21.15
CA THR D 251 20.42 4.55 20.29
C THR D 251 21.86 4.06 20.50
N GLU D 252 22.34 3.28 19.55
CA GLU D 252 23.74 2.85 19.53
C GLU D 252 24.59 3.95 18.89
N LEU D 253 25.78 4.17 19.44
CA LEU D 253 26.64 5.24 18.95
C LEU D 253 28.12 4.83 18.90
N THR D 254 28.63 4.67 17.67
CA THR D 254 30.03 4.37 17.43
C THR D 254 30.77 5.66 17.11
N VAL D 255 31.80 5.98 17.89
CA VAL D 255 32.51 7.26 17.76
C VAL D 255 34.04 7.20 17.77
N VAL D 256 34.64 8.20 17.14
CA VAL D 256 36.07 8.48 17.22
C VAL D 256 36.25 9.72 18.08
N LEU D 257 37.09 9.63 19.10
CA LEU D 257 37.30 10.72 20.04
C LEU D 257 38.70 11.34 19.89
N GLU D 258 38.92 12.47 20.55
CA GLU D 258 40.22 13.15 20.54
C GLU D 258 41.20 12.54 21.54
N LYS D 259 40.75 12.40 22.79
CA LYS D 259 41.56 11.83 23.87
C LYS D 259 42.08 10.44 23.52
N GLN D 260 43.35 10.20 23.85
CA GLN D 260 43.97 8.90 23.61
C GLN D 260 43.92 8.02 24.86
N ASP D 261 44.01 6.71 24.65
CA ASP D 261 43.99 5.71 25.72
C ASP D 261 42.76 5.85 26.63
N VAL D 262 41.58 5.75 26.02
CA VAL D 262 40.31 5.87 26.72
C VAL D 262 39.79 4.48 27.09
N THR D 263 39.29 4.33 28.32
CA THR D 263 38.76 3.05 28.78
C THR D 263 37.24 3.05 28.86
N VAL D 264 36.66 1.85 28.87
CA VAL D 264 35.23 1.64 29.13
C VAL D 264 34.80 2.37 30.41
N GLU D 265 35.66 2.33 31.41
CA GLU D 265 35.38 2.86 32.74
C GLU D 265 35.25 4.39 32.80
N GLN D 266 36.17 5.09 32.14
CA GLN D 266 36.16 6.56 32.10
C GLN D 266 34.91 7.08 31.40
N VAL D 267 34.51 6.41 30.32
CA VAL D 267 33.32 6.76 29.55
C VAL D 267 32.08 6.59 30.42
N ASN D 268 31.98 5.44 31.08
CA ASN D 268 30.87 5.13 31.97
C ASN D 268 30.72 6.11 33.13
N GLU D 269 31.84 6.51 33.72
CA GLU D 269 31.83 7.42 34.86
C GLU D 269 31.53 8.86 34.45
N ALA D 270 31.98 9.25 33.26
CA ALA D 270 31.68 10.57 32.70
C ALA D 270 30.18 10.75 32.48
N MET D 271 29.53 9.68 32.03
CA MET D 271 28.08 9.68 31.80
C MET D 271 27.30 9.73 33.10
N LYS D 272 27.71 8.90 34.05
CA LYS D 272 27.13 8.86 35.40
C LYS D 272 27.05 10.27 36.00
N ASN D 273 28.13 11.04 35.79
CA ASN D 273 28.25 12.42 36.28
C ASN D 273 27.22 13.41 35.75
N ALA D 274 26.77 13.20 34.51
CA ALA D 274 25.91 14.17 33.84
C ALA D 274 24.41 13.84 33.95
N SER D 275 24.09 12.82 34.72
CA SER D 275 22.70 12.37 34.88
C SER D 275 21.83 13.35 35.67
N ASN D 276 20.56 13.44 35.26
CA ASN D 276 19.56 14.28 35.94
C ASN D 276 18.15 13.74 35.72
N GLU D 277 17.14 14.62 35.72
CA GLU D 277 15.75 14.23 35.49
C GLU D 277 15.56 13.73 34.06
N SER D 278 16.33 14.30 33.14
CA SER D 278 16.29 13.91 31.74
C SER D 278 17.25 12.76 31.45
N PHE D 279 18.54 12.98 31.69
CA PHE D 279 19.57 11.99 31.40
C PHE D 279 19.66 10.94 32.51
N GLY D 280 19.49 9.67 32.12
CA GLY D 280 19.52 8.57 33.06
C GLY D 280 20.80 7.77 33.00
N TYR D 281 20.99 6.89 33.98
CA TYR D 281 22.13 5.99 34.04
C TYR D 281 21.76 4.71 34.74
N THR D 282 21.86 3.59 34.02
CA THR D 282 21.61 2.27 34.59
C THR D 282 22.72 1.26 34.27
N GLU D 283 23.02 0.41 35.24
CA GLU D 283 23.98 -0.68 35.07
C GLU D 283 23.27 -2.02 35.04
N ASP D 284 21.95 -2.00 35.24
CA ASP D 284 21.13 -3.20 35.16
C ASP D 284 20.96 -3.62 33.70
N GLU D 285 21.00 -4.92 33.47
CA GLU D 285 20.89 -5.47 32.11
C GLU D 285 19.44 -5.48 31.62
N ILE D 286 18.92 -4.29 31.39
CA ILE D 286 17.52 -4.10 31.03
C ILE D 286 17.27 -4.29 29.53
N VAL D 287 16.00 -4.46 29.16
CA VAL D 287 15.57 -4.60 27.76
C VAL D 287 14.38 -3.69 27.44
N SER D 288 14.05 -3.57 26.15
CA SER D 288 13.01 -2.68 25.63
C SER D 288 11.85 -2.33 26.58
N SER D 289 11.11 -3.35 27.01
CA SER D 289 9.91 -3.17 27.82
C SER D 289 10.15 -2.46 29.15
N ASP D 290 11.38 -2.55 29.66
CA ASP D 290 11.74 -1.95 30.94
C ASP D 290 11.75 -0.42 30.92
N VAL D 291 11.83 0.15 29.72
CA VAL D 291 11.81 1.62 29.56
C VAL D 291 10.44 2.14 29.10
N VAL D 292 9.50 1.24 28.89
CA VAL D 292 8.14 1.61 28.44
C VAL D 292 7.44 2.46 29.49
N GLY D 293 7.43 3.78 29.26
CA GLY D 293 6.74 4.71 30.15
C GLY D 293 7.65 5.51 31.08
N MET D 294 8.96 5.35 30.94
CA MET D 294 9.91 6.10 31.77
C MET D 294 9.93 7.58 31.41
N THR D 295 10.26 8.42 32.39
CA THR D 295 10.24 9.87 32.22
C THR D 295 11.60 10.44 31.85
N TYR D 296 12.64 9.60 31.91
CA TYR D 296 13.97 9.99 31.45
C TYR D 296 13.93 10.28 29.95
N GLY D 297 14.42 11.45 29.56
CA GLY D 297 14.56 11.80 28.14
C GLY D 297 15.50 10.85 27.46
N SER D 298 16.60 10.54 28.14
CA SER D 298 17.56 9.54 27.71
C SER D 298 17.99 8.72 28.92
N LEU D 299 18.13 7.41 28.75
CA LEU D 299 18.67 6.54 29.80
C LEU D 299 19.92 5.82 29.31
N PHE D 300 21.06 6.18 29.90
CA PHE D 300 22.33 5.60 29.51
C PHE D 300 22.50 4.19 30.09
N ASP D 301 23.00 3.29 29.25
CA ASP D 301 23.23 1.90 29.63
C ASP D 301 24.73 1.62 29.65
N ALA D 302 25.26 1.44 30.86
CA ALA D 302 26.69 1.23 31.07
C ALA D 302 27.18 -0.14 30.60
N THR D 303 26.25 -1.09 30.48
CA THR D 303 26.57 -2.48 30.12
C THR D 303 27.01 -2.63 28.67
N GLN D 304 26.56 -1.72 27.81
CA GLN D 304 26.82 -1.80 26.37
C GLN D 304 28.00 -0.94 25.90
N THR D 305 28.74 -0.38 26.83
CA THR D 305 29.92 0.42 26.51
C THR D 305 31.04 -0.48 25.98
N ARG D 306 31.53 -0.14 24.79
CA ARG D 306 32.52 -0.96 24.10
C ARG D 306 33.66 -0.10 23.58
N VAL D 307 34.89 -0.54 23.84
CA VAL D 307 36.08 0.16 23.36
C VAL D 307 36.96 -0.77 22.54
N MET D 308 36.95 -0.56 21.23
CA MET D 308 37.85 -1.25 20.32
C MET D 308 39.16 -0.47 20.24
N SER D 309 40.26 -1.14 20.58
CA SER D 309 41.58 -0.52 20.53
C SER D 309 42.55 -1.39 19.75
N VAL D 310 43.01 -0.88 18.60
CA VAL D 310 44.05 -1.52 17.81
C VAL D 310 45.22 -0.54 17.69
N GLY D 311 46.29 -0.81 18.44
CA GLY D 311 47.39 0.14 18.56
C GLY D 311 46.94 1.37 19.32
N ASP D 312 47.26 2.54 18.77
CA ASP D 312 46.87 3.81 19.40
C ASP D 312 45.48 4.29 18.97
N ARG D 313 44.92 3.65 17.94
CA ARG D 313 43.63 4.07 17.38
C ARG D 313 42.45 3.38 18.07
N GLN D 314 41.36 4.13 18.25
CA GLN D 314 40.22 3.69 19.05
C GLN D 314 38.85 3.95 18.44
N LEU D 315 37.96 2.97 18.60
CA LEU D 315 36.53 3.14 18.32
C LEU D 315 35.72 2.92 19.59
N VAL D 316 34.93 3.92 19.97
CA VAL D 316 34.15 3.87 21.20
C VAL D 316 32.65 3.78 20.89
N LYS D 317 32.01 2.76 21.44
CA LYS D 317 30.56 2.57 21.28
C LYS D 317 29.83 2.75 22.60
N VAL D 318 28.71 3.49 22.55
CA VAL D 318 27.83 3.65 23.70
C VAL D 318 26.37 3.50 23.27
N ALA D 319 25.55 2.98 24.18
CA ALA D 319 24.12 2.80 23.92
C ALA D 319 23.26 3.48 24.98
N ALA D 320 22.11 4.00 24.55
CA ALA D 320 21.18 4.69 25.45
C ALA D 320 19.73 4.47 25.05
N TRP D 321 18.95 3.92 25.99
CA TRP D 321 17.53 3.63 25.76
C TRP D 321 16.68 4.90 25.79
N TYR D 322 15.46 4.76 25.28
CA TYR D 322 14.44 5.80 25.36
C TYR D 322 13.10 5.26 24.86
N ASP D 323 12.06 5.48 25.65
CA ASP D 323 10.70 5.25 25.20
C ASP D 323 10.35 6.36 24.22
N ASN D 324 10.47 6.06 22.93
CA ASN D 324 10.20 7.03 21.87
C ASN D 324 8.87 7.80 22.06
N GLU D 325 7.95 7.19 22.81
CA GLU D 325 6.71 7.84 23.18
C GLU D 325 6.87 8.68 24.46
N MET D 326 6.94 8.02 25.61
CA MET D 326 6.95 8.70 26.91
C MET D 326 8.25 9.46 27.21
N SER D 327 9.40 8.80 27.02
CA SER D 327 10.70 9.44 27.22
C SER D 327 10.75 10.81 26.54
N TYR D 328 10.16 10.86 25.34
CA TYR D 328 10.05 12.10 24.58
C TYR D 328 9.02 13.05 25.18
N THR D 329 7.80 12.55 25.36
CA THR D 329 6.70 13.34 25.91
C THR D 329 7.09 14.05 27.20
N ALA D 330 7.76 13.32 28.09
CA ALA D 330 8.29 13.87 29.34
C ALA D 330 9.13 15.13 29.11
N GLN D 331 10.00 15.09 28.10
CA GLN D 331 10.83 16.24 27.73
C GLN D 331 10.00 17.40 27.22
N LEU D 332 9.20 17.13 26.18
CA LEU D 332 8.33 18.14 25.53
C LEU D 332 7.58 19.02 26.53
N VAL D 333 7.07 18.42 27.60
CA VAL D 333 6.30 19.11 28.62
C VAL D 333 7.19 19.96 29.55
N ARG D 334 8.38 19.45 29.87
CA ARG D 334 9.36 20.19 30.66
C ARG D 334 9.79 21.46 29.93
N THR D 335 9.92 21.35 28.61
CA THR D 335 10.19 22.48 27.73
C THR D 335 8.99 23.42 27.74
N LEU D 336 7.79 22.85 27.63
CA LEU D 336 6.53 23.59 27.65
C LEU D 336 6.36 24.39 28.95
N ALA D 337 6.73 23.77 30.08
CA ALA D 337 6.65 24.43 31.39
C ALA D 337 7.59 25.64 31.44
N TYR D 338 8.85 25.41 31.09
CA TYR D 338 9.88 26.46 31.05
C TYR D 338 9.52 27.60 30.09
N LEU D 339 9.18 27.23 28.86
CA LEU D 339 8.84 28.18 27.80
C LEU D 339 7.64 29.05 28.17
N ALA D 340 6.65 28.44 28.82
CA ALA D 340 5.48 29.15 29.31
C ALA D 340 5.83 30.12 30.43
N GLU D 341 6.82 29.74 31.24
CA GLU D 341 7.26 30.56 32.38
C GLU D 341 8.23 31.67 31.97
N LEU D 342 8.07 32.19 30.75
CA LEU D 342 8.87 33.31 30.26
C LEU D 342 8.01 34.44 29.73
N ALA E 10 25.96 14.31 -60.46
CA ALA E 10 24.94 15.26 -59.93
C ALA E 10 23.78 15.44 -60.90
N VAL E 11 22.62 15.83 -60.37
CA VAL E 11 21.45 16.15 -61.19
C VAL E 11 20.92 17.54 -60.82
N LYS E 12 20.72 18.38 -61.84
CA LYS E 12 20.44 19.80 -61.66
C LYS E 12 18.96 20.09 -61.43
N VAL E 13 18.66 20.63 -60.25
CA VAL E 13 17.30 20.96 -59.84
C VAL E 13 17.12 22.47 -59.75
N ALA E 14 15.95 22.95 -60.17
CA ALA E 14 15.58 24.34 -59.99
C ALA E 14 14.31 24.44 -59.17
N ILE E 15 14.37 25.15 -58.05
CA ILE E 15 13.21 25.35 -57.20
C ILE E 15 12.42 26.57 -57.66
N ASN E 16 11.27 26.34 -58.28
CA ASN E 16 10.35 27.42 -58.65
C ASN E 16 9.35 27.66 -57.53
N GLY E 17 9.56 28.72 -56.76
CA GLY E 17 8.75 29.03 -55.59
C GLY E 17 9.50 28.67 -54.32
N PHE E 18 10.28 29.64 -53.83
CA PHE E 18 11.16 29.43 -52.69
C PHE E 18 10.49 29.80 -51.37
N GLY E 19 9.36 29.14 -51.10
CA GLY E 19 8.58 29.40 -49.89
C GLY E 19 8.75 28.35 -48.81
N ARG E 20 7.69 28.08 -48.06
CA ARG E 20 7.74 27.11 -46.96
C ARG E 20 8.25 25.74 -47.42
N ILE E 21 7.56 25.13 -48.39
CA ILE E 21 7.97 23.83 -48.94
C ILE E 21 9.28 23.96 -49.72
N GLY E 22 9.37 24.98 -50.57
CA GLY E 22 10.54 25.21 -51.42
C GLY E 22 11.85 25.34 -50.67
N ARG E 23 11.85 26.11 -49.59
CA ARG E 23 13.05 26.34 -48.77
C ARG E 23 13.42 25.11 -47.94
N LEU E 24 12.42 24.38 -47.46
CA LEU E 24 12.65 23.15 -46.70
C LEU E 24 13.14 22.03 -47.62
N ALA E 25 12.64 22.02 -48.85
CA ALA E 25 13.09 21.09 -49.88
C ALA E 25 14.57 21.32 -50.18
N PHE E 26 14.96 22.59 -50.24
CA PHE E 26 16.36 22.99 -50.40
C PHE E 26 17.23 22.37 -49.31
N ARG E 27 16.86 22.62 -48.05
CA ARG E 27 17.57 22.08 -46.89
C ARG E 27 17.69 20.56 -46.93
N ARG E 28 16.64 19.90 -47.40
CA ARG E 28 16.61 18.45 -47.53
C ARG E 28 17.53 17.95 -48.65
N ILE E 29 17.58 18.73 -49.74
CA ILE E 29 18.44 18.40 -50.90
C ILE E 29 19.93 18.57 -50.57
N GLN E 30 20.23 19.39 -49.57
CA GLN E 30 21.60 19.53 -49.07
C GLN E 30 22.20 18.19 -48.65
N GLU E 31 21.32 17.24 -48.33
CA GLU E 31 21.73 15.93 -47.83
C GLU E 31 21.78 14.83 -48.89
N VAL E 32 21.34 15.12 -50.10
CA VAL E 32 21.34 14.13 -51.17
C VAL E 32 22.42 14.41 -52.21
N GLU E 33 23.36 13.48 -52.32
CA GLU E 33 24.39 13.52 -53.35
C GLU E 33 23.78 13.10 -54.68
N GLY E 34 24.28 13.69 -55.77
CA GLY E 34 23.72 13.43 -57.09
C GLY E 34 22.45 14.22 -57.33
N LEU E 35 22.26 15.27 -56.53
CA LEU E 35 21.08 16.13 -56.58
C LEU E 35 21.45 17.48 -55.98
N GLU E 36 21.56 18.50 -56.82
CA GLU E 36 21.93 19.84 -56.35
C GLU E 36 21.09 20.95 -56.98
N VAL E 37 20.66 21.88 -56.15
CA VAL E 37 19.90 23.04 -56.59
C VAL E 37 20.84 24.07 -57.19
N VAL E 38 20.63 24.38 -58.47
CA VAL E 38 21.45 25.36 -59.17
C VAL E 38 20.73 26.69 -59.39
N ALA E 39 19.40 26.64 -59.42
CA ALA E 39 18.57 27.82 -59.66
C ALA E 39 17.37 27.90 -58.71
N VAL E 40 16.95 29.13 -58.41
CA VAL E 40 15.82 29.39 -57.52
C VAL E 40 15.02 30.60 -58.04
N ASN E 41 13.72 30.41 -58.23
CA ASN E 41 12.83 31.49 -58.68
C ASN E 41 11.73 31.78 -57.66
N ASP E 42 11.47 33.07 -57.44
CA ASP E 42 10.42 33.51 -56.52
C ASP E 42 9.86 34.86 -56.97
N LEU E 43 9.47 35.72 -56.03
CA LEU E 43 8.89 37.03 -56.37
C LEU E 43 9.60 38.20 -55.66
N THR E 44 10.69 37.89 -54.96
CA THR E 44 11.40 38.88 -54.14
C THR E 44 12.89 38.95 -54.53
N ASP E 45 13.69 39.67 -53.73
CA ASP E 45 15.12 39.80 -54.02
C ASP E 45 16.01 38.80 -53.27
N ASP E 46 17.28 38.71 -53.68
CA ASP E 46 18.24 37.75 -53.13
C ASP E 46 18.41 37.86 -51.62
N ASP E 47 18.57 39.10 -51.15
CA ASP E 47 18.73 39.40 -49.72
C ASP E 47 17.62 38.79 -48.88
N MET E 48 16.38 38.93 -49.35
CA MET E 48 15.21 38.38 -48.68
C MET E 48 15.20 36.85 -48.69
N LEU E 49 15.50 36.27 -49.85
CA LEU E 49 15.52 34.81 -50.04
C LEU E 49 16.50 34.13 -49.08
N ALA E 50 17.72 34.64 -49.02
CA ALA E 50 18.79 34.08 -48.19
C ALA E 50 18.47 34.22 -46.69
N HIS E 51 17.81 35.31 -46.33
CA HIS E 51 17.40 35.56 -44.94
C HIS E 51 16.35 34.56 -44.47
N LEU E 52 15.41 34.22 -45.36
CA LEU E 52 14.35 33.28 -45.04
C LEU E 52 14.85 31.83 -45.04
N LEU E 53 15.98 31.59 -45.70
CA LEU E 53 16.68 30.31 -45.60
C LEU E 53 17.38 30.21 -44.26
N LYS E 54 18.14 31.26 -43.92
CA LYS E 54 18.90 31.34 -42.67
C LYS E 54 18.02 31.15 -41.43
N TYR E 55 16.90 31.87 -41.39
CA TYR E 55 16.04 31.87 -40.21
C TYR E 55 14.66 31.29 -40.50
N ASP E 56 14.27 30.35 -39.64
CA ASP E 56 12.98 29.68 -39.77
C ASP E 56 12.30 29.63 -38.41
N THR E 57 11.07 30.13 -38.35
CA THR E 57 10.30 30.24 -37.11
C THR E 57 10.06 28.89 -36.43
N MET E 58 9.68 27.90 -37.22
CA MET E 58 9.31 26.59 -36.68
C MET E 58 10.36 25.51 -36.90
N GLN E 59 11.11 25.62 -37.99
CA GLN E 59 12.09 24.58 -38.35
C GLN E 59 13.51 24.90 -37.87
N GLY E 60 13.71 26.12 -37.36
CA GLY E 60 14.97 26.51 -36.73
C GLY E 60 16.02 27.10 -37.65
N ARG E 61 17.03 27.72 -37.05
CA ARG E 61 18.18 28.28 -37.78
C ARG E 61 18.81 27.21 -38.69
N PHE E 62 18.90 27.53 -39.97
CA PHE E 62 19.53 26.63 -40.95
C PHE E 62 21.00 26.40 -40.62
N THR E 63 21.35 25.14 -40.40
CA THR E 63 22.71 24.78 -39.95
C THR E 63 23.71 24.73 -41.11
N GLY E 64 24.33 25.86 -41.39
CA GLY E 64 25.27 26.01 -42.50
C GLY E 64 25.34 27.45 -43.00
N GLU E 65 26.48 27.82 -43.58
CA GLU E 65 26.75 29.22 -43.96
C GLU E 65 25.98 29.71 -45.19
N VAL E 66 25.47 30.94 -45.11
CA VAL E 66 24.71 31.56 -46.20
C VAL E 66 25.10 33.03 -46.36
N GLU E 67 25.55 33.40 -47.56
CA GLU E 67 25.78 34.81 -47.90
C GLU E 67 25.16 35.15 -49.25
N VAL E 68 24.60 36.35 -49.34
CA VAL E 68 24.11 36.91 -50.59
C VAL E 68 25.30 37.27 -51.46
N VAL E 69 25.32 36.74 -52.69
CA VAL E 69 26.36 37.09 -53.66
C VAL E 69 25.77 37.74 -54.91
N ASP E 70 26.60 37.80 -55.96
CA ASP E 70 26.19 38.36 -57.25
C ASP E 70 25.29 37.37 -57.99
N GLY E 71 24.12 37.84 -58.41
CA GLY E 71 23.17 37.04 -59.19
C GLY E 71 22.49 35.92 -58.41
N GLY E 72 22.60 35.96 -57.09
CA GLY E 72 22.00 34.95 -56.22
C GLY E 72 22.62 34.91 -54.84
N PHE E 73 22.85 33.70 -54.34
CA PHE E 73 23.43 33.50 -53.01
C PHE E 73 24.24 32.21 -52.91
N ARG E 74 25.21 32.20 -52.01
CA ARG E 74 26.11 31.06 -51.82
C ARG E 74 25.79 30.33 -50.51
N VAL E 75 25.69 29.00 -50.58
CA VAL E 75 25.38 28.17 -49.42
C VAL E 75 26.44 27.07 -49.27
N ASN E 76 27.23 27.16 -48.21
CA ASN E 76 28.37 26.25 -47.97
C ASN E 76 29.29 26.10 -49.19
N GLY E 77 29.64 27.23 -49.80
CA GLY E 77 30.55 27.23 -50.94
C GLY E 77 29.91 27.21 -52.31
N LYS E 78 28.73 26.59 -52.43
CA LYS E 78 28.06 26.48 -53.73
C LYS E 78 27.20 27.71 -54.04
N GLU E 79 27.37 28.23 -55.26
CA GLU E 79 26.62 29.39 -55.74
C GLU E 79 25.24 28.96 -56.23
N VAL E 80 24.20 29.65 -55.77
CA VAL E 80 22.84 29.41 -56.25
C VAL E 80 22.36 30.62 -57.04
N LYS E 81 22.08 30.41 -58.32
CA LYS E 81 21.49 31.44 -59.16
C LYS E 81 20.02 31.62 -58.76
N SER E 82 19.62 32.87 -58.58
CA SER E 82 18.25 33.17 -58.18
C SER E 82 17.57 34.14 -59.14
N PHE E 83 16.28 33.93 -59.35
CA PHE E 83 15.49 34.78 -60.23
C PHE E 83 14.18 35.17 -59.53
N SER E 84 13.43 36.06 -60.17
CA SER E 84 12.13 36.49 -59.65
C SER E 84 11.13 36.75 -60.76
N GLU E 85 11.09 35.85 -61.73
CA GLU E 85 10.21 35.96 -62.89
C GLU E 85 8.91 35.17 -62.66
N PRO E 86 7.77 35.89 -62.54
CA PRO E 86 6.47 35.26 -62.27
C PRO E 86 6.02 34.27 -63.36
N ASP E 87 6.39 34.56 -64.60
CA ASP E 87 6.03 33.74 -65.75
C ASP E 87 7.14 32.71 -66.03
N ALA E 88 6.86 31.46 -65.66
CA ALA E 88 7.85 30.37 -65.73
C ALA E 88 8.50 30.17 -67.10
N SER E 89 7.70 30.34 -68.16
CA SER E 89 8.19 30.19 -69.54
C SER E 89 9.35 31.13 -69.86
N LYS E 90 9.40 32.27 -69.18
CA LYS E 90 10.44 33.28 -69.39
C LYS E 90 11.74 32.98 -68.65
N LEU E 91 11.77 31.87 -67.91
CA LEU E 91 12.94 31.47 -67.14
C LEU E 91 13.97 30.71 -67.99
N PRO E 92 15.27 30.87 -67.68
CA PRO E 92 16.34 30.30 -68.51
C PRO E 92 16.69 28.86 -68.11
N TRP E 93 15.73 27.96 -68.26
CA TRP E 93 15.94 26.55 -67.89
C TRP E 93 16.87 25.80 -68.84
N LYS E 94 16.69 25.99 -70.14
CA LYS E 94 17.56 25.40 -71.16
C LYS E 94 18.96 26.01 -71.10
N ASP E 95 19.02 27.30 -70.77
CA ASP E 95 20.27 28.01 -70.52
C ASP E 95 21.07 27.37 -69.39
N LEU E 96 20.38 27.03 -68.31
CA LEU E 96 21.01 26.45 -67.11
C LEU E 96 20.99 24.92 -67.11
N ASN E 97 20.55 24.34 -68.22
CA ASN E 97 20.45 22.87 -68.39
C ASN E 97 19.78 22.18 -67.20
N ILE E 98 18.61 22.69 -66.83
CA ILE E 98 17.84 22.20 -65.69
C ILE E 98 17.26 20.81 -65.97
N ASP E 99 17.60 19.85 -65.12
CA ASP E 99 17.08 18.50 -65.24
C ASP E 99 15.65 18.37 -64.67
N VAL E 100 15.44 18.88 -63.46
CA VAL E 100 14.12 18.85 -62.83
C VAL E 100 13.78 20.19 -62.18
N VAL E 101 12.51 20.60 -62.28
CA VAL E 101 12.03 21.80 -61.61
C VAL E 101 11.09 21.43 -60.47
N LEU E 102 11.49 21.74 -59.24
CA LEU E 102 10.59 21.65 -58.09
C LEU E 102 9.63 22.83 -58.12
N GLU E 103 8.40 22.57 -58.53
CA GLU E 103 7.36 23.58 -58.64
C GLU E 103 6.65 23.73 -57.30
N CYS E 104 6.82 24.89 -56.65
CA CYS E 104 6.33 25.10 -55.29
C CYS E 104 5.59 26.43 -55.09
N THR E 105 5.12 27.04 -56.19
CA THR E 105 4.42 28.33 -56.10
C THR E 105 2.94 28.19 -55.74
N GLY E 106 2.32 27.13 -56.25
CA GLY E 106 0.88 26.90 -56.06
C GLY E 106 0.05 27.54 -57.16
N PHE E 107 0.72 27.94 -58.24
CA PHE E 107 0.10 28.61 -59.37
C PHE E 107 0.23 27.78 -60.65
N TYR E 108 0.96 26.67 -60.54
CA TYR E 108 1.19 25.77 -61.67
C TYR E 108 0.75 24.33 -61.37
N THR E 109 -0.30 24.21 -60.54
CA THR E 109 -0.79 22.91 -60.07
C THR E 109 -1.72 22.21 -61.08
N ASP E 110 -1.23 22.04 -62.31
CA ASP E 110 -1.97 21.41 -63.41
C ASP E 110 -0.97 20.98 -64.47
N LYS E 111 -1.22 19.84 -65.12
CA LYS E 111 -0.32 19.35 -66.16
C LYS E 111 -0.02 20.39 -67.23
N ASP E 112 -1.07 20.90 -67.88
CA ASP E 112 -0.94 21.85 -68.99
C ASP E 112 -0.22 23.15 -68.62
N LYS E 113 -0.32 23.57 -67.36
CA LYS E 113 0.34 24.78 -66.88
C LYS E 113 1.83 24.56 -66.64
N ALA E 114 2.15 23.50 -65.90
CA ALA E 114 3.53 23.16 -65.54
C ALA E 114 4.40 22.85 -66.77
N GLN E 115 3.75 22.78 -67.93
CA GLN E 115 4.41 22.66 -69.23
C GLN E 115 5.26 23.89 -69.51
N ALA E 116 4.94 25.01 -68.86
CA ALA E 116 5.66 26.27 -69.01
C ALA E 116 7.16 26.14 -68.73
N HIS E 117 7.51 25.32 -67.74
CA HIS E 117 8.91 24.99 -67.46
C HIS E 117 9.50 24.11 -68.56
N ILE E 118 8.73 23.11 -68.97
CA ILE E 118 9.14 22.16 -70.01
C ILE E 118 9.42 22.89 -71.33
N GLU E 119 8.57 23.84 -71.69
CA GLU E 119 8.80 24.67 -72.87
C GLU E 119 9.90 25.70 -72.65
N ALA E 120 10.13 26.08 -71.38
CA ALA E 120 11.18 27.03 -71.02
C ALA E 120 12.57 26.39 -71.10
N GLY E 121 12.62 25.07 -71.08
CA GLY E 121 13.87 24.32 -71.26
C GLY E 121 14.15 23.24 -70.24
N ALA E 122 13.25 23.06 -69.29
CA ALA E 122 13.38 22.03 -68.26
C ALA E 122 13.11 20.64 -68.83
N LYS E 123 13.76 19.63 -68.27
CA LYS E 123 13.55 18.25 -68.70
C LYS E 123 12.29 17.66 -68.07
N LYS E 124 12.13 17.84 -66.76
CA LYS E 124 10.98 17.32 -66.01
C LYS E 124 10.47 18.31 -64.96
N VAL E 125 9.24 18.10 -64.50
CA VAL E 125 8.65 18.93 -63.43
C VAL E 125 8.05 18.07 -62.32
N LEU E 126 8.27 18.48 -61.09
CA LEU E 126 7.61 17.88 -59.93
C LEU E 126 6.82 18.94 -59.17
N ILE E 127 5.50 18.93 -59.39
CA ILE E 127 4.59 19.83 -58.70
C ILE E 127 4.43 19.38 -57.25
N SER E 128 4.70 20.29 -56.32
CA SER E 128 4.70 19.96 -54.89
C SER E 128 3.31 19.96 -54.25
N ALA E 129 2.27 19.76 -55.06
CA ALA E 129 0.89 19.71 -54.60
C ALA E 129 0.08 18.77 -55.49
N PRO E 130 -1.20 18.50 -55.12
CA PRO E 130 -2.09 17.82 -56.07
C PRO E 130 -2.29 18.67 -57.32
N ALA E 131 -2.33 18.00 -58.47
CA ALA E 131 -2.43 18.69 -59.75
C ALA E 131 -3.44 18.01 -60.68
N THR E 132 -4.08 18.80 -61.53
CA THR E 132 -5.04 18.27 -62.50
C THR E 132 -4.34 17.88 -63.81
N GLY E 133 -5.03 17.07 -64.62
CA GLY E 133 -4.48 16.62 -65.90
C GLY E 133 -3.89 15.23 -65.82
N ASP E 134 -3.63 14.63 -66.98
CA ASP E 134 -3.15 13.23 -67.04
C ASP E 134 -1.69 13.10 -66.61
N LEU E 135 -1.48 12.97 -65.31
CA LEU E 135 -0.16 12.80 -64.71
C LEU E 135 -0.23 11.82 -63.53
N LYS E 136 0.92 11.25 -63.18
CA LYS E 136 0.99 10.33 -62.05
C LYS E 136 1.14 11.09 -60.73
N THR E 137 0.28 10.76 -59.77
CA THR E 137 0.35 11.32 -58.43
C THR E 137 1.06 10.32 -57.51
N ILE E 138 2.18 10.76 -56.94
CA ILE E 138 3.08 9.85 -56.23
C ILE E 138 3.30 10.23 -54.76
N VAL E 139 2.90 9.33 -53.87
CA VAL E 139 3.31 9.36 -52.47
C VAL E 139 4.44 8.36 -52.34
N PHE E 140 5.62 8.82 -51.92
CA PHE E 140 6.80 7.94 -51.87
C PHE E 140 6.64 6.80 -50.88
N ASN E 141 7.07 5.62 -51.29
CA ASN E 141 6.90 4.36 -50.56
C ASN E 141 5.42 3.94 -50.41
N THR E 142 4.62 4.29 -51.41
CA THR E 142 3.25 3.79 -51.54
C THR E 142 2.97 3.43 -53.00
N ASN E 143 3.31 4.34 -53.92
CA ASN E 143 3.20 4.05 -55.35
C ASN E 143 4.27 4.72 -56.24
N HIS E 144 5.50 4.82 -55.75
CA HIS E 144 6.59 5.37 -56.56
C HIS E 144 7.15 4.38 -57.60
N GLN E 145 6.94 3.09 -57.35
N GLN E 145 6.96 3.08 -57.35
CA GLN E 145 7.31 2.03 -58.29
CA GLN E 145 7.33 2.04 -58.30
C GLN E 145 6.61 2.23 -59.63
C GLN E 145 6.44 2.06 -59.55
N GLU E 146 5.59 3.09 -59.64
CA GLU E 146 4.79 3.35 -60.83
C GLU E 146 5.54 4.25 -61.82
N LEU E 147 6.35 5.16 -61.29
CA LEU E 147 7.24 5.99 -62.10
C LEU E 147 8.24 5.12 -62.85
N ASP E 148 8.22 5.21 -64.19
CA ASP E 148 9.10 4.40 -65.02
C ASP E 148 10.24 5.23 -65.64
N GLY E 149 10.25 6.52 -65.35
CA GLY E 149 11.25 7.43 -65.89
C GLY E 149 10.76 8.25 -67.08
N SER E 150 9.75 7.73 -67.79
CA SER E 150 9.28 8.35 -69.03
C SER E 150 8.30 9.51 -68.85
N GLU E 151 7.69 9.61 -67.68
CA GLU E 151 6.74 10.71 -67.38
C GLU E 151 7.48 12.03 -67.11
N THR E 152 6.92 13.13 -67.60
CA THR E 152 7.64 14.41 -67.65
C THR E 152 7.16 15.46 -66.63
N VAL E 153 5.86 15.50 -66.37
CA VAL E 153 5.29 16.41 -65.38
C VAL E 153 4.59 15.57 -64.30
N VAL E 154 5.09 15.65 -63.08
CA VAL E 154 4.67 14.75 -61.99
C VAL E 154 4.20 15.51 -60.75
N SER E 155 3.22 14.95 -60.04
CA SER E 155 2.71 15.53 -58.80
C SER E 155 3.15 14.71 -57.58
N GLY E 156 3.56 15.41 -56.53
CA GLY E 156 3.97 14.76 -55.29
C GLY E 156 2.86 14.66 -54.25
N ALA E 157 1.63 14.94 -54.69
CA ALA E 157 0.44 14.94 -53.83
C ALA E 157 0.46 16.06 -52.79
N SER E 158 -0.55 16.11 -51.94
CA SER E 158 -0.57 17.05 -50.82
C SER E 158 0.10 16.43 -49.60
N CYS E 159 0.15 17.19 -48.50
CA CYS E 159 0.70 16.69 -47.24
C CYS E 159 -0.23 15.68 -46.60
N THR E 160 -1.53 15.99 -46.61
CA THR E 160 -2.56 15.12 -46.05
C THR E 160 -2.60 13.77 -46.77
N THR E 161 -2.46 13.81 -48.09
CA THR E 161 -2.41 12.60 -48.91
C THR E 161 -1.25 11.70 -48.45
N ASN E 162 -0.10 12.32 -48.16
CA ASN E 162 1.07 11.59 -47.69
C ASN E 162 0.93 11.01 -46.28
N SER E 163 0.07 11.62 -45.48
CA SER E 163 -0.23 11.10 -44.13
C SER E 163 -1.26 9.98 -44.18
N LEU E 164 -2.19 10.10 -45.12
CA LEU E 164 -3.31 9.17 -45.22
C LEU E 164 -2.97 7.90 -45.99
N ALA E 165 -2.27 8.04 -47.12
CA ALA E 165 -2.03 6.94 -48.06
C ALA E 165 -1.50 5.62 -47.46
N PRO E 166 -0.37 5.67 -46.72
CA PRO E 166 0.14 4.39 -46.19
C PRO E 166 -0.80 3.76 -45.16
N VAL E 167 -1.47 4.61 -44.38
CA VAL E 167 -2.47 4.17 -43.39
C VAL E 167 -3.64 3.46 -44.06
N ALA E 168 -4.17 4.07 -45.13
CA ALA E 168 -5.30 3.53 -45.87
C ALA E 168 -4.98 2.19 -46.54
N LYS E 169 -3.80 2.09 -47.14
CA LYS E 169 -3.34 0.86 -47.80
C LYS E 169 -3.23 -0.31 -46.83
N VAL E 170 -2.67 -0.06 -45.65
CA VAL E 170 -2.54 -1.08 -44.61
C VAL E 170 -3.91 -1.60 -44.18
N LEU E 171 -4.83 -0.68 -43.91
CA LEU E 171 -6.21 -1.03 -43.54
C LEU E 171 -6.90 -1.87 -44.60
N ASN E 172 -6.64 -1.56 -45.87
CA ASN E 172 -7.31 -2.21 -46.99
C ASN E 172 -6.74 -3.59 -47.35
N ASP E 173 -5.41 -3.68 -47.43
CA ASP E 173 -4.74 -4.94 -47.75
C ASP E 173 -5.01 -6.02 -46.69
N ASP E 174 -5.07 -5.60 -45.44
CA ASP E 174 -5.20 -6.53 -44.31
C ASP E 174 -6.64 -6.76 -43.86
N PHE E 175 -7.49 -5.75 -43.99
CA PHE E 175 -8.86 -5.83 -43.47
C PHE E 175 -9.96 -5.67 -44.52
N GLY E 176 -9.62 -5.05 -45.65
CA GLY E 176 -10.62 -4.74 -46.68
C GLY E 176 -11.37 -3.48 -46.32
N LEU E 177 -11.32 -2.50 -47.22
CA LEU E 177 -11.94 -1.20 -46.97
C LEU E 177 -13.28 -1.09 -47.68
N VAL E 178 -14.35 -1.07 -46.89
CA VAL E 178 -15.70 -0.85 -47.42
C VAL E 178 -15.84 0.63 -47.79
N GLU E 179 -15.62 1.49 -46.80
CA GLU E 179 -15.66 2.94 -46.99
C GLU E 179 -15.03 3.64 -45.78
N GLY E 180 -14.81 4.94 -45.91
CA GLY E 180 -14.27 5.72 -44.81
C GLY E 180 -14.39 7.21 -45.03
N LEU E 181 -14.61 7.93 -43.95
CA LEU E 181 -14.55 9.38 -43.96
C LEU E 181 -13.40 9.87 -43.09
N MET E 182 -12.82 11.01 -43.45
CA MET E 182 -11.60 11.50 -42.84
C MET E 182 -11.71 12.95 -42.38
N THR E 183 -11.08 13.27 -41.26
CA THR E 183 -10.86 14.64 -40.86
C THR E 183 -9.41 14.82 -40.41
N THR E 184 -8.68 15.69 -41.10
CA THR E 184 -7.34 16.05 -40.68
C THR E 184 -7.38 17.34 -39.86
N ILE E 185 -6.92 17.26 -38.61
CA ILE E 185 -6.70 18.46 -37.81
C ILE E 185 -5.35 19.01 -38.24
N HIS E 186 -5.38 20.21 -38.81
CA HIS E 186 -4.28 20.70 -39.62
C HIS E 186 -3.80 22.07 -39.17
N ALA E 187 -2.49 22.26 -39.18
CA ALA E 187 -1.86 23.56 -38.91
C ALA E 187 -2.21 24.56 -40.00
N TYR E 188 -2.36 25.83 -39.64
CA TYR E 188 -2.66 26.86 -40.63
C TYR E 188 -1.48 27.09 -41.58
N THR E 189 -1.82 27.29 -42.85
CA THR E 189 -0.82 27.48 -43.90
C THR E 189 -0.75 28.94 -44.33
N GLY E 190 0.21 29.26 -45.20
CA GLY E 190 0.42 30.62 -45.69
C GLY E 190 -0.66 31.13 -46.63
N ASP E 191 -1.49 30.22 -47.14
CA ASP E 191 -2.58 30.60 -48.04
C ASP E 191 -3.82 31.09 -47.27
N GLN E 192 -3.70 31.10 -45.95
CA GLN E 192 -4.72 31.69 -45.08
C GLN E 192 -4.36 33.15 -44.79
N ASN E 193 -5.36 33.96 -44.48
CA ASN E 193 -5.14 35.35 -44.11
C ASN E 193 -4.68 35.49 -42.65
N THR E 194 -3.87 36.50 -42.40
CA THR E 194 -3.41 36.83 -41.05
C THR E 194 -4.58 37.36 -40.23
N GLN E 195 -5.26 38.37 -40.77
CA GLN E 195 -6.42 38.99 -40.13
C GLN E 195 -7.67 38.79 -40.98
N ASP E 196 -8.84 38.89 -40.35
CA ASP E 196 -10.13 38.82 -41.03
C ASP E 196 -10.18 39.75 -42.24
N ALA E 197 -10.06 39.16 -43.44
CA ALA E 197 -9.95 39.94 -44.68
C ALA E 197 -10.43 39.14 -45.89
N PRO E 198 -10.66 39.80 -47.05
CA PRO E 198 -11.03 39.09 -48.27
C PRO E 198 -9.97 38.07 -48.70
N HIS E 199 -10.42 36.91 -49.14
CA HIS E 199 -9.53 35.85 -49.59
C HIS E 199 -9.43 35.82 -51.11
N ARG E 200 -8.23 35.51 -51.61
CA ARG E 200 -7.94 35.52 -53.05
C ARG E 200 -8.82 34.58 -53.87
N LYS E 201 -8.95 33.33 -53.41
CA LYS E 201 -9.78 32.33 -54.10
C LYS E 201 -11.26 32.42 -53.74
N GLY E 202 -11.62 33.35 -52.87
CA GLY E 202 -13.01 33.61 -52.51
C GLY E 202 -13.56 32.78 -51.36
N ASP E 203 -12.68 31.98 -50.74
CA ASP E 203 -13.02 31.13 -49.61
C ASP E 203 -13.40 31.98 -48.39
N LYS E 204 -14.60 31.76 -47.86
CA LYS E 204 -15.11 32.57 -46.75
C LYS E 204 -14.64 32.09 -45.38
N ARG E 205 -13.75 31.10 -45.36
CA ARG E 205 -13.26 30.51 -44.12
C ARG E 205 -11.75 30.67 -43.97
N ARG E 206 -11.03 30.49 -45.06
CA ARG E 206 -9.60 30.80 -45.11
C ARG E 206 -9.38 32.31 -45.04
N ALA E 207 -10.42 33.06 -45.40
CA ALA E 207 -10.45 34.52 -45.28
C ALA E 207 -10.27 34.98 -43.84
N ARG E 208 -10.71 34.15 -42.90
CA ARG E 208 -10.73 34.51 -41.48
C ARG E 208 -9.37 34.37 -40.80
N ALA E 209 -9.22 35.05 -39.66
CA ALA E 209 -7.97 35.06 -38.89
C ALA E 209 -7.50 33.65 -38.56
N ALA E 210 -6.29 33.34 -39.00
CA ALA E 210 -5.76 31.96 -38.98
C ALA E 210 -5.42 31.42 -37.59
N ALA E 211 -4.74 32.23 -36.78
CA ALA E 211 -4.25 31.76 -35.48
C ALA E 211 -5.14 32.15 -34.30
N GLU E 212 -6.41 32.43 -34.58
CA GLU E 212 -7.39 32.73 -33.54
C GLU E 212 -8.66 31.90 -33.72
N ASN E 213 -8.61 30.91 -34.61
CA ASN E 213 -9.81 30.17 -35.03
C ASN E 213 -9.63 28.69 -35.31
N ILE E 214 -10.70 27.93 -35.10
CA ILE E 214 -10.88 26.62 -35.71
C ILE E 214 -11.60 26.88 -37.03
N ILE E 215 -10.93 26.53 -38.12
CA ILE E 215 -11.45 26.82 -39.46
C ILE E 215 -11.67 25.52 -40.24
N PRO E 216 -12.95 25.16 -40.48
CA PRO E 216 -13.19 23.98 -41.31
C PRO E 216 -12.89 24.31 -42.77
N ASN E 217 -12.19 23.42 -43.47
CA ASN E 217 -11.92 23.65 -44.89
C ASN E 217 -11.90 22.39 -45.75
N SER E 218 -12.22 22.59 -47.02
CA SER E 218 -12.24 21.54 -48.02
C SER E 218 -10.85 20.97 -48.29
N THR E 219 -10.80 19.67 -48.60
CA THR E 219 -9.57 19.00 -49.01
C THR E 219 -9.87 17.76 -49.85
N GLY E 220 -9.08 17.59 -50.91
CA GLY E 220 -9.26 16.48 -51.84
C GLY E 220 -8.56 15.21 -51.40
N ALA E 221 -7.45 15.37 -50.68
CA ALA E 221 -6.60 14.26 -50.21
C ALA E 221 -7.31 12.91 -50.10
N ALA E 222 -8.36 12.86 -49.28
CA ALA E 222 -9.16 11.64 -49.09
C ALA E 222 -10.00 11.29 -50.32
N LYS E 223 -10.80 12.24 -50.79
CA LYS E 223 -11.64 12.06 -51.98
C LYS E 223 -10.85 11.50 -53.17
N ALA E 224 -9.72 12.14 -53.46
CA ALA E 224 -8.90 11.79 -54.62
C ALA E 224 -7.73 10.87 -54.26
N ILE E 225 -7.97 9.98 -53.30
CA ILE E 225 -6.99 8.95 -52.92
C ILE E 225 -6.83 7.90 -54.03
N GLY E 226 -7.81 7.86 -54.92
CA GLY E 226 -7.82 6.92 -56.04
C GLY E 226 -6.66 7.09 -57.01
N LYS E 227 -6.12 8.29 -57.09
CA LYS E 227 -4.94 8.58 -57.92
C LYS E 227 -3.70 7.85 -57.43
N VAL E 228 -3.65 7.58 -56.13
CA VAL E 228 -2.50 6.98 -55.47
C VAL E 228 -2.70 5.48 -55.20
N ILE E 229 -3.88 5.14 -54.67
CA ILE E 229 -4.27 3.75 -54.46
C ILE E 229 -5.53 3.49 -55.28
N PRO E 230 -5.37 3.05 -56.55
CA PRO E 230 -6.52 2.88 -57.44
C PRO E 230 -7.50 1.81 -56.97
N GLU E 231 -7.01 0.82 -56.22
CA GLU E 231 -7.86 -0.26 -55.72
C GLU E 231 -8.90 0.17 -54.68
N ILE E 232 -8.69 1.33 -54.04
CA ILE E 232 -9.67 1.88 -53.09
C ILE E 232 -10.32 3.20 -53.55
N ASP E 233 -10.55 3.32 -54.85
CA ASP E 233 -11.06 4.57 -55.42
C ASP E 233 -12.48 4.89 -54.97
N GLY E 234 -12.74 6.18 -54.75
CA GLY E 234 -14.07 6.69 -54.38
C GLY E 234 -14.62 6.11 -53.09
N LYS E 235 -13.74 5.58 -52.25
CA LYS E 235 -14.13 4.95 -50.98
C LYS E 235 -13.87 5.87 -49.79
N LEU E 236 -13.12 6.94 -50.03
CA LEU E 236 -12.79 7.90 -48.98
C LEU E 236 -13.15 9.33 -49.37
N ASP E 237 -13.47 10.13 -48.35
CA ASP E 237 -13.77 11.56 -48.49
C ASP E 237 -13.60 12.19 -47.11
N GLY E 238 -13.77 13.51 -47.01
CA GLY E 238 -13.67 14.20 -45.73
C GLY E 238 -13.06 15.58 -45.82
N GLY E 239 -12.82 16.18 -44.66
CA GLY E 239 -12.34 17.56 -44.60
C GLY E 239 -11.18 17.84 -43.67
N ALA E 240 -10.94 19.12 -43.44
CA ALA E 240 -9.88 19.58 -42.55
C ALA E 240 -10.45 20.53 -41.51
N GLN E 241 -9.80 20.58 -40.35
CA GLN E 241 -10.07 21.61 -39.35
C GLN E 241 -8.76 22.36 -39.10
N ARG E 242 -8.69 23.59 -39.61
CA ARG E 242 -7.47 24.39 -39.52
C ARG E 242 -7.38 25.12 -38.19
N VAL E 243 -6.38 24.76 -37.40
CA VAL E 243 -6.25 25.21 -36.02
C VAL E 243 -5.00 26.09 -35.79
N PRO E 244 -4.98 26.87 -34.69
CA PRO E 244 -3.88 27.80 -34.42
C PRO E 244 -2.56 27.17 -33.94
N VAL E 245 -2.03 26.22 -34.71
CA VAL E 245 -0.65 25.79 -34.57
C VAL E 245 0.07 26.08 -35.88
N ALA E 246 1.33 26.51 -35.80
CA ALA E 246 2.07 26.94 -36.98
C ALA E 246 2.40 25.80 -37.93
N THR E 247 2.78 24.64 -37.38
CA THR E 247 2.96 23.41 -38.16
C THR E 247 2.73 22.15 -37.33
N GLY E 248 2.47 21.04 -38.01
CA GLY E 248 2.15 19.78 -37.35
C GLY E 248 0.66 19.48 -37.44
N SER E 249 0.32 18.54 -38.30
CA SER E 249 -1.08 18.17 -38.52
C SER E 249 -1.31 16.71 -38.14
N LEU E 250 -2.58 16.32 -38.04
CA LEU E 250 -2.95 14.96 -37.64
C LEU E 250 -4.12 14.45 -38.48
N THR E 251 -3.92 13.32 -39.16
CA THR E 251 -4.97 12.70 -39.97
C THR E 251 -5.72 11.63 -39.17
N GLU E 252 -7.05 11.79 -39.15
CA GLU E 252 -7.93 10.96 -38.33
C GLU E 252 -8.96 10.30 -39.24
N LEU E 253 -8.92 8.97 -39.30
CA LEU E 253 -9.70 8.21 -40.28
C LEU E 253 -10.65 7.21 -39.63
N THR E 254 -11.95 7.39 -39.87
CA THR E 254 -12.98 6.46 -39.41
C THR E 254 -13.44 5.61 -40.59
N VAL E 255 -13.34 4.29 -40.44
CA VAL E 255 -13.60 3.37 -41.55
C VAL E 255 -14.54 2.20 -41.21
N VAL E 256 -15.19 1.67 -42.25
CA VAL E 256 -15.93 0.43 -42.17
C VAL E 256 -15.11 -0.65 -42.89
N LEU E 257 -14.94 -1.80 -42.24
CA LEU E 257 -14.07 -2.85 -42.76
C LEU E 257 -14.81 -4.13 -43.12
N GLU E 258 -14.21 -4.91 -44.03
CA GLU E 258 -14.74 -6.21 -44.43
C GLU E 258 -14.53 -7.25 -43.34
N LYS E 259 -13.27 -7.45 -42.94
CA LYS E 259 -12.90 -8.45 -41.93
C LYS E 259 -13.62 -8.22 -40.61
N GLN E 260 -14.26 -9.27 -40.08
CA GLN E 260 -15.13 -9.16 -38.92
C GLN E 260 -14.44 -9.34 -37.57
N ASP E 261 -15.18 -9.05 -36.50
CA ASP E 261 -14.62 -8.83 -35.14
C ASP E 261 -13.13 -8.50 -35.08
N VAL E 262 -12.82 -7.27 -35.50
CA VAL E 262 -11.48 -6.70 -35.46
C VAL E 262 -11.21 -6.07 -34.08
N THR E 263 -9.94 -6.07 -33.68
CA THR E 263 -9.51 -5.48 -32.40
C THR E 263 -8.47 -4.39 -32.59
N VAL E 264 -8.32 -3.54 -31.58
CA VAL E 264 -7.32 -2.45 -31.55
C VAL E 264 -5.91 -2.98 -31.84
N GLU E 265 -5.57 -4.13 -31.25
CA GLU E 265 -4.23 -4.72 -31.33
C GLU E 265 -3.87 -5.29 -32.70
N GLN E 266 -4.87 -5.72 -33.46
CA GLN E 266 -4.65 -6.23 -34.82
C GLN E 266 -4.26 -5.12 -35.78
N VAL E 267 -4.89 -3.96 -35.59
CA VAL E 267 -4.65 -2.78 -36.43
C VAL E 267 -3.28 -2.17 -36.13
N ASN E 268 -3.01 -1.92 -34.85
CA ASN E 268 -1.71 -1.38 -34.40
C ASN E 268 -0.53 -2.23 -34.85
N GLU E 269 -0.72 -3.55 -34.86
CA GLU E 269 0.31 -4.48 -35.31
C GLU E 269 0.46 -4.45 -36.82
N ALA E 270 -0.67 -4.40 -37.53
CA ALA E 270 -0.69 -4.34 -38.99
C ALA E 270 0.01 -3.08 -39.51
N MET E 271 -0.24 -1.96 -38.86
CA MET E 271 0.40 -0.69 -39.19
C MET E 271 1.90 -0.73 -38.89
N LYS E 272 2.24 -1.30 -37.74
CA LYS E 272 3.63 -1.45 -37.31
C LYS E 272 4.45 -2.28 -38.30
N ASN E 273 3.90 -3.41 -38.72
CA ASN E 273 4.57 -4.34 -39.64
C ASN E 273 4.80 -3.75 -41.05
N ALA E 274 4.12 -2.64 -41.34
CA ALA E 274 4.24 -1.98 -42.64
C ALA E 274 5.00 -0.65 -42.57
N SER E 275 5.61 -0.38 -41.41
CA SER E 275 6.38 0.84 -41.20
C SER E 275 7.73 0.81 -41.92
N ASN E 276 8.13 1.96 -42.46
CA ASN E 276 9.42 2.12 -43.14
C ASN E 276 10.03 3.51 -42.93
N GLU E 277 10.73 4.04 -43.93
CA GLU E 277 11.31 5.39 -43.82
C GLU E 277 10.26 6.49 -43.99
N SER E 278 9.17 6.14 -44.67
CA SER E 278 8.11 7.10 -45.00
C SER E 278 6.91 6.98 -44.06
N PHE E 279 6.78 5.82 -43.44
CA PHE E 279 5.64 5.52 -42.58
C PHE E 279 6.16 5.06 -41.22
N GLY E 280 6.01 5.91 -40.21
CA GLY E 280 6.54 5.64 -38.88
C GLY E 280 5.52 5.03 -37.94
N TYR E 281 6.02 4.44 -36.85
CA TYR E 281 5.16 3.86 -35.84
C TYR E 281 5.56 4.36 -34.45
N THR E 282 4.57 4.79 -33.67
CA THR E 282 4.82 5.21 -32.28
C THR E 282 3.70 4.81 -31.32
N GLU E 283 4.09 4.55 -30.07
CA GLU E 283 3.17 4.24 -28.99
C GLU E 283 3.33 5.24 -27.85
N ASP E 284 4.16 6.25 -28.06
CA ASP E 284 4.31 7.34 -27.10
C ASP E 284 3.17 8.34 -27.27
N GLU E 285 2.61 8.78 -26.15
CA GLU E 285 1.52 9.76 -26.15
C GLU E 285 2.07 11.14 -26.47
N ILE E 286 2.37 11.37 -27.75
CA ILE E 286 2.97 12.62 -28.19
C ILE E 286 1.89 13.66 -28.52
N VAL E 287 2.32 14.90 -28.71
CA VAL E 287 1.45 15.96 -29.22
C VAL E 287 2.05 16.56 -30.50
N SER E 288 1.33 17.48 -31.13
CA SER E 288 1.68 17.99 -32.46
C SER E 288 3.09 18.55 -32.60
N SER E 289 3.54 19.33 -31.61
CA SER E 289 4.88 19.95 -31.65
C SER E 289 6.01 18.93 -31.65
N ASP E 290 5.70 17.70 -31.24
CA ASP E 290 6.67 16.60 -31.21
C ASP E 290 7.03 16.08 -32.59
N VAL E 291 6.21 16.40 -33.60
CA VAL E 291 6.45 15.95 -34.97
C VAL E 291 7.04 17.04 -35.87
N VAL E 292 7.21 18.24 -35.32
CA VAL E 292 7.84 19.35 -36.04
C VAL E 292 9.28 18.99 -36.37
N GLY E 293 9.61 19.04 -37.66
CA GLY E 293 10.95 18.70 -38.14
C GLY E 293 11.09 17.29 -38.68
N MET E 294 10.14 16.42 -38.34
CA MET E 294 10.23 15.00 -38.68
C MET E 294 10.18 14.73 -40.18
N THR E 295 10.78 13.61 -40.58
CA THR E 295 10.97 13.28 -41.99
C THR E 295 10.09 12.10 -42.44
N TYR E 296 9.29 11.57 -41.51
CA TYR E 296 8.29 10.57 -41.84
C TYR E 296 7.13 11.22 -42.57
N GLY E 297 6.69 10.61 -43.67
CA GLY E 297 5.53 11.10 -44.41
C GLY E 297 4.24 11.01 -43.62
N SER E 298 4.22 10.06 -42.68
CA SER E 298 3.06 9.80 -41.83
C SER E 298 3.52 9.01 -40.61
N LEU E 299 3.14 9.46 -39.42
CA LEU E 299 3.49 8.77 -38.18
C LEU E 299 2.27 8.19 -37.49
N PHE E 300 2.13 6.87 -37.55
CA PHE E 300 1.00 6.19 -36.94
C PHE E 300 1.07 6.24 -35.41
N ASP E 301 -0.02 6.70 -34.81
CA ASP E 301 -0.13 6.81 -33.35
C ASP E 301 -0.97 5.67 -32.81
N ALA E 302 -0.30 4.66 -32.25
CA ALA E 302 -0.95 3.46 -31.73
C ALA E 302 -1.88 3.75 -30.54
N THR E 303 -1.57 4.81 -29.80
CA THR E 303 -2.35 5.22 -28.63
C THR E 303 -3.77 5.68 -28.99
N GLN E 304 -3.95 6.09 -30.25
CA GLN E 304 -5.21 6.70 -30.69
C GLN E 304 -6.14 5.74 -31.45
N THR E 305 -5.67 4.53 -31.72
CA THR E 305 -6.49 3.51 -32.38
C THR E 305 -7.69 3.14 -31.51
N ARG E 306 -8.86 3.08 -32.13
CA ARG E 306 -10.11 2.86 -31.40
C ARG E 306 -11.12 2.08 -32.24
N VAL E 307 -11.85 1.17 -31.59
CA VAL E 307 -12.82 0.31 -32.28
C VAL E 307 -14.18 0.31 -31.60
N MET E 308 -15.21 0.73 -32.33
CA MET E 308 -16.59 0.70 -31.86
C MET E 308 -17.30 -0.55 -32.37
N SER E 309 -17.80 -1.37 -31.44
CA SER E 309 -18.50 -2.60 -31.78
C SER E 309 -19.90 -2.65 -31.17
N VAL E 310 -20.90 -2.73 -32.05
CA VAL E 310 -22.30 -2.93 -31.64
C VAL E 310 -22.85 -4.10 -32.45
N GLY E 311 -22.97 -5.25 -31.79
CA GLY E 311 -23.28 -6.51 -32.48
C GLY E 311 -22.04 -6.97 -33.23
N ASP E 312 -22.25 -7.43 -34.46
CA ASP E 312 -21.15 -7.80 -35.35
C ASP E 312 -20.79 -6.62 -36.27
N ARG E 313 -21.30 -5.44 -35.93
CA ARG E 313 -21.06 -4.24 -36.71
C ARG E 313 -20.00 -3.36 -36.02
N GLN E 314 -19.01 -2.94 -36.79
CA GLN E 314 -17.84 -2.24 -36.24
C GLN E 314 -17.52 -0.94 -36.96
N LEU E 315 -17.00 0.02 -36.18
CA LEU E 315 -16.31 1.19 -36.71
C LEU E 315 -14.89 1.21 -36.17
N VAL E 316 -13.95 1.63 -36.99
CA VAL E 316 -12.54 1.64 -36.60
C VAL E 316 -11.91 3.01 -36.88
N LYS E 317 -11.37 3.63 -35.83
CA LYS E 317 -10.70 4.93 -35.95
C LYS E 317 -9.19 4.79 -35.79
N VAL E 318 -8.47 5.38 -36.72
CA VAL E 318 -7.01 5.46 -36.66
C VAL E 318 -6.56 6.92 -36.79
N ALA E 319 -5.34 7.21 -36.36
CA ALA E 319 -4.79 8.56 -36.43
C ALA E 319 -3.29 8.56 -36.71
N ALA E 320 -2.87 9.46 -37.59
CA ALA E 320 -1.46 9.58 -37.96
C ALA E 320 -0.99 11.03 -37.96
N TRP E 321 0.08 11.28 -37.21
CA TRP E 321 0.72 12.59 -37.17
C TRP E 321 1.54 12.83 -38.43
N TYR E 322 1.63 14.09 -38.84
CA TYR E 322 2.50 14.49 -39.94
C TYR E 322 2.81 15.98 -39.90
N ASP E 323 4.10 16.30 -39.94
CA ASP E 323 4.55 17.67 -40.09
C ASP E 323 4.23 18.09 -41.53
N ASN E 324 3.04 18.63 -41.72
CA ASN E 324 2.57 19.03 -43.05
C ASN E 324 3.61 19.79 -43.88
N GLU E 325 4.55 20.42 -43.18
CA GLU E 325 5.71 21.05 -43.82
C GLU E 325 6.80 20.03 -44.14
N MET E 326 7.55 19.61 -43.12
CA MET E 326 8.75 18.79 -43.31
C MET E 326 8.45 17.34 -43.69
N SER E 327 7.45 16.73 -43.06
CA SER E 327 7.00 15.39 -43.42
C SER E 327 6.75 15.27 -44.91
N TYR E 328 5.98 16.21 -45.44
CA TYR E 328 5.70 16.25 -46.87
C TYR E 328 6.95 16.58 -47.67
N THR E 329 7.72 17.55 -47.19
CA THR E 329 8.98 17.95 -47.83
C THR E 329 9.90 16.75 -48.02
N ALA E 330 10.17 16.03 -46.93
CA ALA E 330 11.05 14.86 -46.95
C ALA E 330 10.57 13.79 -47.93
N GLN E 331 9.25 13.65 -48.05
CA GLN E 331 8.63 12.72 -49.00
C GLN E 331 8.81 13.18 -50.44
N LEU E 332 8.58 14.47 -50.67
CA LEU E 332 8.69 15.08 -52.00
C LEU E 332 10.09 14.93 -52.58
N VAL E 333 11.09 15.13 -51.73
CA VAL E 333 12.51 14.98 -52.11
C VAL E 333 12.84 13.53 -52.43
N ARG E 334 12.26 12.60 -51.68
CA ARG E 334 12.43 11.17 -51.93
C ARG E 334 11.89 10.79 -53.33
N THR E 335 10.74 11.37 -53.69
CA THR E 335 10.17 11.20 -55.02
C THR E 335 11.04 11.87 -56.07
N LEU E 336 11.58 13.04 -55.74
CA LEU E 336 12.46 13.80 -56.63
C LEU E 336 13.71 13.01 -57.00
N ALA E 337 14.29 12.32 -56.01
CA ALA E 337 15.47 11.49 -56.22
C ALA E 337 15.19 10.29 -57.12
N TYR E 338 14.11 9.57 -56.83
CA TYR E 338 13.71 8.39 -57.60
C TYR E 338 13.43 8.74 -59.07
N LEU E 339 12.76 9.87 -59.28
CA LEU E 339 12.48 10.38 -60.62
C LEU E 339 13.77 10.75 -61.35
N ALA E 340 14.74 11.27 -60.61
CA ALA E 340 16.03 11.70 -61.16
C ALA E 340 16.97 10.53 -61.45
N GLU E 341 17.04 9.57 -60.53
CA GLU E 341 17.84 8.36 -60.68
C GLU E 341 17.40 7.53 -61.89
N LEU E 342 16.17 7.78 -62.35
CA LEU E 342 15.59 7.07 -63.49
C LEU E 342 15.89 7.70 -64.85
N SER E 343 17.01 8.43 -64.94
CA SER E 343 17.46 9.03 -66.19
C SER E 343 18.89 9.55 -66.08
N ALA F 10 -38.93 33.76 -5.80
CA ALA F 10 -37.49 34.16 -5.92
C ALA F 10 -36.57 33.06 -5.41
N VAL F 11 -35.80 32.46 -6.33
CA VAL F 11 -34.94 31.33 -6.03
C VAL F 11 -33.51 31.78 -5.70
N LYS F 12 -33.08 31.47 -4.47
CA LYS F 12 -31.77 31.87 -3.96
C LYS F 12 -30.70 30.84 -4.29
N VAL F 13 -29.62 31.30 -4.94
CA VAL F 13 -28.61 30.40 -5.49
C VAL F 13 -27.21 30.69 -4.91
N ALA F 14 -26.47 29.62 -4.63
CA ALA F 14 -25.07 29.73 -4.24
C ALA F 14 -24.19 29.11 -5.31
N ILE F 15 -23.26 29.91 -5.85
CA ILE F 15 -22.28 29.41 -6.80
C ILE F 15 -21.03 28.94 -6.07
N ASN F 16 -20.90 27.62 -5.94
CA ASN F 16 -19.69 27.01 -5.42
C ASN F 16 -18.71 26.82 -6.58
N GLY F 17 -17.57 27.51 -6.50
CA GLY F 17 -16.60 27.51 -7.58
C GLY F 17 -16.84 28.65 -8.54
N PHE F 18 -16.15 29.76 -8.31
CA PHE F 18 -16.35 30.99 -9.07
C PHE F 18 -15.31 31.13 -10.18
N GLY F 19 -15.18 30.09 -10.99
CA GLY F 19 -14.25 30.07 -12.11
C GLY F 19 -14.90 30.42 -13.42
N ARG F 20 -14.49 29.74 -14.50
CA ARG F 20 -15.01 30.03 -15.83
C ARG F 20 -16.52 29.84 -15.93
N ILE F 21 -17.00 28.65 -15.58
CA ILE F 21 -18.42 28.32 -15.63
C ILE F 21 -19.20 29.07 -14.54
N GLY F 22 -18.60 29.17 -13.36
CA GLY F 22 -19.20 29.87 -12.23
C GLY F 22 -19.53 31.32 -12.51
N ARG F 23 -18.51 32.09 -12.93
CA ARG F 23 -18.66 33.52 -13.20
C ARG F 23 -19.62 33.82 -14.35
N LEU F 24 -19.63 32.94 -15.36
CA LEU F 24 -20.51 33.11 -16.50
C LEU F 24 -21.96 32.76 -16.15
N ALA F 25 -22.13 31.75 -15.30
CA ALA F 25 -23.44 31.40 -14.76
C ALA F 25 -23.99 32.56 -13.95
N PHE F 26 -23.11 33.28 -13.27
CA PHE F 26 -23.47 34.50 -12.55
C PHE F 26 -24.00 35.57 -13.50
N ARG F 27 -23.21 35.86 -14.54
CA ARG F 27 -23.58 36.85 -15.56
C ARG F 27 -24.89 36.49 -16.24
N ARG F 28 -25.08 35.19 -16.48
CA ARG F 28 -26.30 34.67 -17.09
C ARG F 28 -27.49 34.82 -16.15
N ILE F 29 -27.27 34.60 -14.85
CA ILE F 29 -28.33 34.71 -13.84
C ILE F 29 -28.85 36.14 -13.69
N GLN F 30 -27.98 37.12 -13.91
CA GLN F 30 -28.36 38.54 -13.84
C GLN F 30 -29.60 38.85 -14.68
N GLU F 31 -29.58 38.42 -15.94
CA GLU F 31 -30.67 38.68 -16.88
C GLU F 31 -31.80 37.63 -16.82
N VAL F 32 -32.07 37.12 -15.62
CA VAL F 32 -33.15 36.16 -15.39
C VAL F 32 -33.91 36.50 -14.09
N GLU F 33 -35.20 36.82 -14.23
CA GLU F 33 -36.05 37.12 -13.08
C GLU F 33 -36.37 35.85 -12.30
N GLY F 34 -36.46 35.97 -10.98
CA GLY F 34 -36.73 34.84 -10.10
C GLY F 34 -35.49 34.07 -9.69
N LEU F 35 -34.41 34.27 -10.43
CA LEU F 35 -33.13 33.61 -10.15
C LEU F 35 -32.15 34.66 -9.63
N GLU F 36 -31.46 34.33 -8.54
CA GLU F 36 -30.62 35.29 -7.83
C GLU F 36 -29.49 34.63 -7.05
N VAL F 37 -28.26 35.05 -7.34
CA VAL F 37 -27.09 34.57 -6.61
C VAL F 37 -26.95 35.35 -5.31
N VAL F 38 -26.92 34.65 -4.19
CA VAL F 38 -26.77 35.29 -2.88
C VAL F 38 -25.44 34.96 -2.19
N ALA F 39 -24.80 33.88 -2.64
CA ALA F 39 -23.53 33.45 -2.06
C ALA F 39 -22.57 32.89 -3.11
N VAL F 40 -21.27 33.15 -2.91
CA VAL F 40 -20.21 32.66 -3.78
C VAL F 40 -19.13 32.00 -2.91
N ASN F 41 -18.67 30.82 -3.32
CA ASN F 41 -17.59 30.13 -2.60
C ASN F 41 -16.37 29.91 -3.49
N ASP F 42 -15.21 30.33 -3.02
CA ASP F 42 -13.95 30.15 -3.76
C ASP F 42 -12.69 30.32 -2.91
N LEU F 43 -11.62 29.64 -3.32
CA LEU F 43 -10.35 29.60 -2.62
C LEU F 43 -9.56 30.92 -2.58
N THR F 44 -10.06 31.94 -3.27
CA THR F 44 -9.31 33.20 -3.43
C THR F 44 -9.90 34.40 -2.67
N ASP F 45 -9.16 35.50 -2.64
CA ASP F 45 -9.59 36.73 -1.96
C ASP F 45 -10.70 37.45 -2.73
N ASP F 46 -11.30 38.46 -2.09
CA ASP F 46 -12.45 39.17 -2.66
C ASP F 46 -12.13 40.13 -3.82
N ASP F 47 -10.91 40.67 -3.83
CA ASP F 47 -10.45 41.51 -4.94
C ASP F 47 -10.34 40.67 -6.22
N MET F 48 -9.73 39.49 -6.09
CA MET F 48 -9.55 38.57 -7.20
C MET F 48 -10.90 38.16 -7.82
N LEU F 49 -11.88 37.88 -6.96
CA LEU F 49 -13.23 37.51 -7.41
C LEU F 49 -13.89 38.64 -8.20
N ALA F 50 -13.96 39.81 -7.60
CA ALA F 50 -14.58 41.00 -8.21
C ALA F 50 -13.90 41.40 -9.53
N HIS F 51 -12.59 41.19 -9.60
CA HIS F 51 -11.82 41.53 -10.79
C HIS F 51 -12.05 40.54 -11.93
N LEU F 52 -12.17 39.26 -11.59
CA LEU F 52 -12.38 38.21 -12.58
C LEU F 52 -13.81 38.19 -13.12
N LEU F 53 -14.76 38.63 -12.30
CA LEU F 53 -16.13 38.83 -12.74
C LEU F 53 -16.19 40.04 -13.68
N LYS F 54 -15.43 41.08 -13.32
CA LYS F 54 -15.45 42.36 -14.02
C LYS F 54 -14.75 42.32 -15.39
N TYR F 55 -13.66 41.55 -15.48
CA TYR F 55 -12.89 41.47 -16.72
C TYR F 55 -12.79 40.04 -17.24
N ASP F 56 -13.18 39.84 -18.50
CA ASP F 56 -13.15 38.52 -19.11
C ASP F 56 -12.42 38.59 -20.46
N THR F 57 -11.39 37.76 -20.60
CA THR F 57 -10.54 37.73 -21.79
C THR F 57 -11.33 37.41 -23.06
N MET F 58 -12.14 36.36 -23.00
CA MET F 58 -12.88 35.88 -24.16
C MET F 58 -14.32 36.39 -24.21
N GLN F 59 -14.90 36.66 -23.05
CA GLN F 59 -16.30 37.06 -22.96
C GLN F 59 -16.51 38.58 -22.88
N GLY F 60 -15.54 39.30 -22.34
CA GLY F 60 -15.56 40.76 -22.32
C GLY F 60 -16.05 41.39 -21.03
N ARG F 61 -15.76 42.68 -20.87
CA ARG F 61 -16.15 43.47 -19.69
C ARG F 61 -17.59 43.18 -19.26
N PHE F 62 -17.76 42.88 -17.97
CA PHE F 62 -19.07 42.62 -17.38
C PHE F 62 -19.93 43.88 -17.39
N THR F 63 -21.16 43.76 -17.91
CA THR F 63 -22.02 44.93 -18.15
C THR F 63 -22.87 45.33 -16.94
N GLY F 64 -22.24 45.35 -15.77
CA GLY F 64 -22.84 45.88 -14.55
C GLY F 64 -21.80 46.70 -13.83
N GLU F 65 -21.96 46.85 -12.51
CA GLU F 65 -20.94 47.51 -11.70
C GLU F 65 -20.65 46.76 -10.40
N VAL F 66 -19.37 46.51 -10.15
CA VAL F 66 -18.92 45.70 -9.02
C VAL F 66 -18.05 46.53 -8.07
N GLU F 67 -18.38 46.46 -6.78
CA GLU F 67 -17.59 47.09 -5.73
C GLU F 67 -17.38 46.12 -4.58
N VAL F 68 -16.14 46.01 -4.12
CA VAL F 68 -15.78 45.09 -3.03
C VAL F 68 -16.18 45.67 -1.68
N VAL F 69 -16.97 44.91 -0.92
CA VAL F 69 -17.46 45.36 0.39
C VAL F 69 -17.09 44.39 1.53
N ASP F 70 -17.74 44.59 2.68
CA ASP F 70 -17.50 43.77 3.87
C ASP F 70 -18.15 42.38 3.72
N GLY F 71 -17.31 41.35 3.70
CA GLY F 71 -17.78 39.96 3.61
C GLY F 71 -18.30 39.55 2.26
N GLY F 72 -17.83 40.22 1.21
CA GLY F 72 -18.25 39.94 -0.15
C GLY F 72 -18.13 41.14 -1.08
N PHE F 73 -18.98 41.17 -2.10
CA PHE F 73 -19.02 42.29 -3.04
C PHE F 73 -20.46 42.60 -3.45
N ARG F 74 -20.65 43.77 -4.04
CA ARG F 74 -21.97 44.24 -4.45
C ARG F 74 -22.04 44.41 -5.97
N VAL F 75 -22.99 43.71 -6.59
CA VAL F 75 -23.16 43.73 -8.04
C VAL F 75 -24.52 44.31 -8.40
N ASN F 76 -24.50 45.42 -9.15
CA ASN F 76 -25.71 46.19 -9.48
C ASN F 76 -26.54 46.58 -8.25
N GLY F 77 -25.86 47.13 -7.25
CA GLY F 77 -26.51 47.54 -6.00
C GLY F 77 -27.00 46.40 -5.13
N LYS F 78 -26.81 45.16 -5.60
CA LYS F 78 -27.28 43.97 -4.88
C LYS F 78 -26.15 43.25 -4.15
N GLU F 79 -26.43 42.85 -2.91
CA GLU F 79 -25.45 42.21 -2.02
C GLU F 79 -25.12 40.78 -2.44
N VAL F 80 -23.84 40.43 -2.38
CA VAL F 80 -23.39 39.05 -2.57
C VAL F 80 -22.37 38.67 -1.49
N LYS F 81 -22.65 37.57 -0.79
CA LYS F 81 -21.74 37.04 0.24
C LYS F 81 -20.69 36.14 -0.42
N SER F 82 -19.47 36.19 0.09
CA SER F 82 -18.38 35.36 -0.43
C SER F 82 -17.68 34.59 0.68
N PHE F 83 -17.23 33.37 0.35
CA PHE F 83 -16.61 32.49 1.33
C PHE F 83 -15.41 31.77 0.72
N SER F 84 -14.29 31.82 1.44
CA SER F 84 -13.07 31.11 1.04
C SER F 84 -12.94 29.82 1.84
N GLU F 85 -13.86 28.89 1.55
CA GLU F 85 -14.00 27.66 2.32
C GLU F 85 -13.96 26.43 1.40
N PRO F 86 -12.88 25.61 1.52
CA PRO F 86 -12.65 24.46 0.64
C PRO F 86 -13.58 23.27 0.89
N ASP F 87 -13.83 22.95 2.16
CA ASP F 87 -14.74 21.88 2.54
C ASP F 87 -16.18 22.37 2.37
N ALA F 88 -16.93 21.68 1.50
CA ALA F 88 -18.27 22.11 1.09
C ALA F 88 -19.30 22.11 2.22
N SER F 89 -19.21 21.09 3.08
CA SER F 89 -20.16 20.93 4.20
C SER F 89 -20.05 22.05 5.24
N LYS F 90 -18.88 22.69 5.29
CA LYS F 90 -18.63 23.79 6.22
C LYS F 90 -19.43 25.05 5.90
N LEU F 91 -20.01 25.10 4.71
CA LEU F 91 -20.65 26.31 4.18
C LEU F 91 -22.01 26.62 4.81
N PRO F 92 -22.28 27.93 5.02
CA PRO F 92 -23.48 28.37 5.75
C PRO F 92 -24.75 28.37 4.89
N TRP F 93 -24.87 27.38 3.99
CA TRP F 93 -26.00 27.28 3.08
C TRP F 93 -27.34 27.31 3.80
N LYS F 94 -27.37 26.69 4.98
CA LYS F 94 -28.55 26.66 5.84
C LYS F 94 -29.00 28.06 6.20
N ASP F 95 -28.09 28.83 6.81
CA ASP F 95 -28.36 30.19 7.25
C ASP F 95 -28.77 31.12 6.11
N LEU F 96 -28.14 30.93 4.95
CA LEU F 96 -28.43 31.73 3.77
C LEU F 96 -29.63 31.20 2.97
N ASN F 97 -30.21 30.10 3.45
CA ASN F 97 -31.49 29.60 2.93
C ASN F 97 -31.41 29.25 1.44
N ILE F 98 -30.29 28.62 1.05
CA ILE F 98 -29.98 28.35 -0.35
C ILE F 98 -30.95 27.36 -0.99
N ASP F 99 -31.63 27.80 -2.05
CA ASP F 99 -32.55 26.95 -2.79
C ASP F 99 -31.80 25.91 -3.63
N VAL F 100 -30.83 26.36 -4.41
CA VAL F 100 -30.01 25.47 -5.26
C VAL F 100 -28.54 25.91 -5.23
N VAL F 101 -27.64 24.92 -5.12
CA VAL F 101 -26.20 25.18 -5.20
C VAL F 101 -25.66 24.82 -6.58
N LEU F 102 -25.05 25.81 -7.25
CA LEU F 102 -24.29 25.56 -8.46
C LEU F 102 -22.89 25.10 -8.08
N GLU F 103 -22.67 23.79 -8.21
CA GLU F 103 -21.40 23.17 -7.87
C GLU F 103 -20.46 23.22 -9.08
N CYS F 104 -19.48 24.12 -9.03
CA CYS F 104 -18.61 24.38 -10.19
C CYS F 104 -17.12 24.28 -9.88
N THR F 105 -16.77 23.53 -8.83
CA THR F 105 -15.36 23.38 -8.45
C THR F 105 -14.65 22.28 -9.25
N GLY F 106 -15.40 21.25 -9.61
CA GLY F 106 -14.84 20.08 -10.29
C GLY F 106 -14.31 19.05 -9.33
N PHE F 107 -14.48 19.33 -8.04
CA PHE F 107 -14.03 18.44 -6.97
C PHE F 107 -15.22 17.76 -6.31
N TYR F 108 -16.43 18.08 -6.77
CA TYR F 108 -17.66 17.51 -6.24
C TYR F 108 -18.56 16.95 -7.36
N THR F 109 -17.94 16.15 -8.23
CA THR F 109 -18.64 15.54 -9.36
C THR F 109 -19.06 14.11 -9.04
N ASP F 110 -19.81 13.97 -7.94
CA ASP F 110 -20.29 12.67 -7.45
C ASP F 110 -21.44 12.92 -6.49
N LYS F 111 -22.52 12.13 -6.60
CA LYS F 111 -23.72 12.32 -5.77
C LYS F 111 -23.41 12.33 -4.28
N ASP F 112 -22.62 11.36 -3.83
CA ASP F 112 -22.24 11.24 -2.41
C ASP F 112 -21.32 12.37 -1.94
N LYS F 113 -20.49 12.88 -2.85
CA LYS F 113 -19.58 13.98 -2.55
C LYS F 113 -20.31 15.32 -2.49
N ALA F 114 -21.13 15.59 -3.51
CA ALA F 114 -21.92 16.82 -3.60
C ALA F 114 -22.95 16.93 -2.48
N GLN F 115 -23.19 15.80 -1.80
CA GLN F 115 -24.14 15.72 -0.69
C GLN F 115 -23.78 16.63 0.48
N ALA F 116 -22.51 17.03 0.55
CA ALA F 116 -22.02 17.95 1.59
C ALA F 116 -22.79 19.27 1.61
N HIS F 117 -23.29 19.69 0.46
CA HIS F 117 -24.08 20.92 0.35
C HIS F 117 -25.47 20.75 0.96
N ILE F 118 -26.08 19.58 0.74
CA ILE F 118 -27.36 19.25 1.38
C ILE F 118 -27.15 19.14 2.89
N GLU F 119 -25.99 18.62 3.28
CA GLU F 119 -25.58 18.56 4.68
C GLU F 119 -25.29 19.95 5.23
N ALA F 120 -24.90 20.86 4.34
CA ALA F 120 -24.63 22.25 4.70
C ALA F 120 -25.92 23.06 4.88
N GLY F 121 -27.02 22.53 4.37
CA GLY F 121 -28.33 23.17 4.52
C GLY F 121 -28.97 23.61 3.22
N ALA F 122 -28.29 23.35 2.09
CA ALA F 122 -28.84 23.62 0.78
C ALA F 122 -29.89 22.57 0.44
N LYS F 123 -30.89 22.97 -0.33
CA LYS F 123 -31.98 22.07 -0.71
C LYS F 123 -31.58 21.17 -1.88
N LYS F 124 -30.93 21.74 -2.89
CA LYS F 124 -30.57 21.02 -4.10
C LYS F 124 -29.17 21.40 -4.62
N VAL F 125 -28.56 20.48 -5.37
CA VAL F 125 -27.24 20.69 -5.97
C VAL F 125 -27.31 20.39 -7.47
N LEU F 126 -26.78 21.32 -8.27
CA LEU F 126 -26.62 21.08 -9.71
C LEU F 126 -25.12 21.14 -10.04
N ILE F 127 -24.56 19.98 -10.37
CA ILE F 127 -23.14 19.88 -10.67
C ILE F 127 -22.87 20.28 -12.12
N SER F 128 -21.91 21.19 -12.30
CA SER F 128 -21.62 21.80 -13.60
C SER F 128 -20.79 20.91 -14.54
N ALA F 129 -20.81 19.60 -14.29
CA ALA F 129 -20.04 18.62 -15.06
C ALA F 129 -20.67 17.23 -14.98
N PRO F 130 -20.22 16.28 -15.81
CA PRO F 130 -20.71 14.90 -15.68
C PRO F 130 -20.27 14.28 -14.35
N ALA F 131 -21.24 13.70 -13.64
CA ALA F 131 -21.01 13.22 -12.28
C ALA F 131 -21.29 11.74 -12.11
N THR F 132 -20.62 11.14 -11.13
CA THR F 132 -20.88 9.76 -10.74
C THR F 132 -22.04 9.67 -9.74
N GLY F 133 -22.55 8.47 -9.53
CA GLY F 133 -23.62 8.23 -8.58
C GLY F 133 -24.98 7.98 -9.22
N ASP F 134 -25.95 7.59 -8.40
CA ASP F 134 -27.31 7.35 -8.85
C ASP F 134 -28.08 8.67 -8.91
N LEU F 135 -27.76 9.47 -9.93
CA LEU F 135 -28.39 10.78 -10.14
C LEU F 135 -28.78 10.95 -11.61
N LYS F 136 -29.60 11.96 -11.89
CA LYS F 136 -30.05 12.22 -13.26
C LYS F 136 -29.16 13.25 -13.96
N THR F 137 -28.84 12.97 -15.23
CA THR F 137 -28.00 13.85 -16.05
C THR F 137 -28.89 14.57 -17.07
N ILE F 138 -28.81 15.89 -17.09
CA ILE F 138 -29.76 16.72 -17.85
C ILE F 138 -29.10 17.65 -18.86
N VAL F 139 -29.41 17.42 -20.13
CA VAL F 139 -29.13 18.36 -21.21
C VAL F 139 -30.45 19.06 -21.53
N PHE F 140 -30.51 20.37 -21.34
CA PHE F 140 -31.76 21.10 -21.51
C PHE F 140 -32.32 20.98 -22.93
N ASN F 141 -33.65 20.85 -23.01
CA ASN F 141 -34.39 20.62 -24.25
C ASN F 141 -34.05 19.30 -24.96
N THR F 142 -33.55 18.34 -24.19
CA THR F 142 -33.26 17.01 -24.71
C THR F 142 -33.84 15.95 -23.77
N ASN F 143 -33.74 16.18 -22.45
CA ASN F 143 -34.33 15.28 -21.45
C ASN F 143 -34.65 15.93 -20.11
N HIS F 144 -34.74 17.26 -20.07
CA HIS F 144 -34.99 17.99 -18.82
C HIS F 144 -36.37 17.67 -18.21
N GLN F 145 -37.24 17.10 -19.04
CA GLN F 145 -38.59 16.70 -18.64
C GLN F 145 -38.58 15.49 -17.71
N GLU F 146 -37.46 14.75 -17.72
CA GLU F 146 -37.31 13.56 -16.87
C GLU F 146 -37.14 13.91 -15.39
N LEU F 147 -36.87 15.19 -15.11
CA LEU F 147 -36.90 15.71 -13.76
C LEU F 147 -38.35 15.78 -13.28
N ASP F 148 -38.62 15.15 -12.14
CA ASP F 148 -39.97 15.15 -11.58
C ASP F 148 -40.12 16.12 -10.39
N GLY F 149 -39.01 16.78 -10.05
CA GLY F 149 -38.99 17.75 -8.95
C GLY F 149 -38.48 17.22 -7.63
N SER F 150 -38.34 15.89 -7.53
CA SER F 150 -37.94 15.26 -6.27
C SER F 150 -36.43 15.09 -6.09
N GLU F 151 -35.65 15.56 -7.06
CA GLU F 151 -34.19 15.37 -7.07
C GLU F 151 -33.46 16.38 -6.19
N THR F 152 -32.23 16.04 -5.83
CA THR F 152 -31.40 16.89 -4.95
C THR F 152 -29.96 17.03 -5.43
N VAL F 153 -29.52 16.09 -6.26
CA VAL F 153 -28.22 16.16 -6.92
C VAL F 153 -28.40 15.85 -8.40
N VAL F 154 -28.13 16.82 -9.27
CA VAL F 154 -28.38 16.68 -10.70
C VAL F 154 -27.13 17.06 -11.50
N SER F 155 -26.82 16.26 -12.52
CA SER F 155 -25.71 16.56 -13.42
C SER F 155 -26.20 17.35 -14.63
N GLY F 156 -25.54 18.47 -14.92
CA GLY F 156 -25.83 19.25 -16.11
C GLY F 156 -25.05 18.78 -17.31
N ALA F 157 -24.47 17.58 -17.18
CA ALA F 157 -23.61 16.96 -18.21
C ALA F 157 -22.37 17.82 -18.51
N SER F 158 -21.76 17.60 -19.67
CA SER F 158 -20.62 18.41 -20.10
C SER F 158 -21.02 19.32 -21.25
N CYS F 159 -20.08 20.16 -21.68
CA CYS F 159 -20.28 21.06 -22.81
C CYS F 159 -20.50 20.28 -24.10
N THR F 160 -19.71 19.21 -24.28
CA THR F 160 -19.81 18.37 -25.46
C THR F 160 -21.09 17.54 -25.47
N THR F 161 -21.53 17.09 -24.30
CA THR F 161 -22.77 16.33 -24.17
C THR F 161 -23.98 17.17 -24.58
N ASN F 162 -23.97 18.46 -24.23
CA ASN F 162 -25.01 19.39 -24.65
C ASN F 162 -24.93 19.74 -26.14
N SER F 163 -23.74 19.63 -26.71
CA SER F 163 -23.54 19.88 -28.14
C SER F 163 -23.94 18.66 -28.97
N LEU F 164 -23.63 17.47 -28.45
CA LEU F 164 -23.88 16.21 -29.14
C LEU F 164 -25.34 15.77 -29.02
N ALA F 165 -25.93 15.93 -27.83
CA ALA F 165 -27.24 15.37 -27.51
C ALA F 165 -28.38 15.61 -28.51
N PRO F 166 -28.64 16.89 -28.89
CA PRO F 166 -29.76 17.14 -29.80
C PRO F 166 -29.50 16.55 -31.18
N VAL F 167 -28.25 16.64 -31.64
CA VAL F 167 -27.81 16.02 -32.89
C VAL F 167 -28.04 14.51 -32.84
N ALA F 168 -27.64 13.89 -31.72
CA ALA F 168 -27.79 12.45 -31.52
C ALA F 168 -29.25 12.00 -31.52
N LYS F 169 -30.13 12.81 -30.94
CA LYS F 169 -31.55 12.49 -30.88
C LYS F 169 -32.20 12.56 -32.27
N VAL F 170 -31.84 13.58 -33.04
CA VAL F 170 -32.36 13.76 -34.40
C VAL F 170 -31.92 12.62 -35.32
N LEU F 171 -30.66 12.21 -35.20
CA LEU F 171 -30.09 11.13 -36.01
C LEU F 171 -30.75 9.78 -35.74
N ASN F 172 -30.90 9.44 -34.46
CA ASN F 172 -31.50 8.16 -34.07
C ASN F 172 -33.01 8.11 -34.27
N ASP F 173 -33.69 9.25 -34.07
CA ASP F 173 -35.14 9.31 -34.17
C ASP F 173 -35.68 9.22 -35.61
N ASP F 174 -34.93 9.79 -36.55
CA ASP F 174 -35.37 9.85 -37.94
C ASP F 174 -34.76 8.75 -38.82
N PHE F 175 -33.53 8.37 -38.51
CA PHE F 175 -32.76 7.48 -39.38
C PHE F 175 -32.38 6.16 -38.70
N GLY F 176 -32.19 6.19 -37.38
CA GLY F 176 -31.85 5.01 -36.62
C GLY F 176 -30.34 4.85 -36.44
N LEU F 177 -29.86 5.17 -35.26
CA LEU F 177 -28.43 5.07 -34.95
C LEU F 177 -28.00 3.61 -34.78
N VAL F 178 -27.09 3.17 -35.65
CA VAL F 178 -26.51 1.84 -35.52
C VAL F 178 -25.35 1.91 -34.54
N GLU F 179 -24.41 2.81 -34.82
CA GLU F 179 -23.22 3.06 -34.01
C GLU F 179 -22.59 4.34 -34.52
N GLY F 180 -21.64 4.89 -33.77
CA GLY F 180 -20.98 6.12 -34.19
C GLY F 180 -19.76 6.50 -33.39
N LEU F 181 -18.84 7.19 -34.05
CA LEU F 181 -17.64 7.72 -33.40
C LEU F 181 -17.63 9.24 -33.43
N MET F 182 -17.08 9.82 -32.36
CA MET F 182 -17.11 11.26 -32.15
C MET F 182 -15.71 11.82 -31.92
N THR F 183 -15.43 12.96 -32.55
CA THR F 183 -14.23 13.73 -32.25
C THR F 183 -14.63 15.17 -32.00
N THR F 184 -14.39 15.65 -30.79
CA THR F 184 -14.62 17.06 -30.49
C THR F 184 -13.31 17.84 -30.56
N ILE F 185 -13.26 18.78 -31.51
CA ILE F 185 -12.16 19.74 -31.59
C ILE F 185 -12.47 20.83 -30.56
N HIS F 186 -11.84 20.71 -29.41
CA HIS F 186 -12.22 21.46 -28.21
C HIS F 186 -11.17 22.52 -27.87
N ALA F 187 -11.64 23.68 -27.41
CA ALA F 187 -10.77 24.75 -26.96
C ALA F 187 -10.07 24.36 -25.67
N TYR F 188 -8.87 24.87 -25.44
CA TYR F 188 -8.13 24.55 -24.21
C TYR F 188 -8.80 25.14 -22.97
N THR F 189 -8.69 24.41 -21.86
CA THR F 189 -9.37 24.76 -20.62
C THR F 189 -8.41 24.88 -19.44
N GLY F 190 -8.94 25.34 -18.30
CA GLY F 190 -8.14 25.59 -17.09
C GLY F 190 -7.30 24.43 -16.60
N ASP F 191 -7.81 23.21 -16.76
CA ASP F 191 -7.12 21.99 -16.33
C ASP F 191 -5.78 21.77 -17.05
N GLN F 192 -5.65 22.35 -18.25
CA GLN F 192 -4.41 22.26 -19.03
C GLN F 192 -3.32 23.18 -18.51
N ASN F 193 -2.07 22.82 -18.83
CA ASN F 193 -0.90 23.58 -18.42
C ASN F 193 -0.53 24.67 -19.43
N THR F 194 -0.01 25.78 -18.90
CA THR F 194 0.48 26.88 -19.73
C THR F 194 1.75 26.47 -20.47
N GLN F 195 2.57 25.68 -19.78
CA GLN F 195 3.83 25.19 -20.31
C GLN F 195 3.94 23.68 -20.08
N ASP F 196 4.89 23.04 -20.75
CA ASP F 196 5.25 21.65 -20.47
C ASP F 196 5.56 21.52 -18.98
N ALA F 197 4.72 20.77 -18.27
CA ALA F 197 4.86 20.65 -16.81
C ALA F 197 4.19 19.37 -16.28
N PRO F 198 4.69 18.85 -15.14
CA PRO F 198 4.01 17.75 -14.44
C PRO F 198 2.54 18.07 -14.21
N HIS F 199 1.66 17.17 -14.63
CA HIS F 199 0.22 17.39 -14.54
C HIS F 199 -0.40 16.73 -13.32
N ARG F 200 -1.39 17.41 -12.74
CA ARG F 200 -2.09 16.99 -11.53
C ARG F 200 -2.66 15.56 -11.61
N LYS F 201 -3.36 15.26 -12.70
CA LYS F 201 -4.01 13.97 -12.86
C LYS F 201 -3.15 12.93 -13.61
N GLY F 202 -1.84 13.17 -13.62
CA GLY F 202 -0.86 12.23 -14.18
C GLY F 202 -0.98 11.95 -15.66
N ASP F 203 -1.63 12.85 -16.38
CA ASP F 203 -1.89 12.69 -17.82
C ASP F 203 -0.76 13.31 -18.64
N LYS F 204 -0.11 12.47 -19.45
CA LYS F 204 1.06 12.85 -20.24
C LYS F 204 0.76 13.91 -21.30
N ARG F 205 -0.51 14.05 -21.67
CA ARG F 205 -0.91 14.96 -22.75
C ARG F 205 -1.42 16.33 -22.31
N ARG F 206 -2.24 16.38 -21.27
CA ARG F 206 -2.65 17.66 -20.68
C ARG F 206 -1.50 18.31 -19.90
N ALA F 207 -0.40 17.57 -19.76
CA ALA F 207 0.82 18.06 -19.14
C ALA F 207 1.54 19.06 -20.04
N ARG F 208 1.23 19.02 -21.34
CA ARG F 208 1.92 19.82 -22.35
C ARG F 208 1.39 21.24 -22.45
N ALA F 209 2.19 22.12 -23.06
CA ALA F 209 1.82 23.52 -23.27
C ALA F 209 0.52 23.62 -24.07
N ALA F 210 -0.50 24.21 -23.45
CA ALA F 210 -1.87 24.22 -23.97
C ALA F 210 -2.06 24.97 -25.29
N ALA F 211 -1.40 26.13 -25.42
CA ALA F 211 -1.66 27.03 -26.55
C ALA F 211 -0.68 26.90 -27.71
N GLU F 212 0.15 25.85 -27.69
CA GLU F 212 1.14 25.64 -28.75
C GLU F 212 1.10 24.20 -29.29
N ASN F 213 -0.07 23.56 -29.19
CA ASN F 213 -0.20 22.13 -29.49
C ASN F 213 -1.60 21.68 -29.90
N ILE F 214 -1.66 20.67 -30.76
CA ILE F 214 -2.87 19.87 -30.93
C ILE F 214 -2.73 18.69 -29.97
N ILE F 215 -3.48 18.75 -28.87
CA ILE F 215 -3.38 17.75 -27.81
C ILE F 215 -4.58 16.81 -27.85
N PRO F 216 -4.35 15.54 -28.22
CA PRO F 216 -5.43 14.54 -28.17
C PRO F 216 -5.78 14.22 -26.73
N ASN F 217 -7.06 14.23 -26.41
CA ASN F 217 -7.50 13.84 -25.09
C ASN F 217 -8.76 13.00 -25.10
N SER F 218 -9.12 12.48 -23.92
CA SER F 218 -10.28 11.63 -23.75
C SER F 218 -11.48 12.41 -23.22
N THR F 219 -12.67 11.97 -23.61
CA THR F 219 -13.92 12.55 -23.13
C THR F 219 -15.00 11.47 -22.97
N GLY F 220 -15.93 11.70 -22.06
CA GLY F 220 -17.02 10.76 -21.81
C GLY F 220 -18.34 11.18 -22.42
N ALA F 221 -18.31 12.29 -23.17
CA ALA F 221 -19.50 12.87 -23.77
C ALA F 221 -20.35 11.87 -24.56
N ALA F 222 -19.70 11.09 -25.42
CA ALA F 222 -20.39 10.13 -26.28
C ALA F 222 -20.57 8.76 -25.64
N LYS F 223 -19.61 8.38 -24.79
CA LYS F 223 -19.64 7.08 -24.13
C LYS F 223 -20.78 7.00 -23.12
N ALA F 224 -21.01 8.09 -22.40
CA ALA F 224 -22.05 8.16 -21.38
C ALA F 224 -23.30 8.91 -21.84
N ILE F 225 -23.54 8.92 -23.15
CA ILE F 225 -24.72 9.56 -23.73
C ILE F 225 -26.01 8.82 -23.34
N GLY F 226 -25.87 7.55 -22.94
CA GLY F 226 -27.00 6.75 -22.47
C GLY F 226 -27.72 7.35 -21.27
N LYS F 227 -27.00 8.21 -20.54
CA LYS F 227 -27.57 8.93 -19.40
C LYS F 227 -28.50 10.06 -19.85
N VAL F 228 -28.29 10.55 -21.07
CA VAL F 228 -29.14 11.60 -21.64
C VAL F 228 -30.19 11.00 -22.58
N ILE F 229 -29.78 9.99 -23.35
CA ILE F 229 -30.68 9.32 -24.29
C ILE F 229 -30.57 7.80 -24.10
N PRO F 230 -31.44 7.21 -23.24
CA PRO F 230 -31.38 5.79 -22.90
C PRO F 230 -31.45 4.85 -24.11
N GLU F 231 -32.22 5.23 -25.13
CA GLU F 231 -32.41 4.41 -26.33
C GLU F 231 -31.13 4.21 -27.16
N ILE F 232 -30.09 5.00 -26.90
CA ILE F 232 -28.82 4.83 -27.61
C ILE F 232 -27.60 4.56 -26.72
N ASP F 233 -27.85 4.07 -25.51
CA ASP F 233 -26.76 3.69 -24.60
C ASP F 233 -25.85 2.66 -25.25
N GLY F 234 -24.57 3.00 -25.35
CA GLY F 234 -23.54 2.09 -25.86
C GLY F 234 -23.26 2.18 -27.35
N LYS F 235 -23.99 3.05 -28.05
CA LYS F 235 -23.86 3.16 -29.51
C LYS F 235 -22.79 4.16 -29.96
N LEU F 236 -22.37 5.04 -29.05
CA LEU F 236 -21.40 6.08 -29.38
C LEU F 236 -20.11 6.00 -28.58
N ASP F 237 -19.04 6.55 -29.16
CA ASP F 237 -17.74 6.67 -28.48
C ASP F 237 -16.86 7.70 -29.18
N GLY F 238 -15.71 8.02 -28.58
CA GLY F 238 -14.75 8.94 -29.18
C GLY F 238 -13.95 9.76 -28.19
N GLY F 239 -13.16 10.69 -28.72
CA GLY F 239 -12.28 11.53 -27.89
C GLY F 239 -12.27 13.00 -28.26
N ALA F 240 -11.28 13.71 -27.75
CA ALA F 240 -11.14 15.15 -27.95
C ALA F 240 -9.78 15.51 -28.55
N GLN F 241 -9.73 16.65 -29.23
CA GLN F 241 -8.47 17.22 -29.71
C GLN F 241 -8.39 18.68 -29.29
N ARG F 242 -7.75 18.92 -28.15
CA ARG F 242 -7.61 20.26 -27.58
C ARG F 242 -6.67 21.12 -28.41
N VAL F 243 -7.21 22.20 -28.99
CA VAL F 243 -6.47 23.06 -29.90
C VAL F 243 -6.32 24.49 -29.34
N PRO F 244 -5.31 25.25 -29.84
CA PRO F 244 -5.04 26.59 -29.31
C PRO F 244 -6.06 27.70 -29.63
N VAL F 245 -7.32 27.48 -29.27
CA VAL F 245 -8.31 28.55 -29.17
C VAL F 245 -8.78 28.63 -27.72
N ALA F 246 -8.98 29.84 -27.21
CA ALA F 246 -9.30 30.02 -25.80
C ALA F 246 -10.73 29.57 -25.44
N THR F 247 -11.67 29.78 -26.36
CA THR F 247 -13.02 29.23 -26.23
C THR F 247 -13.69 29.01 -27.60
N GLY F 248 -14.68 28.13 -27.62
CA GLY F 248 -15.34 27.74 -28.86
C GLY F 248 -14.85 26.38 -29.32
N SER F 249 -15.78 25.45 -29.50
CA SER F 249 -15.44 24.07 -29.86
C SER F 249 -16.38 23.51 -30.93
N LEU F 250 -15.89 22.49 -31.63
CA LEU F 250 -16.66 21.81 -32.66
C LEU F 250 -16.72 20.32 -32.37
N THR F 251 -17.90 19.73 -32.58
CA THR F 251 -18.11 18.29 -32.36
C THR F 251 -18.42 17.60 -33.67
N GLU F 252 -17.51 16.71 -34.09
CA GLU F 252 -17.71 15.92 -35.30
C GLU F 252 -18.22 14.53 -34.94
N LEU F 253 -19.37 14.17 -35.50
CA LEU F 253 -19.95 12.86 -35.27
C LEU F 253 -20.10 12.07 -36.57
N THR F 254 -19.44 10.91 -36.63
CA THR F 254 -19.50 10.02 -37.79
C THR F 254 -20.33 8.79 -37.42
N VAL F 255 -21.43 8.57 -38.15
CA VAL F 255 -22.38 7.52 -37.80
C VAL F 255 -22.78 6.60 -38.95
N VAL F 256 -23.10 5.36 -38.60
CA VAL F 256 -23.78 4.43 -39.50
C VAL F 256 -25.26 4.44 -39.10
N LEU F 257 -26.14 4.54 -40.10
CA LEU F 257 -27.57 4.63 -39.85
C LEU F 257 -28.33 3.41 -40.38
N GLU F 258 -29.55 3.22 -39.88
CA GLU F 258 -30.41 2.14 -40.34
C GLU F 258 -31.05 2.44 -41.69
N LYS F 259 -31.40 3.70 -41.91
CA LYS F 259 -31.98 4.11 -43.19
C LYS F 259 -30.90 4.17 -44.27
N GLN F 260 -31.14 3.50 -45.38
CA GLN F 260 -30.21 3.52 -46.51
C GLN F 260 -30.64 4.52 -47.59
N ASP F 261 -29.69 4.86 -48.47
CA ASP F 261 -29.82 5.96 -49.45
C ASP F 261 -30.18 7.31 -48.79
N VAL F 262 -29.44 7.65 -47.74
CA VAL F 262 -29.63 8.92 -47.03
C VAL F 262 -28.89 10.04 -47.77
N THR F 263 -29.51 11.22 -47.87
CA THR F 263 -28.87 12.37 -48.50
C THR F 263 -28.49 13.46 -47.49
N VAL F 264 -27.67 14.41 -47.94
CA VAL F 264 -27.24 15.55 -47.13
C VAL F 264 -28.43 16.48 -46.83
N GLU F 265 -29.19 16.80 -47.88
CA GLU F 265 -30.39 17.63 -47.77
C GLU F 265 -31.43 17.00 -46.84
N GLN F 266 -31.45 15.66 -46.79
CA GLN F 266 -32.30 14.91 -45.85
C GLN F 266 -31.87 15.15 -44.41
N VAL F 267 -30.57 15.11 -44.16
CA VAL F 267 -30.00 15.23 -42.82
C VAL F 267 -30.18 16.64 -42.27
N ASN F 268 -29.79 17.64 -43.07
CA ASN F 268 -29.93 19.06 -42.69
C ASN F 268 -31.38 19.46 -42.44
N GLU F 269 -32.27 18.95 -43.28
CA GLU F 269 -33.71 19.20 -43.15
C GLU F 269 -34.22 18.72 -41.79
N ALA F 270 -33.78 17.53 -41.39
CA ALA F 270 -34.15 16.95 -40.10
C ALA F 270 -33.61 17.78 -38.93
N MET F 271 -32.40 18.32 -39.09
CA MET F 271 -31.75 19.12 -38.05
C MET F 271 -32.39 20.49 -37.88
N LYS F 272 -32.80 21.09 -39.00
CA LYS F 272 -33.45 22.40 -38.99
C LYS F 272 -34.78 22.34 -38.22
N ASN F 273 -35.62 21.36 -38.56
CA ASN F 273 -36.91 21.16 -37.89
C ASN F 273 -36.81 20.95 -36.37
N ALA F 274 -35.66 20.45 -35.91
CA ALA F 274 -35.48 20.12 -34.50
C ALA F 274 -34.81 21.21 -33.67
N SER F 275 -34.73 22.42 -34.23
CA SER F 275 -34.04 23.54 -33.59
C SER F 275 -34.96 24.35 -32.66
N ASN F 276 -34.34 25.06 -31.72
CA ASN F 276 -35.04 25.85 -30.70
C ASN F 276 -34.10 26.76 -29.92
N GLU F 277 -34.51 27.12 -28.70
CA GLU F 277 -33.71 27.92 -27.76
C GLU F 277 -32.31 27.30 -27.58
N SER F 278 -32.29 26.00 -27.32
CA SER F 278 -31.06 25.26 -27.05
C SER F 278 -30.30 24.90 -28.34
N PHE F 279 -30.99 24.22 -29.25
CA PHE F 279 -30.39 23.69 -30.46
C PHE F 279 -30.64 24.65 -31.63
N GLY F 280 -29.57 25.13 -32.24
CA GLY F 280 -29.65 26.09 -33.34
C GLY F 280 -29.18 25.53 -34.66
N TYR F 281 -29.52 26.21 -35.76
CA TYR F 281 -29.21 25.73 -37.11
C TYR F 281 -28.63 26.85 -37.97
N THR F 282 -27.48 26.58 -38.58
CA THR F 282 -26.83 27.55 -39.47
C THR F 282 -26.37 26.93 -40.79
N GLU F 283 -26.51 27.70 -41.87
CA GLU F 283 -25.98 27.32 -43.17
C GLU F 283 -24.84 28.27 -43.61
N ASP F 284 -24.44 29.14 -42.69
CA ASP F 284 -23.33 30.06 -42.92
C ASP F 284 -21.98 29.37 -42.66
N GLU F 285 -20.97 29.75 -43.42
CA GLU F 285 -19.62 29.21 -43.28
C GLU F 285 -18.87 29.94 -42.17
N ILE F 286 -19.16 29.56 -40.93
CA ILE F 286 -18.62 30.22 -39.75
C ILE F 286 -17.38 29.51 -39.19
N VAL F 287 -16.67 30.20 -38.30
CA VAL F 287 -15.49 29.63 -37.64
C VAL F 287 -15.62 29.70 -36.12
N SER F 288 -14.64 29.12 -35.40
CA SER F 288 -14.66 29.01 -33.93
C SER F 288 -15.15 30.24 -33.18
N SER F 289 -14.61 31.40 -33.53
CA SER F 289 -14.90 32.65 -32.80
C SER F 289 -16.31 33.18 -33.03
N ASP F 290 -16.94 32.77 -34.13
CA ASP F 290 -18.29 33.20 -34.47
C ASP F 290 -19.34 32.73 -33.46
N VAL F 291 -18.98 31.71 -32.68
CA VAL F 291 -19.89 31.16 -31.67
C VAL F 291 -19.54 31.60 -30.24
N VAL F 292 -18.47 32.39 -30.10
CA VAL F 292 -18.04 32.87 -28.78
C VAL F 292 -19.11 33.76 -28.14
N GLY F 293 -19.68 33.27 -27.04
CA GLY F 293 -20.71 34.00 -26.31
C GLY F 293 -22.13 33.61 -26.67
N MET F 294 -22.28 32.67 -27.61
CA MET F 294 -23.61 32.24 -28.03
C MET F 294 -24.32 31.43 -26.94
N THR F 295 -25.65 31.51 -26.93
CA THR F 295 -26.46 30.91 -25.88
C THR F 295 -27.05 29.55 -26.29
N TYR F 296 -26.85 29.16 -27.55
CA TYR F 296 -27.26 27.84 -28.00
C TYR F 296 -26.44 26.76 -27.32
N GLY F 297 -27.10 25.73 -26.82
CA GLY F 297 -26.41 24.55 -26.31
C GLY F 297 -25.64 23.86 -27.41
N SER F 298 -26.21 23.88 -28.61
CA SER F 298 -25.59 23.32 -29.81
C SER F 298 -26.00 24.11 -31.04
N LEU F 299 -25.02 24.38 -31.91
CA LEU F 299 -25.30 25.03 -33.19
C LEU F 299 -24.91 24.09 -34.33
N PHE F 300 -25.91 23.42 -34.91
CA PHE F 300 -25.66 22.52 -36.02
C PHE F 300 -25.22 23.28 -37.26
N ASP F 301 -24.00 22.98 -37.70
CA ASP F 301 -23.45 23.58 -38.91
C ASP F 301 -23.77 22.70 -40.11
N ALA F 302 -24.65 23.20 -40.97
CA ALA F 302 -25.16 22.44 -42.11
C ALA F 302 -24.19 22.35 -43.29
N THR F 303 -23.21 23.25 -43.33
CA THR F 303 -22.19 23.26 -44.39
C THR F 303 -21.24 22.07 -44.29
N GLN F 304 -21.18 21.47 -43.10
CA GLN F 304 -20.22 20.41 -42.80
C GLN F 304 -20.80 19.00 -42.83
N THR F 305 -22.03 18.87 -43.32
CA THR F 305 -22.67 17.57 -43.47
C THR F 305 -22.07 16.84 -44.67
N ARG F 306 -21.76 15.56 -44.48
CA ARG F 306 -21.11 14.76 -45.53
C ARG F 306 -21.67 13.34 -45.54
N VAL F 307 -22.04 12.86 -46.72
CA VAL F 307 -22.56 11.50 -46.88
C VAL F 307 -21.67 10.70 -47.84
N MET F 308 -21.12 9.60 -47.32
CA MET F 308 -20.30 8.68 -48.11
C MET F 308 -21.08 7.41 -48.42
N SER F 309 -21.27 7.11 -49.70
CA SER F 309 -22.00 5.93 -50.14
C SER F 309 -21.15 5.09 -51.09
N VAL F 310 -20.86 3.86 -50.67
CA VAL F 310 -20.20 2.88 -51.54
C VAL F 310 -21.12 1.67 -51.69
N GLY F 311 -21.75 1.56 -52.85
CA GLY F 311 -22.78 0.55 -53.08
C GLY F 311 -24.00 0.88 -52.23
N ASP F 312 -24.38 -0.06 -51.38
CA ASP F 312 -25.56 0.11 -50.52
C ASP F 312 -25.19 0.34 -49.05
N ARG F 313 -23.93 0.67 -48.79
CA ARG F 313 -23.47 0.96 -47.43
C ARG F 313 -22.99 2.42 -47.30
N GLN F 314 -23.37 3.06 -46.20
CA GLN F 314 -23.13 4.50 -46.01
C GLN F 314 -22.51 4.86 -44.66
N LEU F 315 -21.75 5.95 -44.67
CA LEU F 315 -21.33 6.66 -43.47
C LEU F 315 -21.81 8.10 -43.59
N VAL F 316 -22.52 8.59 -42.57
CA VAL F 316 -22.99 9.97 -42.56
C VAL F 316 -22.25 10.76 -41.48
N LYS F 317 -21.66 11.89 -41.87
CA LYS F 317 -20.94 12.75 -40.94
C LYS F 317 -21.69 14.07 -40.71
N VAL F 318 -21.74 14.48 -39.44
CA VAL F 318 -22.35 15.76 -39.05
C VAL F 318 -21.40 16.56 -38.14
N ALA F 319 -21.68 17.85 -37.99
CA ALA F 319 -20.86 18.72 -37.14
C ALA F 319 -21.68 19.81 -36.44
N ALA F 320 -21.37 20.02 -35.15
CA ALA F 320 -22.06 21.02 -34.34
C ALA F 320 -21.08 21.89 -33.57
N TRP F 321 -21.31 23.20 -33.60
CA TRP F 321 -20.49 24.16 -32.85
C TRP F 321 -21.03 24.35 -31.45
N TYR F 322 -20.13 24.71 -30.52
CA TYR F 322 -20.52 25.12 -29.17
C TYR F 322 -19.45 25.96 -28.49
N ASP F 323 -19.84 27.11 -27.97
CA ASP F 323 -18.99 27.86 -27.05
C ASP F 323 -19.02 27.10 -25.74
N ASN F 324 -18.09 26.16 -25.59
CA ASN F 324 -18.03 25.28 -24.44
C ASN F 324 -18.14 25.99 -23.08
N GLU F 325 -18.04 27.32 -23.12
CA GLU F 325 -18.28 28.17 -21.95
C GLU F 325 -19.73 28.63 -21.87
N MET F 326 -20.10 29.63 -22.68
CA MET F 326 -21.44 30.23 -22.63
C MET F 326 -22.55 29.26 -23.07
N SER F 327 -22.28 28.49 -24.13
CA SER F 327 -23.24 27.48 -24.62
C SER F 327 -23.63 26.53 -23.50
N TYR F 328 -22.62 26.00 -22.81
CA TYR F 328 -22.85 25.13 -21.65
C TYR F 328 -23.53 25.90 -20.51
N THR F 329 -23.06 27.12 -20.28
CA THR F 329 -23.58 27.98 -19.21
C THR F 329 -25.06 28.30 -19.40
N ALA F 330 -25.43 28.75 -20.59
CA ALA F 330 -26.83 29.03 -20.93
C ALA F 330 -27.71 27.80 -20.71
N GLN F 331 -27.18 26.63 -21.08
CA GLN F 331 -27.86 25.36 -20.85
C GLN F 331 -27.98 25.03 -19.37
N LEU F 332 -26.92 25.32 -18.61
CA LEU F 332 -26.85 25.03 -17.18
C LEU F 332 -27.84 25.87 -16.37
N VAL F 333 -28.02 27.12 -16.77
CA VAL F 333 -28.96 28.04 -16.11
C VAL F 333 -30.41 27.68 -16.43
N ARG F 334 -30.64 27.18 -17.64
CA ARG F 334 -31.98 26.74 -18.08
C ARG F 334 -32.46 25.52 -17.30
N THR F 335 -31.56 24.57 -17.08
CA THR F 335 -31.83 23.41 -16.23
C THR F 335 -32.06 23.87 -14.79
N LEU F 336 -31.26 24.83 -14.35
CA LEU F 336 -31.35 25.42 -13.01
C LEU F 336 -32.69 26.11 -12.74
N ALA F 337 -33.14 26.93 -13.71
CA ALA F 337 -34.40 27.64 -13.61
C ALA F 337 -35.58 26.68 -13.57
N TYR F 338 -35.52 25.65 -14.44
CA TYR F 338 -36.55 24.62 -14.52
C TYR F 338 -36.62 23.79 -13.23
N LEU F 339 -35.48 23.26 -12.80
CA LEU F 339 -35.38 22.45 -11.59
C LEU F 339 -35.98 23.16 -10.38
N ALA F 340 -35.71 24.46 -10.28
CA ALA F 340 -36.19 25.30 -9.19
C ALA F 340 -37.71 25.49 -9.21
N GLU F 341 -38.27 25.85 -10.36
CA GLU F 341 -39.71 26.06 -10.51
C GLU F 341 -40.53 24.78 -10.26
N LEU F 342 -39.89 23.64 -10.47
CA LEU F 342 -40.50 22.35 -10.17
C LEU F 342 -40.48 22.06 -8.66
N SER F 343 -40.84 23.07 -7.87
CA SER F 343 -40.88 22.95 -6.40
C SER F 343 -42.16 23.56 -5.83
PA NAD G . -5.48 -3.03 0.89
O1A NAD G . -5.41 -1.71 1.61
O2A NAD G . -4.26 -3.82 0.71
O5B NAD G . -5.90 -2.66 -0.59
C5B NAD G . -6.36 -1.38 -0.80
C4B NAD G . -5.72 -1.07 -2.11
O4B NAD G . -6.60 -0.33 -2.92
C3B NAD G . -4.55 -0.19 -1.83
O3B NAD G . -3.52 -0.52 -2.73
C2B NAD G . -5.09 1.21 -2.05
O2B NAD G . -4.04 2.07 -2.36
C1B NAD G . -6.02 0.94 -3.21
N9A NAD G . -7.07 1.95 -3.33
C8A NAD G . -7.80 2.53 -2.30
N7A NAD G . -8.67 3.41 -2.85
C5A NAD G . -8.52 3.37 -4.21
C6A NAD G . -9.14 4.04 -5.26
N6A NAD G . -10.39 4.45 -5.11
N1A NAD G . -8.75 3.79 -6.55
C2A NAD G . -7.76 2.89 -6.82
N3A NAD G . -7.16 2.24 -5.77
C4A NAD G . -7.53 2.46 -4.50
O3 NAD G . -6.73 -3.95 1.34
PN NAD G . -6.93 -5.50 0.96
O1N NAD G . -6.61 -6.29 2.18
O2N NAD G . -6.35 -5.90 -0.32
O5D NAD G . -8.50 -5.58 0.67
C5D NAD G . -9.21 -4.94 -0.38
C4D NAD G . -10.69 -5.43 -0.38
O4D NAD G . -10.70 -6.84 -0.24
C3D NAD G . -11.56 -5.00 0.82
O3D NAD G . -12.89 -4.91 0.38
C2D NAD G . -11.48 -6.15 1.83
O2D NAD G . -12.52 -6.28 2.77
C1D NAD G . -11.48 -7.31 0.87
N1N NAD G . -10.93 -8.54 1.43
C2N NAD G . -9.79 -8.52 2.23
C3N NAD G . -9.26 -9.71 2.75
C7N NAD G . -7.91 -9.72 3.39
O7N NAD G . -7.52 -10.84 4.15
N7N NAD G . -7.06 -8.71 3.24
C4N NAD G . -9.90 -10.91 2.45
C5N NAD G . -11.03 -10.92 1.61
C6N NAD G . -11.53 -9.74 1.11
P PO4 H . 1.27 6.37 -15.48
O1 PO4 H . -0.21 6.33 -15.16
O2 PO4 H . 1.76 7.81 -15.41
O3 PO4 H . 2.02 5.53 -14.47
O4 PO4 H . 1.50 5.82 -16.86
P PO4 I . 10.34 6.47 -6.35
O1 PO4 I . 10.23 7.78 -5.61
O2 PO4 I . 9.54 6.53 -7.62
O3 PO4 I . 9.82 5.35 -5.48
O4 PO4 I . 11.79 6.20 -6.68
P PO4 J . -2.87 10.52 -10.60
O1 PO4 J . -4.22 11.16 -10.35
O2 PO4 J . -3.00 9.50 -11.71
O3 PO4 J . -2.40 9.84 -9.34
O4 PO4 J . -1.87 11.58 -10.99
PA NAD K . 17.14 -26.03 18.36
O1A NAD K . 16.72 -26.07 19.81
O2A NAD K . 16.12 -25.99 17.32
O5B NAD K . 17.84 -27.44 18.14
C5B NAD K . 18.15 -28.17 19.27
C4B NAD K . 17.80 -29.55 18.79
O4B NAD K . 18.74 -30.47 19.29
C3B NAD K . 16.49 -29.89 19.40
O3B NAD K . 15.76 -30.65 18.48
C2B NAD K . 16.87 -30.67 20.64
O2B NAD K . 15.80 -31.51 21.00
C1B NAD K . 18.08 -31.41 20.13
N9A NAD K . 18.97 -31.86 21.20
C8A NAD K . 19.34 -31.14 22.32
N7A NAD K . 20.19 -31.92 23.04
C5A NAD K . 20.37 -33.10 22.37
C6A NAD K . 21.13 -34.24 22.63
N6A NAD K . 22.24 -34.12 23.35
N1A NAD K . 21.09 -35.28 21.75
C2A NAD K . 20.32 -35.23 20.61
N3A NAD K . 19.59 -34.09 20.36
C4A NAD K . 19.61 -33.06 21.21
O3 NAD K . 18.37 -25.03 18.08
PN NAD K . 18.87 -24.58 16.61
O1N NAD K . 18.39 -23.19 16.40
O2N NAD K . 18.66 -25.57 15.56
O5D NAD K . 20.46 -24.57 16.80
C5D NAD K . 21.30 -25.68 17.05
C4D NAD K . 22.79 -25.23 16.97
O4D NAD K . 22.97 -24.42 15.81
C3D NAD K . 23.28 -24.27 18.08
O3D NAD K . 24.64 -24.51 18.28
C2D NAD K . 23.12 -22.88 17.51
O2D NAD K . 23.92 -21.84 18.07
C1D NAD K . 23.52 -23.14 16.08
N1N NAD K . 23.02 -22.14 15.13
C2N NAD K . 21.75 -21.63 15.24
C3N NAD K . 21.28 -20.67 14.33
C7N NAD K . 19.82 -20.30 14.27
O7N NAD K . 19.42 -19.17 13.55
N7N NAD K . 18.91 -21.04 14.87
C4N NAD K . 22.13 -20.25 13.30
C5N NAD K . 23.41 -20.82 13.18
C6N NAD K . 23.85 -21.75 14.11
PA NAD L . 6.95 -20.46 34.64
O1A NAD L . 7.85 -21.33 33.80
O2A NAD L . 7.16 -19.00 34.66
O5B NAD L . 7.29 -20.90 36.13
C5B NAD L . 8.02 -22.05 36.29
C4B NAD L . 8.90 -21.65 37.42
O4B NAD L . 9.08 -22.73 38.29
C3B NAD L . 10.25 -21.36 36.81
O3B NAD L . 10.81 -20.28 37.53
C2B NAD L . 11.01 -22.65 37.00
O2B NAD L . 12.39 -22.39 37.00
C1B NAD L . 10.47 -23.09 38.33
N9A NAD L . 10.60 -24.53 38.55
C8A NAD L . 10.38 -25.54 37.64
N7A NAD L . 10.61 -26.72 38.26
C5A NAD L . 10.96 -26.47 39.56
C6A NAD L . 11.29 -27.28 40.64
N6A NAD L . 10.79 -28.51 40.69
N1A NAD L . 11.60 -26.72 41.85
C2A NAD L . 11.59 -25.35 42.00
N3A NAD L . 11.26 -24.57 40.93
C4A NAD L . 10.94 -25.10 39.75
O3 NAD L . 5.39 -20.86 34.54
PN NAD L . 4.17 -19.98 35.12
O1N NAD L . 3.53 -19.34 33.95
O2N NAD L . 4.49 -19.16 36.28
O5D NAD L . 3.20 -21.09 35.71
C5D NAD L . 3.46 -21.95 36.81
C4D NAD L . 2.17 -22.76 37.15
O4D NAD L . 1.06 -21.86 37.16
C3D NAD L . 1.71 -23.79 36.11
O3D NAD L . 1.04 -24.82 36.78
C2D NAD L . 0.69 -23.07 35.23
O2D NAD L . -0.25 -23.87 34.52
C1D NAD L . 0.00 -22.25 36.29
N1N NAD L . -0.70 -21.08 35.76
C2N NAD L . -0.15 -20.31 34.76
C3N NAD L . -0.83 -19.18 34.26
C7N NAD L . -0.13 -18.19 33.37
O7N NAD L . -0.88 -17.24 32.67
N7N NAD L . 1.20 -18.19 33.25
C4N NAD L . -2.07 -18.86 34.79
C5N NAD L . -2.60 -19.62 35.84
C6N NAD L . -1.91 -20.74 36.31
P PO4 M . 21.54 -26.60 44.01
O1 PO4 M . 20.85 -25.50 43.23
O2 PO4 M . 22.04 -26.06 45.33
O3 PO4 M . 20.58 -27.74 44.27
O4 PO4 M . 22.71 -27.11 43.21
C1 DGY N . -30.11 -15.82 42.83
O1 DGY N . -30.11 -16.29 41.66
O2 DGY N . -30.31 -16.48 43.88
C2 DGY N . -29.83 -14.33 42.99
O3 DGY N . -30.47 -13.60 41.93
C3 DGY N . -28.33 -14.07 42.95
O4 DGY N . -27.72 -14.57 44.14
PA NAD O . -0.29 10.00 15.49
O1A NAD O . -0.85 9.58 14.15
O2A NAD O . -0.70 9.28 16.70
O5B NAD O . -0.90 11.46 15.72
C5B NAD O . -1.48 12.06 14.62
C4B NAD O . -2.66 12.71 15.27
O4B NAD O . -2.87 13.98 14.71
C3B NAD O . -3.84 11.87 14.94
O3B NAD O . -4.70 11.87 16.05
C2B NAD O . -4.44 12.56 13.73
O2B NAD O . -5.80 12.25 13.65
C1B NAD O . -4.17 14.00 14.10
N9A NAD O . -4.14 14.88 12.93
C8A NAD O . -3.58 14.62 11.69
N7A NAD O . -3.79 15.70 10.90
C5A NAD O . -4.45 16.65 11.63
C6A NAD O . -4.91 17.93 11.35
N6A NAD O . -4.28 18.65 10.44
N1A NAD O . -5.58 18.65 12.32
C2A NAD O . -5.79 18.12 13.57
N3A NAD O . -5.33 16.86 13.83
C4A NAD O . -4.68 16.13 12.90
O3 NAD O . 1.29 10.32 15.47
PN NAD O . 2.21 10.54 16.77
O1N NAD O . 3.01 9.30 16.93
O2N NAD O . 1.52 11.10 17.92
O5D NAD O . 3.16 11.74 16.30
C5D NAD O . 2.78 13.08 16.00
C4D NAD O . 4.05 13.93 15.78
O4D NAD O . 4.99 13.65 16.80
C3D NAD O . 4.88 13.61 14.52
O3D NAD O . 5.51 14.78 14.10
C2D NAD O . 5.97 12.64 14.98
O2D NAD O . 7.15 12.55 14.19
C1D NAD O . 6.27 13.23 16.32
N1N NAD O . 6.91 12.28 17.25
C2N NAD O . 6.49 10.98 17.33
C3N NAD O . 7.11 10.09 18.22
C7N NAD O . 6.51 8.74 18.50
O7N NAD O . 7.25 7.77 19.17
N7N NAD O . 5.25 8.46 18.14
C4N NAD O . 8.13 10.55 19.03
C5N NAD O . 8.52 11.91 18.97
C6N NAD O . 7.90 12.77 18.07
PA NAD P . 4.22 29.78 -49.76
O1A NAD P . 3.40 31.04 -49.95
O2A NAD P . 5.25 29.74 -48.71
O5B NAD P . 5.06 29.66 -51.10
C5B NAD P . 4.67 30.46 -52.15
C4B NAD P . 6.01 30.86 -52.69
O4B NAD P . 5.97 30.90 -54.10
C3B NAD P . 6.27 32.26 -52.23
O3B NAD P . 7.63 32.39 -51.95
C2B NAD P . 5.81 33.10 -53.40
O2B NAD P . 6.48 34.34 -53.35
C1B NAD P . 6.25 32.22 -54.55
N9A NAD P . 5.51 32.50 -55.77
C8A NAD P . 4.16 32.75 -55.90
N7A NAD P . 3.89 32.94 -57.23
C5A NAD P . 5.06 32.79 -57.92
C6A NAD P . 5.39 32.87 -59.27
N6A NAD P . 4.45 32.57 -60.17
N1A NAD P . 6.68 32.67 -59.67
C2A NAD P . 7.67 32.40 -58.76
N3A NAD P . 7.34 32.33 -57.44
C4A NAD P . 6.08 32.51 -57.01
O3 NAD P . 3.35 28.42 -49.82
PN NAD P . 3.88 26.96 -49.40
O1N NAD P . 3.28 26.65 -48.08
O2N NAD P . 5.32 26.75 -49.59
O5D NAD P . 3.22 26.03 -50.51
C5D NAD P . 3.50 26.03 -51.90
C4D NAD P . 2.77 24.84 -52.59
O4D NAD P . 2.96 23.67 -51.81
C3D NAD P . 1.23 24.92 -52.62
O3D NAD P . 0.79 24.23 -53.76
C2D NAD P . 0.74 24.15 -51.40
O2D NAD P . -0.58 23.63 -51.43
C1D NAD P . 1.75 23.04 -51.39
N1N NAD P . 1.91 22.38 -50.09
C2N NAD P . 1.92 23.11 -48.93
C3N NAD P . 2.08 22.48 -47.68
C7N NAD P . 2.35 23.27 -46.44
O7N NAD P . 2.23 22.66 -45.18
N7N NAD P . 2.73 24.54 -46.50
C4N NAD P . 2.22 21.10 -47.65
C5N NAD P . 2.23 20.36 -48.86
C6N NAD P . 2.07 21.01 -50.07
P PO4 Q . 11.72 40.56 -61.63
O1 PO4 Q . 10.47 40.34 -62.45
O2 PO4 Q . 12.35 41.87 -62.02
O3 PO4 Q . 11.35 40.59 -60.17
O4 PO4 Q . 12.69 39.43 -61.89
PA NAD R . -11.96 26.71 -13.27
O1A NAD R . -10.60 26.34 -12.74
O2A NAD R . -12.15 28.04 -13.86
O5B NAD R . -12.88 26.76 -11.98
C5B NAD R . -12.37 26.19 -10.82
C4B NAD R . -12.86 27.17 -9.81
O4B NAD R . -13.25 26.50 -8.64
C3B NAD R . -11.69 28.03 -9.44
O3B NAD R . -12.16 29.33 -9.22
C2B NAD R . -11.14 27.38 -8.19
O2B NAD R . -10.44 28.33 -7.45
C1B NAD R . -12.44 26.94 -7.54
N9A NAD R . -12.25 25.84 -6.60
C8A NAD R . -11.43 24.73 -6.75
N7A NAD R . -11.55 23.97 -5.64
C5A NAD R . -12.46 24.56 -4.80
C6A NAD R . -12.97 24.22 -3.56
N6A NAD R . -13.05 22.94 -3.22
N1A NAD R . -13.89 25.06 -2.96
C2A NAD R . -14.30 26.22 -3.57
N3A NAD R . -13.79 26.53 -4.80
C4A NAD R . -12.89 25.73 -5.41
O3 NAD R . -12.67 25.54 -14.12
PN NAD R . -13.99 25.72 -15.02
O1N NAD R . -13.53 25.75 -16.43
O2N NAD R . -14.91 26.76 -14.56
O5D NAD R . -14.78 24.37 -14.73
C5D NAD R . -15.34 23.96 -13.49
C4D NAD R . -16.18 22.67 -13.72
O4D NAD R . -16.99 22.82 -14.88
C3D NAD R . -15.40 21.40 -14.08
O3D NAD R . -16.10 20.28 -13.60
C2D NAD R . -15.40 21.32 -15.61
O2D NAD R . -15.20 20.05 -16.21
C1D NAD R . -16.80 21.82 -15.86
N1N NAD R . -17.00 22.34 -17.22
C2N NAD R . -16.04 23.12 -17.83
C3N NAD R . -16.24 23.62 -19.12
C7N NAD R . -15.34 24.68 -19.70
O7N NAD R . -15.38 24.97 -21.06
N7N NAD R . -14.51 25.35 -18.91
C4N NAD R . -17.44 23.33 -19.77
C5N NAD R . -18.42 22.56 -19.13
C6N NAD R . -18.19 22.07 -17.85
P PO4 S . -36.85 30.57 -0.01
O1 PO4 S . -37.72 30.89 1.16
O2 PO4 S . -36.17 31.83 -0.50
O3 PO4 S . -37.69 30.00 -1.13
O4 PO4 S . -35.80 29.57 0.38
C1 DGY T . -38.16 6.18 -37.76
O1 DGY T . -38.15 6.92 -38.76
O2 DGY T . -38.77 6.39 -36.70
C2 DGY T . -37.32 4.90 -37.84
O3 DGY T . -37.39 4.19 -36.60
C3 DGY T . -35.87 5.25 -38.15
O4 DGY T . -35.16 4.07 -38.51
#